data_1JE3
#
_entry.id   1JE3
#
_cell.length_a   ?
_cell.length_b   ?
_cell.length_c   ?
_cell.angle_alpha   ?
_cell.angle_beta   ?
_cell.angle_gamma   ?
#
_entity_poly.entity_id   1
_entity_poly.type   'polypeptide(L)'
_entity_poly.pdbx_seq_one_letter_code
;MGSSHHHHHHSSGLVPRGSHMKNIVPDYRLDMVGEPCPYPAVATLEAMPQLKKGEILEVVSDCPQSINNIPLDARNHGYT
VLDIQQDGPTIRYLIQK
;
_entity_poly.pdbx_strand_id   A
#
# COMPACT_ATOMS: atom_id res chain seq x y z
N MET A 1 -44.42 22.02 -26.70
CA MET A 1 -43.32 21.36 -25.94
C MET A 1 -43.44 21.61 -24.45
N GLY A 2 -43.15 20.59 -23.65
CA GLY A 2 -43.22 20.71 -22.21
C GLY A 2 -42.14 21.61 -21.64
N SER A 3 -42.47 22.35 -20.59
CA SER A 3 -41.52 23.24 -19.96
C SER A 3 -41.20 22.78 -18.54
N SER A 4 -42.24 22.60 -17.74
CA SER A 4 -42.07 22.15 -16.36
C SER A 4 -42.91 20.92 -16.07
N HIS A 5 -43.48 20.34 -17.12
CA HIS A 5 -44.30 19.15 -17.00
C HIS A 5 -43.47 17.88 -17.22
N HIS A 6 -42.29 17.83 -16.60
CA HIS A 6 -41.41 16.69 -16.73
C HIS A 6 -40.85 16.28 -15.37
N HIS A 7 -41.16 15.04 -14.97
CA HIS A 7 -40.68 14.53 -13.68
C HIS A 7 -39.40 13.72 -13.85
N HIS A 8 -38.30 14.25 -13.33
CA HIS A 8 -37.01 13.58 -13.42
C HIS A 8 -36.91 12.45 -12.41
N HIS A 9 -36.29 11.35 -12.82
CA HIS A 9 -36.12 10.19 -11.95
C HIS A 9 -34.68 10.07 -11.47
N HIS A 10 -33.75 10.60 -12.25
CA HIS A 10 -32.34 10.55 -11.91
C HIS A 10 -31.75 11.96 -11.81
N SER A 11 -30.61 12.07 -11.14
CA SER A 11 -29.95 13.36 -10.97
C SER A 11 -28.73 13.47 -11.89
N SER A 12 -28.50 14.67 -12.40
CA SER A 12 -27.37 14.92 -13.30
C SER A 12 -26.19 15.49 -12.53
N GLY A 13 -25.19 14.64 -12.28
CA GLY A 13 -24.02 15.08 -11.56
C GLY A 13 -22.80 15.26 -12.46
N LEU A 14 -22.84 16.30 -13.29
CA LEU A 14 -21.75 16.59 -14.21
C LEU A 14 -20.75 17.56 -13.56
N VAL A 15 -19.52 17.08 -13.36
CA VAL A 15 -18.49 17.91 -12.75
C VAL A 15 -17.23 17.96 -13.63
N PRO A 16 -17.17 18.93 -14.56
CA PRO A 16 -16.03 19.07 -15.47
C PRO A 16 -14.77 19.52 -14.74
N ARG A 17 -13.86 18.57 -14.50
CA ARG A 17 -12.61 18.86 -13.80
C ARG A 17 -11.42 18.34 -14.59
N GLY A 18 -10.23 18.76 -14.19
CA GLY A 18 -9.02 18.32 -14.86
C GLY A 18 -8.45 17.06 -14.25
N SER A 19 -8.95 16.68 -13.09
CA SER A 19 -8.49 15.49 -12.40
C SER A 19 -9.64 14.49 -12.21
N HIS A 20 -9.29 13.25 -11.90
CA HIS A 20 -10.29 12.20 -11.70
C HIS A 20 -11.19 12.53 -10.52
N MET A 21 -12.36 11.91 -10.48
CA MET A 21 -13.31 12.14 -9.40
C MET A 21 -12.73 11.71 -8.05
N LYS A 22 -12.12 10.54 -8.02
CA LYS A 22 -11.51 10.02 -6.80
C LYS A 22 -10.09 9.53 -7.07
N ASN A 23 -9.47 8.93 -6.05
CA ASN A 23 -8.11 8.42 -6.18
C ASN A 23 -8.05 6.95 -5.78
N ILE A 24 -7.82 6.08 -6.77
CA ILE A 24 -7.73 4.65 -6.53
C ILE A 24 -6.30 4.16 -6.73
N VAL A 25 -5.34 5.06 -6.55
CA VAL A 25 -3.92 4.73 -6.71
C VAL A 25 -3.32 4.18 -5.41
N PRO A 26 -3.50 4.89 -4.28
CA PRO A 26 -2.95 4.44 -2.99
C PRO A 26 -3.43 3.05 -2.60
N ASP A 27 -2.62 2.04 -2.93
CA ASP A 27 -2.96 0.65 -2.65
C ASP A 27 -3.12 0.42 -1.14
N TYR A 28 -2.01 0.34 -0.42
CA TYR A 28 -2.06 0.07 1.02
C TYR A 28 -1.15 0.99 1.81
N ARG A 29 -1.38 1.03 3.13
CA ARG A 29 -0.59 1.86 4.02
C ARG A 29 -0.17 1.07 5.27
N LEU A 30 1.13 0.84 5.42
CA LEU A 30 1.67 0.11 6.56
C LEU A 30 2.43 1.05 7.49
N ASP A 31 1.70 1.83 8.29
CA ASP A 31 2.32 2.80 9.18
C ASP A 31 2.31 2.32 10.63
N MET A 32 3.09 1.27 10.91
CA MET A 32 3.20 0.74 12.26
C MET A 32 4.65 0.40 12.62
N VAL A 33 4.97 -0.88 12.68
CA VAL A 33 6.33 -1.33 13.01
C VAL A 33 6.77 -2.45 12.06
N GLY A 34 8.03 -2.40 11.65
CA GLY A 34 8.57 -3.41 10.75
C GLY A 34 8.64 -4.77 11.40
N GLU A 35 7.56 -5.54 11.30
CA GLU A 35 7.50 -6.87 11.89
C GLU A 35 8.10 -7.91 10.94
N PRO A 36 8.97 -8.80 11.44
CA PRO A 36 9.60 -9.84 10.63
C PRO A 36 8.61 -10.91 10.20
N CYS A 37 7.56 -11.10 10.99
CA CYS A 37 6.54 -12.09 10.69
C CYS A 37 5.64 -11.62 9.56
N PRO A 38 5.34 -12.50 8.59
CA PRO A 38 4.48 -12.16 7.44
C PRO A 38 3.07 -11.77 7.88
N TYR A 39 2.87 -10.48 8.15
CA TYR A 39 1.56 -9.98 8.57
C TYR A 39 1.24 -8.63 7.93
N PRO A 40 2.13 -7.62 8.07
CA PRO A 40 1.90 -6.29 7.49
C PRO A 40 1.99 -6.28 5.97
N ALA A 41 3.21 -6.40 5.44
CA ALA A 41 3.45 -6.38 4.00
C ALA A 41 2.64 -7.43 3.24
N VAL A 42 1.88 -8.26 3.96
CA VAL A 42 1.07 -9.28 3.31
C VAL A 42 0.20 -8.65 2.23
N ALA A 43 -0.14 -7.38 2.40
CA ALA A 43 -0.93 -6.64 1.43
C ALA A 43 -0.10 -6.32 0.19
N THR A 44 1.18 -6.03 0.41
CA THR A 44 2.09 -5.68 -0.67
C THR A 44 2.15 -6.81 -1.71
N LEU A 45 2.44 -8.01 -1.24
CA LEU A 45 2.54 -9.18 -2.12
C LEU A 45 1.21 -9.45 -2.82
N GLU A 46 0.14 -9.46 -2.05
CA GLU A 46 -1.20 -9.70 -2.61
C GLU A 46 -1.59 -8.59 -3.58
N ALA A 47 -0.93 -7.45 -3.45
CA ALA A 47 -1.20 -6.32 -4.33
C ALA A 47 -0.65 -6.55 -5.73
N MET A 48 0.43 -7.33 -5.81
CA MET A 48 1.07 -7.62 -7.09
C MET A 48 0.06 -8.13 -8.13
N PRO A 49 -0.71 -9.20 -7.81
CA PRO A 49 -1.70 -9.74 -8.74
C PRO A 49 -2.90 -8.80 -8.88
N GLN A 50 -3.31 -8.21 -7.77
CA GLN A 50 -4.43 -7.28 -7.75
C GLN A 50 -4.04 -5.94 -8.37
N LEU A 51 -2.84 -5.88 -8.96
CA LEU A 51 -2.35 -4.66 -9.58
C LEU A 51 -3.40 -4.01 -10.47
N LYS A 52 -3.31 -2.69 -10.62
CA LYS A 52 -4.26 -1.94 -11.44
C LYS A 52 -3.53 -0.94 -12.32
N LYS A 53 -4.28 0.00 -12.89
CA LYS A 53 -3.70 1.03 -13.74
C LYS A 53 -3.22 2.21 -12.90
N GLY A 54 -2.52 1.89 -11.82
CA GLY A 54 -2.02 2.92 -10.92
C GLY A 54 -2.03 2.47 -9.48
N GLU A 55 -0.85 2.12 -8.96
CA GLU A 55 -0.72 1.65 -7.60
C GLU A 55 0.24 2.52 -6.79
N ILE A 56 0.10 2.48 -5.48
CA ILE A 56 0.94 3.25 -4.58
C ILE A 56 0.91 2.65 -3.17
N LEU A 57 1.96 2.88 -2.40
CA LEU A 57 2.04 2.39 -1.04
C LEU A 57 2.66 3.42 -0.13
N GLU A 58 2.31 3.33 1.14
CA GLU A 58 2.90 4.20 2.12
C GLU A 58 3.14 3.45 3.41
N VAL A 59 4.42 3.24 3.73
CA VAL A 59 4.79 2.48 4.93
C VAL A 59 5.59 3.34 5.91
N VAL A 60 5.07 3.43 7.13
CA VAL A 60 5.74 4.17 8.19
C VAL A 60 5.92 3.26 9.42
N SER A 61 7.05 2.58 9.47
CA SER A 61 7.32 1.66 10.56
C SER A 61 8.65 1.96 11.23
N ASP A 62 8.83 1.41 12.43
CA ASP A 62 10.07 1.62 13.18
C ASP A 62 10.76 0.29 13.42
N CYS A 63 12.07 0.25 13.16
CA CYS A 63 12.85 -0.96 13.34
C CYS A 63 14.28 -0.63 13.76
N PRO A 64 14.87 -1.45 14.66
CA PRO A 64 16.25 -1.23 15.12
C PRO A 64 17.28 -1.54 14.05
N GLN A 65 16.89 -2.40 13.10
CA GLN A 65 17.79 -2.77 12.02
C GLN A 65 17.73 -1.74 10.89
N SER A 66 18.22 -2.13 9.71
CA SER A 66 18.23 -1.24 8.56
C SER A 66 17.40 -1.82 7.41
N ILE A 67 17.27 -3.14 7.40
CA ILE A 67 16.52 -3.83 6.36
C ILE A 67 15.06 -3.40 6.36
N ASN A 68 14.50 -3.20 5.16
CA ASN A 68 13.11 -2.79 5.02
C ASN A 68 12.20 -4.00 4.96
N ASN A 69 11.18 -4.02 5.81
CA ASN A 69 10.24 -5.13 5.88
C ASN A 69 9.30 -5.16 4.66
N ILE A 70 8.33 -4.25 4.65
CA ILE A 70 7.33 -4.20 3.59
C ILE A 70 7.97 -4.20 2.19
N PRO A 71 8.94 -3.29 1.92
CA PRO A 71 9.60 -3.21 0.61
C PRO A 71 10.23 -4.53 0.19
N LEU A 72 10.72 -5.30 1.16
CA LEU A 72 11.35 -6.57 0.88
C LEU A 72 10.35 -7.53 0.22
N ASP A 73 9.10 -7.46 0.64
CA ASP A 73 8.05 -8.31 0.08
C ASP A 73 7.83 -8.02 -1.39
N ALA A 74 7.52 -6.77 -1.71
CA ALA A 74 7.28 -6.35 -3.09
C ALA A 74 8.50 -6.58 -3.95
N ARG A 75 9.68 -6.39 -3.37
CA ARG A 75 10.94 -6.58 -4.08
C ARG A 75 11.12 -8.03 -4.50
N ASN A 76 10.66 -8.94 -3.65
CA ASN A 76 10.76 -10.37 -3.92
C ASN A 76 10.03 -10.73 -5.22
N HIS A 77 8.72 -10.55 -5.22
CA HIS A 77 7.90 -10.82 -6.40
C HIS A 77 8.28 -9.89 -7.55
N GLY A 78 8.77 -8.71 -7.19
CA GLY A 78 9.17 -7.74 -8.19
C GLY A 78 8.02 -6.87 -8.67
N TYR A 79 7.86 -5.70 -8.05
CA TYR A 79 6.81 -4.77 -8.44
C TYR A 79 7.33 -3.78 -9.47
N THR A 80 6.71 -2.61 -9.54
CA THR A 80 7.11 -1.59 -10.50
C THR A 80 8.17 -0.66 -9.89
N VAL A 81 7.77 0.09 -8.87
CA VAL A 81 8.68 1.02 -8.21
C VAL A 81 8.76 0.76 -6.71
N LEU A 82 9.96 0.50 -6.23
CA LEU A 82 10.20 0.23 -4.81
C LEU A 82 11.28 1.15 -4.25
N ASP A 83 10.86 2.17 -3.49
CA ASP A 83 11.79 3.12 -2.90
C ASP A 83 11.58 3.25 -1.40
N ILE A 84 12.61 3.70 -0.70
CA ILE A 84 12.53 3.88 0.76
C ILE A 84 13.23 5.16 1.21
N GLN A 85 12.97 5.56 2.45
CA GLN A 85 13.58 6.74 3.03
C GLN A 85 13.64 6.63 4.55
N GLN A 86 14.55 7.36 5.17
CA GLN A 86 14.69 7.34 6.63
C GLN A 86 14.77 8.75 7.20
N ASP A 87 14.45 8.88 8.48
CA ASP A 87 14.48 10.18 9.15
C ASP A 87 15.39 10.14 10.37
N GLY A 88 14.87 9.60 11.47
CA GLY A 88 15.65 9.50 12.68
C GLY A 88 15.43 8.18 13.40
N PRO A 89 14.59 8.16 14.46
CA PRO A 89 14.29 6.95 15.22
C PRO A 89 13.27 6.06 14.52
N THR A 90 12.97 6.39 13.26
CA THR A 90 12.00 5.63 12.48
C THR A 90 12.40 5.58 11.01
N ILE A 91 11.61 4.88 10.21
CA ILE A 91 11.87 4.75 8.78
C ILE A 91 10.57 4.64 8.00
N ARG A 92 10.56 5.21 6.80
CA ARG A 92 9.36 5.20 5.96
C ARG A 92 9.71 4.87 4.51
N TYR A 93 8.97 3.91 3.95
CA TYR A 93 9.19 3.49 2.56
C TYR A 93 7.89 3.63 1.76
N LEU A 94 8.01 3.62 0.44
CA LEU A 94 6.84 3.77 -0.43
C LEU A 94 7.08 3.14 -1.79
N ILE A 95 5.99 2.69 -2.42
CA ILE A 95 6.06 2.09 -3.75
C ILE A 95 4.95 2.66 -4.64
N GLN A 96 5.09 2.48 -5.95
CA GLN A 96 4.10 2.98 -6.89
C GLN A 96 4.10 2.17 -8.18
N LYS A 97 3.19 2.50 -9.10
CA LYS A 97 3.08 1.80 -10.36
C LYS A 97 3.23 2.77 -11.54
N MET A 1 -29.74 -14.66 -21.43
CA MET A 1 -29.62 -15.73 -20.42
C MET A 1 -30.50 -15.44 -19.20
N GLY A 2 -30.55 -16.39 -18.28
CA GLY A 2 -31.35 -16.23 -17.08
C GLY A 2 -30.53 -15.73 -15.91
N SER A 3 -30.62 -14.42 -15.65
CA SER A 3 -29.88 -13.81 -14.55
C SER A 3 -30.83 -13.31 -13.47
N SER A 4 -30.75 -13.91 -12.28
CA SER A 4 -31.61 -13.52 -11.17
C SER A 4 -30.78 -13.35 -9.89
N HIS A 5 -30.94 -12.21 -9.23
CA HIS A 5 -30.22 -11.93 -8.00
C HIS A 5 -31.08 -12.27 -6.79
N HIS A 6 -30.54 -12.01 -5.59
CA HIS A 6 -31.26 -12.29 -4.35
C HIS A 6 -31.55 -11.01 -3.58
N HIS A 7 -31.97 -11.15 -2.34
CA HIS A 7 -32.29 -10.01 -1.51
C HIS A 7 -31.20 -9.76 -0.46
N HIS A 8 -30.23 -8.93 -0.80
CA HIS A 8 -29.13 -8.61 0.11
C HIS A 8 -28.78 -7.13 0.02
N HIS A 9 -28.24 -6.71 -1.12
CA HIS A 9 -27.88 -5.32 -1.33
C HIS A 9 -28.95 -4.59 -2.12
N HIS A 10 -28.88 -3.26 -2.11
CA HIS A 10 -29.85 -2.44 -2.84
C HIS A 10 -29.20 -1.69 -3.99
N SER A 11 -29.55 -2.09 -5.21
CA SER A 11 -29.00 -1.45 -6.40
C SER A 11 -30.09 -0.73 -7.18
N SER A 12 -30.13 0.60 -7.03
CA SER A 12 -31.14 1.41 -7.71
C SER A 12 -30.81 1.55 -9.19
N GLY A 13 -29.68 2.19 -9.49
CA GLY A 13 -29.28 2.39 -10.87
C GLY A 13 -27.82 2.04 -11.10
N LEU A 14 -27.06 2.99 -11.64
CA LEU A 14 -25.65 2.77 -11.93
C LEU A 14 -24.77 3.70 -11.08
N VAL A 15 -25.31 4.13 -9.94
CA VAL A 15 -24.59 5.02 -9.04
C VAL A 15 -24.53 4.46 -7.62
N PRO A 16 -23.74 3.40 -7.39
CA PRO A 16 -23.60 2.78 -6.08
C PRO A 16 -22.69 3.57 -5.15
N ARG A 17 -22.86 3.38 -3.85
CA ARG A 17 -22.05 4.07 -2.86
C ARG A 17 -21.59 3.11 -1.76
N GLY A 18 -20.42 3.40 -1.19
CA GLY A 18 -19.89 2.56 -0.14
C GLY A 18 -19.24 3.35 0.97
N SER A 19 -17.93 3.19 1.13
CA SER A 19 -17.19 3.90 2.17
C SER A 19 -16.92 5.35 1.75
N HIS A 20 -16.20 6.08 2.59
CA HIS A 20 -15.88 7.47 2.31
C HIS A 20 -14.44 7.61 1.82
N MET A 21 -13.73 6.49 1.78
CA MET A 21 -12.34 6.49 1.32
C MET A 21 -12.22 5.86 -0.05
N LYS A 22 -12.15 6.71 -1.08
CA LYS A 22 -12.04 6.24 -2.46
C LYS A 22 -10.61 6.42 -2.98
N ASN A 23 -9.76 5.43 -2.72
CA ASN A 23 -8.38 5.47 -3.18
C ASN A 23 -8.21 4.77 -4.51
N ILE A 24 -8.06 5.56 -5.58
CA ILE A 24 -7.90 5.01 -6.92
C ILE A 24 -6.45 4.58 -7.15
N VAL A 25 -5.51 5.36 -6.63
CA VAL A 25 -4.09 5.06 -6.79
C VAL A 25 -3.49 4.43 -5.53
N PRO A 26 -3.69 5.04 -4.35
CA PRO A 26 -3.14 4.52 -3.09
C PRO A 26 -3.53 3.06 -2.85
N ASP A 27 -2.60 2.15 -3.15
CA ASP A 27 -2.82 0.73 -2.97
C ASP A 27 -3.02 0.39 -1.50
N TYR A 28 -1.90 0.25 -0.76
CA TYR A 28 -1.98 -0.08 0.65
C TYR A 28 -1.04 0.78 1.48
N ARG A 29 -1.23 0.74 2.80
CA ARG A 29 -0.40 1.52 3.72
C ARG A 29 0.03 0.67 4.91
N LEU A 30 1.29 0.81 5.32
CA LEU A 30 1.83 0.07 6.46
C LEU A 30 2.56 1.01 7.42
N ASP A 31 1.80 1.74 8.22
CA ASP A 31 2.39 2.69 9.16
C ASP A 31 2.37 2.15 10.59
N MET A 32 3.20 1.13 10.84
CA MET A 32 3.27 0.53 12.16
C MET A 32 4.72 0.25 12.56
N VAL A 33 5.07 -1.03 12.65
CA VAL A 33 6.43 -1.45 13.00
C VAL A 33 6.90 -2.58 12.10
N GLY A 34 8.06 -2.39 11.49
CA GLY A 34 8.61 -3.42 10.61
C GLY A 34 9.04 -4.65 11.37
N GLU A 35 8.21 -5.68 11.35
CA GLU A 35 8.50 -6.93 12.06
C GLU A 35 9.06 -7.98 11.10
N PRO A 36 9.86 -8.93 11.61
CA PRO A 36 10.46 -9.99 10.80
C PRO A 36 9.41 -10.79 10.02
N CYS A 37 8.17 -10.74 10.49
CA CYS A 37 7.08 -11.45 9.84
C CYS A 37 6.64 -10.73 8.56
N PRO A 38 6.21 -11.48 7.53
CA PRO A 38 5.77 -10.89 6.26
C PRO A 38 4.58 -9.95 6.43
N TYR A 39 3.97 -9.99 7.60
CA TYR A 39 2.82 -9.13 7.89
C TYR A 39 3.26 -7.84 8.58
N PRO A 40 2.47 -6.76 8.46
CA PRO A 40 1.20 -6.75 7.70
C PRO A 40 1.41 -6.53 6.21
N ALA A 41 2.67 -6.53 5.78
CA ALA A 41 3.02 -6.35 4.37
C ALA A 41 2.37 -7.41 3.48
N VAL A 42 1.61 -8.31 4.08
CA VAL A 42 0.91 -9.33 3.33
C VAL A 42 0.09 -8.70 2.22
N ALA A 43 -0.27 -7.44 2.43
CA ALA A 43 -1.03 -6.68 1.45
C ALA A 43 -0.17 -6.31 0.25
N THR A 44 1.10 -6.00 0.54
CA THR A 44 2.05 -5.63 -0.50
C THR A 44 2.10 -6.69 -1.61
N LEU A 45 2.36 -7.93 -1.20
CA LEU A 45 2.45 -9.03 -2.15
C LEU A 45 1.11 -9.26 -2.87
N GLU A 46 0.04 -9.38 -2.08
CA GLU A 46 -1.29 -9.62 -2.66
C GLU A 46 -1.69 -8.50 -3.59
N ALA A 47 -1.07 -7.33 -3.43
CA ALA A 47 -1.37 -6.19 -4.28
C ALA A 47 -0.80 -6.37 -5.69
N MET A 48 0.34 -7.05 -5.78
CA MET A 48 1.00 -7.29 -7.06
C MET A 48 0.02 -7.85 -8.10
N PRO A 49 -0.67 -8.97 -7.81
CA PRO A 49 -1.64 -9.55 -8.74
C PRO A 49 -2.87 -8.66 -8.92
N GLN A 50 -3.29 -8.02 -7.83
CA GLN A 50 -4.45 -7.13 -7.86
C GLN A 50 -4.14 -5.82 -8.58
N LEU A 51 -2.94 -5.72 -9.14
CA LEU A 51 -2.51 -4.51 -9.85
C LEU A 51 -3.59 -4.04 -10.82
N LYS A 52 -3.56 -2.75 -11.13
CA LYS A 52 -4.52 -2.15 -12.05
C LYS A 52 -3.81 -1.41 -13.18
N LYS A 53 -3.57 -0.12 -12.98
CA LYS A 53 -2.90 0.69 -13.98
C LYS A 53 -1.91 1.67 -13.32
N GLY A 54 -1.79 1.56 -12.01
CA GLY A 54 -0.88 2.43 -11.27
C GLY A 54 -1.24 2.55 -9.81
N GLU A 55 -0.55 1.80 -8.97
CA GLU A 55 -0.81 1.81 -7.53
C GLU A 55 0.23 2.61 -6.78
N ILE A 56 0.10 2.64 -5.46
CA ILE A 56 1.03 3.37 -4.59
C ILE A 56 0.95 2.81 -3.16
N LEU A 57 2.04 2.96 -2.42
CA LEU A 57 2.06 2.49 -1.03
C LEU A 57 2.67 3.52 -0.12
N GLU A 58 2.32 3.43 1.14
CA GLU A 58 2.89 4.30 2.13
C GLU A 58 3.16 3.54 3.42
N VAL A 59 4.43 3.33 3.71
CA VAL A 59 4.83 2.57 4.89
C VAL A 59 5.63 3.42 5.87
N VAL A 60 5.16 3.47 7.10
CA VAL A 60 5.84 4.21 8.15
C VAL A 60 5.97 3.34 9.40
N SER A 61 7.11 2.69 9.55
CA SER A 61 7.31 1.79 10.67
C SER A 61 8.63 2.08 11.39
N ASP A 62 8.86 1.35 12.46
CA ASP A 62 10.07 1.51 13.24
C ASP A 62 10.89 0.22 13.23
N CYS A 63 12.18 0.34 12.94
CA CYS A 63 13.06 -0.82 12.87
C CYS A 63 14.45 -0.48 13.41
N PRO A 64 14.99 -1.32 14.31
CA PRO A 64 16.32 -1.11 14.90
C PRO A 64 17.45 -1.44 13.91
N GLN A 65 17.07 -1.77 12.68
CA GLN A 65 18.05 -2.11 11.66
C GLN A 65 17.83 -1.28 10.39
N SER A 66 18.35 -1.77 9.28
CA SER A 66 18.23 -1.06 8.00
C SER A 66 17.32 -1.84 7.04
N ILE A 67 17.26 -3.15 7.21
CA ILE A 67 16.45 -4.01 6.36
C ILE A 67 14.99 -3.57 6.37
N ASN A 68 14.42 -3.38 5.19
CA ASN A 68 13.02 -2.97 5.06
C ASN A 68 12.11 -4.19 4.92
N ASN A 69 11.11 -4.27 5.79
CA ASN A 69 10.18 -5.40 5.79
C ASN A 69 9.21 -5.36 4.61
N ILE A 70 8.24 -4.45 4.68
CA ILE A 70 7.22 -4.34 3.63
C ILE A 70 7.84 -4.37 2.23
N PRO A 71 8.85 -3.52 1.95
CA PRO A 71 9.50 -3.47 0.64
C PRO A 71 10.15 -4.80 0.25
N LEU A 72 10.61 -5.54 1.25
CA LEU A 72 11.25 -6.83 1.00
C LEU A 72 10.29 -7.79 0.31
N ASP A 73 9.00 -7.67 0.62
CA ASP A 73 7.99 -8.52 0.02
C ASP A 73 7.79 -8.18 -1.46
N ALA A 74 7.46 -6.92 -1.73
CA ALA A 74 7.25 -6.47 -3.11
C ALA A 74 8.52 -6.67 -3.93
N ARG A 75 9.67 -6.47 -3.30
CA ARG A 75 10.95 -6.64 -3.97
C ARG A 75 11.15 -8.09 -4.39
N ASN A 76 10.70 -9.01 -3.53
CA ASN A 76 10.82 -10.44 -3.82
C ASN A 76 10.09 -10.80 -5.09
N HIS A 77 8.79 -10.51 -5.13
CA HIS A 77 7.98 -10.80 -6.31
C HIS A 77 8.44 -9.95 -7.49
N GLY A 78 8.30 -8.63 -7.36
CA GLY A 78 8.73 -7.73 -8.41
C GLY A 78 7.67 -6.71 -8.80
N TYR A 79 7.58 -5.63 -8.03
CA TYR A 79 6.61 -4.58 -8.32
C TYR A 79 7.19 -3.58 -9.31
N THR A 80 6.49 -2.46 -9.50
CA THR A 80 6.94 -1.43 -10.42
C THR A 80 8.06 -0.60 -9.80
N VAL A 81 7.73 0.16 -8.76
CA VAL A 81 8.71 0.99 -8.07
C VAL A 81 8.74 0.71 -6.58
N LEU A 82 9.93 0.46 -6.05
CA LEU A 82 10.12 0.17 -4.64
C LEU A 82 11.24 1.03 -4.05
N ASP A 83 10.87 2.10 -3.36
CA ASP A 83 11.84 3.00 -2.76
C ASP A 83 11.57 3.19 -1.28
N ILE A 84 12.53 3.78 -0.56
CA ILE A 84 12.39 4.03 0.86
C ILE A 84 12.89 5.41 1.25
N GLN A 85 12.85 5.71 2.54
CA GLN A 85 13.30 7.00 3.06
C GLN A 85 13.73 6.87 4.51
N GLN A 86 14.20 7.97 5.10
CA GLN A 86 14.65 7.96 6.48
C GLN A 86 14.37 9.29 7.16
N ASP A 87 13.99 9.23 8.44
CA ASP A 87 13.70 10.44 9.21
C ASP A 87 14.47 10.40 10.55
N GLY A 88 13.80 10.81 11.62
CA GLY A 88 14.44 10.79 12.93
C GLY A 88 14.67 9.38 13.43
N PRO A 89 14.04 8.99 14.55
CA PRO A 89 14.20 7.64 15.11
C PRO A 89 13.26 6.63 14.47
N THR A 90 12.88 6.88 13.22
CA THR A 90 11.98 5.99 12.49
C THR A 90 12.40 5.88 11.03
N ILE A 91 11.61 5.12 10.26
CA ILE A 91 11.88 4.92 8.85
C ILE A 91 10.59 4.71 8.07
N ARG A 92 10.59 5.10 6.79
CA ARG A 92 9.40 4.96 5.96
C ARG A 92 9.77 4.52 4.54
N TYR A 93 8.95 3.63 3.97
CA TYR A 93 9.17 3.15 2.61
C TYR A 93 7.90 3.31 1.79
N LEU A 94 8.04 3.61 0.51
CA LEU A 94 6.89 3.81 -0.36
C LEU A 94 7.11 3.16 -1.72
N ILE A 95 6.01 2.75 -2.36
CA ILE A 95 6.08 2.13 -3.68
C ILE A 95 5.05 2.77 -4.61
N GLN A 96 5.26 2.66 -5.92
CA GLN A 96 4.35 3.23 -6.89
C GLN A 96 4.44 2.50 -8.23
N LYS A 97 3.38 2.62 -9.03
CA LYS A 97 3.34 1.98 -10.34
C LYS A 97 3.08 3.01 -11.43
N MET A 1 -22.53 -11.44 -19.84
CA MET A 1 -22.42 -10.55 -21.03
C MET A 1 -23.02 -11.21 -22.27
N GLY A 2 -24.35 -11.28 -22.32
CA GLY A 2 -25.01 -11.89 -23.45
C GLY A 2 -25.15 -10.94 -24.62
N SER A 3 -25.17 -9.65 -24.33
CA SER A 3 -25.28 -8.62 -25.36
C SER A 3 -23.91 -8.26 -25.92
N SER A 4 -23.91 -7.46 -26.99
CA SER A 4 -22.66 -7.04 -27.63
C SER A 4 -22.66 -5.53 -27.85
N HIS A 5 -21.49 -4.99 -28.17
CA HIS A 5 -21.34 -3.56 -28.40
C HIS A 5 -21.87 -3.19 -29.78
N HIS A 6 -23.10 -2.68 -29.82
CA HIS A 6 -23.72 -2.28 -31.08
C HIS A 6 -24.50 -0.97 -30.92
N HIS A 7 -25.60 -1.04 -30.17
CA HIS A 7 -26.43 0.13 -29.94
C HIS A 7 -26.78 0.27 -28.46
N HIS A 8 -26.24 1.31 -27.82
CA HIS A 8 -26.49 1.56 -26.41
C HIS A 8 -26.76 3.04 -26.16
N HIS A 9 -27.02 3.38 -24.91
CA HIS A 9 -27.29 4.77 -24.53
C HIS A 9 -26.19 5.32 -23.63
N HIS A 10 -26.09 4.78 -22.42
CA HIS A 10 -25.08 5.22 -21.46
C HIS A 10 -24.19 4.05 -21.05
N SER A 11 -23.73 3.28 -22.03
CA SER A 11 -22.87 2.14 -21.76
C SER A 11 -21.68 2.12 -22.73
N SER A 12 -21.11 3.30 -22.98
CA SER A 12 -19.98 3.42 -23.87
C SER A 12 -18.78 4.06 -23.17
N GLY A 13 -18.31 3.41 -22.11
CA GLY A 13 -17.19 3.92 -21.35
C GLY A 13 -15.90 3.92 -22.16
N LEU A 14 -15.02 4.87 -21.87
CA LEU A 14 -13.74 4.97 -22.58
C LEU A 14 -12.60 5.22 -21.60
N VAL A 15 -11.38 4.95 -22.05
CA VAL A 15 -10.19 5.14 -21.22
C VAL A 15 -9.56 6.52 -21.45
N PRO A 16 -9.31 6.91 -22.71
CA PRO A 16 -8.71 8.22 -23.03
C PRO A 16 -9.50 9.38 -22.43
N ARG A 17 -10.77 9.14 -22.14
CA ARG A 17 -11.64 10.16 -21.56
C ARG A 17 -11.14 10.57 -20.18
N GLY A 18 -11.68 11.66 -19.66
CA GLY A 18 -11.29 12.15 -18.35
C GLY A 18 -11.77 11.24 -17.23
N SER A 19 -10.86 10.46 -16.66
CA SER A 19 -11.20 9.55 -15.58
C SER A 19 -10.16 9.63 -14.46
N HIS A 20 -10.40 10.54 -13.52
CA HIS A 20 -9.49 10.72 -12.39
C HIS A 20 -10.26 10.90 -11.09
N MET A 21 -11.53 10.50 -11.10
CA MET A 21 -12.39 10.60 -9.93
C MET A 21 -12.44 9.29 -9.16
N LYS A 22 -12.83 8.22 -9.86
CA LYS A 22 -12.92 6.91 -9.25
C LYS A 22 -11.57 6.21 -9.28
N ASN A 23 -10.68 6.67 -10.14
CA ASN A 23 -9.35 6.09 -10.26
C ASN A 23 -8.55 6.29 -8.98
N ILE A 24 -8.40 5.22 -8.21
CA ILE A 24 -7.66 5.27 -6.96
C ILE A 24 -6.17 4.97 -7.17
N VAL A 25 -5.33 5.62 -6.37
CA VAL A 25 -3.89 5.43 -6.49
C VAL A 25 -3.30 4.74 -5.24
N PRO A 26 -3.58 5.26 -4.02
CA PRO A 26 -3.06 4.68 -2.78
C PRO A 26 -3.53 3.24 -2.59
N ASP A 27 -2.66 2.28 -2.95
CA ASP A 27 -2.97 0.87 -2.82
C ASP A 27 -3.16 0.47 -1.35
N TYR A 28 -2.05 0.31 -0.63
CA TYR A 28 -2.12 -0.07 0.78
C TYR A 28 -1.18 0.78 1.63
N ARG A 29 -1.38 0.72 2.95
CA ARG A 29 -0.55 1.49 3.88
C ARG A 29 -0.12 0.64 5.07
N LEU A 30 1.17 0.75 5.43
CA LEU A 30 1.72 0.03 6.56
C LEU A 30 2.40 0.99 7.53
N ASP A 31 1.60 1.70 8.32
CA ASP A 31 2.12 2.69 9.26
C ASP A 31 2.10 2.16 10.70
N MET A 32 2.91 1.14 10.96
CA MET A 32 3.01 0.55 12.29
C MET A 32 4.46 0.26 12.67
N VAL A 33 4.84 -1.01 12.66
CA VAL A 33 6.19 -1.42 13.01
C VAL A 33 6.74 -2.43 12.00
N GLY A 34 8.03 -2.31 11.70
CA GLY A 34 8.65 -3.23 10.74
C GLY A 34 8.59 -4.67 11.21
N GLU A 35 8.40 -4.86 12.51
CA GLU A 35 8.30 -6.20 13.08
C GLU A 35 7.15 -6.97 12.46
N PRO A 36 7.31 -8.30 12.26
CA PRO A 36 6.26 -9.14 11.67
C PRO A 36 4.92 -9.01 12.39
N CYS A 37 4.09 -8.08 11.92
CA CYS A 37 2.78 -7.83 12.50
C CYS A 37 1.73 -8.73 11.85
N PRO A 38 0.52 -8.84 12.44
CA PRO A 38 -0.55 -9.69 11.91
C PRO A 38 -0.79 -9.46 10.41
N TYR A 39 -1.07 -8.21 10.04
CA TYR A 39 -1.31 -7.87 8.64
C TYR A 39 -0.34 -6.78 8.17
N PRO A 40 0.93 -7.17 7.90
CA PRO A 40 1.96 -6.24 7.45
C PRO A 40 2.05 -6.16 5.93
N ALA A 41 3.26 -6.31 5.39
CA ALA A 41 3.48 -6.27 3.94
C ALA A 41 2.66 -7.32 3.21
N VAL A 42 1.94 -8.16 3.96
CA VAL A 42 1.09 -9.17 3.35
C VAL A 42 0.21 -8.56 2.29
N ALA A 43 -0.11 -7.28 2.48
CA ALA A 43 -0.91 -6.52 1.53
C ALA A 43 -0.10 -6.22 0.27
N THR A 44 1.17 -5.86 0.47
CA THR A 44 2.06 -5.53 -0.63
C THR A 44 2.15 -6.70 -1.62
N LEU A 45 2.47 -7.88 -1.11
CA LEU A 45 2.61 -9.07 -1.95
C LEU A 45 1.28 -9.40 -2.63
N GLU A 46 0.21 -9.44 -1.85
CA GLU A 46 -1.11 -9.74 -2.38
C GLU A 46 -1.57 -8.66 -3.35
N ALA A 47 -0.93 -7.48 -3.26
CA ALA A 47 -1.25 -6.36 -4.13
C ALA A 47 -0.73 -6.61 -5.54
N MET A 48 0.35 -7.37 -5.65
CA MET A 48 0.95 -7.68 -6.94
C MET A 48 -0.09 -8.20 -7.94
N PRO A 49 -0.84 -9.25 -7.60
CA PRO A 49 -1.88 -9.79 -8.49
C PRO A 49 -3.07 -8.84 -8.61
N GLN A 50 -3.40 -8.19 -7.50
CA GLN A 50 -4.49 -7.22 -7.47
C GLN A 50 -4.12 -5.93 -8.19
N LEU A 51 -2.96 -5.92 -8.83
CA LEU A 51 -2.47 -4.75 -9.54
C LEU A 51 -3.54 -4.17 -10.47
N LYS A 52 -3.35 -2.93 -10.88
CA LYS A 52 -4.29 -2.26 -11.77
C LYS A 52 -3.54 -1.58 -12.93
N LYS A 53 -3.26 -0.29 -12.78
CA LYS A 53 -2.56 0.47 -13.80
C LYS A 53 -1.56 1.43 -13.18
N GLY A 54 -1.71 1.66 -11.87
CA GLY A 54 -0.82 2.56 -11.17
C GLY A 54 -1.19 2.70 -9.70
N GLU A 55 -0.57 1.86 -8.87
CA GLU A 55 -0.85 1.88 -7.43
C GLU A 55 0.21 2.65 -6.66
N ILE A 56 0.07 2.66 -5.34
CA ILE A 56 1.02 3.37 -4.47
C ILE A 56 0.93 2.81 -3.05
N LEU A 57 2.01 2.95 -2.29
CA LEU A 57 2.02 2.47 -0.92
C LEU A 57 2.67 3.47 0.00
N GLU A 58 2.32 3.39 1.27
CA GLU A 58 2.93 4.24 2.26
C GLU A 58 3.18 3.45 3.54
N VAL A 59 4.44 3.30 3.90
CA VAL A 59 4.82 2.53 5.07
C VAL A 59 5.53 3.38 6.11
N VAL A 60 4.89 3.56 7.26
CA VAL A 60 5.47 4.32 8.35
C VAL A 60 5.63 3.42 9.57
N SER A 61 6.80 2.81 9.68
CA SER A 61 7.06 1.91 10.78
C SER A 61 8.40 2.18 11.43
N ASP A 62 8.63 1.57 12.58
CA ASP A 62 9.89 1.74 13.31
C ASP A 62 10.61 0.40 13.42
N CYS A 63 11.81 0.34 12.86
CA CYS A 63 12.61 -0.89 12.88
C CYS A 63 14.07 -0.58 13.16
N PRO A 64 14.62 -1.15 14.26
CA PRO A 64 16.02 -0.93 14.64
C PRO A 64 16.99 -1.34 13.54
N GLN A 65 16.55 -2.27 12.70
CA GLN A 65 17.38 -2.75 11.59
C GLN A 65 17.20 -1.89 10.35
N SER A 66 18.13 -2.02 9.41
CA SER A 66 18.07 -1.25 8.17
C SER A 66 17.31 -2.00 7.09
N ILE A 67 17.23 -3.32 7.24
CA ILE A 67 16.54 -4.16 6.28
C ILE A 67 15.09 -3.74 6.11
N ASN A 68 14.72 -3.35 4.90
CA ASN A 68 13.35 -2.92 4.61
C ASN A 68 12.41 -4.12 4.60
N ASN A 69 11.44 -4.10 5.51
CA ASN A 69 10.48 -5.21 5.61
C ASN A 69 9.49 -5.21 4.46
N ILE A 70 8.53 -4.30 4.50
CA ILE A 70 7.49 -4.22 3.47
C ILE A 70 8.08 -4.27 2.06
N PRO A 71 9.07 -3.40 1.74
CA PRO A 71 9.69 -3.36 0.41
C PRO A 71 10.28 -4.71 -0.01
N LEU A 72 10.86 -5.43 0.95
CA LEU A 72 11.47 -6.73 0.67
C LEU A 72 10.44 -7.67 0.05
N ASP A 73 9.19 -7.54 0.46
CA ASP A 73 8.12 -8.38 -0.05
C ASP A 73 7.87 -8.11 -1.53
N ALA A 74 7.52 -6.86 -1.85
CA ALA A 74 7.24 -6.47 -3.22
C ALA A 74 8.47 -6.69 -4.11
N ARG A 75 9.65 -6.47 -3.54
CA ARG A 75 10.90 -6.64 -4.28
C ARG A 75 11.10 -8.10 -4.65
N ASN A 76 10.70 -9.00 -3.75
CA ASN A 76 10.84 -10.43 -3.99
C ASN A 76 10.16 -10.84 -5.28
N HIS A 77 8.85 -10.63 -5.36
CA HIS A 77 8.09 -10.94 -6.55
C HIS A 77 8.48 -10.03 -7.70
N GLY A 78 8.28 -8.72 -7.51
CA GLY A 78 8.64 -7.76 -8.53
C GLY A 78 7.52 -6.80 -8.86
N TYR A 79 7.44 -5.70 -8.13
CA TYR A 79 6.41 -4.69 -8.37
C TYR A 79 6.90 -3.68 -9.41
N THR A 80 6.40 -2.46 -9.32
CA THR A 80 6.79 -1.41 -10.26
C THR A 80 7.94 -0.58 -9.70
N VAL A 81 7.65 0.29 -8.75
CA VAL A 81 8.66 1.14 -8.14
C VAL A 81 8.76 0.89 -6.63
N LEU A 82 9.94 0.53 -6.18
CA LEU A 82 10.19 0.26 -4.77
C LEU A 82 11.32 1.14 -4.23
N ASP A 83 10.95 2.15 -3.45
CA ASP A 83 11.93 3.07 -2.87
C ASP A 83 11.65 3.32 -1.39
N ILE A 84 12.66 3.73 -0.65
CA ILE A 84 12.51 3.99 0.77
C ILE A 84 13.29 5.23 1.21
N GLN A 85 13.21 5.56 2.49
CA GLN A 85 13.91 6.72 3.04
C GLN A 85 14.17 6.51 4.54
N GLN A 86 15.02 7.34 5.11
CA GLN A 86 15.35 7.23 6.52
C GLN A 86 15.13 8.55 7.25
N ASP A 87 14.33 8.52 8.31
CA ASP A 87 14.03 9.70 9.10
C ASP A 87 14.00 9.36 10.58
N GLY A 88 15.18 9.31 11.19
CA GLY A 88 15.28 8.97 12.60
C GLY A 88 14.34 9.77 13.47
N PRO A 89 13.80 9.17 14.55
CA PRO A 89 14.09 7.80 14.94
C PRO A 89 13.13 6.79 14.33
N THR A 90 12.81 6.97 13.05
CA THR A 90 11.89 6.08 12.35
C THR A 90 12.34 5.86 10.91
N ILE A 91 11.48 5.20 10.13
CA ILE A 91 11.80 4.92 8.73
C ILE A 91 10.51 4.87 7.90
N ARG A 92 10.60 5.37 6.67
CA ARG A 92 9.45 5.42 5.79
C ARG A 92 9.74 4.71 4.46
N TYR A 93 8.82 3.87 4.03
CA TYR A 93 8.94 3.13 2.78
C TYR A 93 7.73 3.42 1.88
N LEU A 94 7.93 3.42 0.57
CA LEU A 94 6.83 3.68 -0.35
C LEU A 94 7.06 3.06 -1.72
N ILE A 95 5.97 2.73 -2.40
CA ILE A 95 6.03 2.16 -3.75
C ILE A 95 5.00 2.82 -4.65
N GLN A 96 5.21 2.75 -5.96
CA GLN A 96 4.29 3.35 -6.92
C GLN A 96 4.36 2.65 -8.27
N LYS A 97 3.25 2.70 -9.02
CA LYS A 97 3.19 2.09 -10.34
C LYS A 97 2.79 3.12 -11.40
N MET A 1 -38.60 -16.17 -3.71
CA MET A 1 -37.70 -15.15 -4.29
C MET A 1 -36.68 -14.66 -3.26
N GLY A 2 -37.15 -13.90 -2.28
CA GLY A 2 -36.26 -13.39 -1.26
C GLY A 2 -36.74 -13.73 0.14
N SER A 3 -36.78 -12.72 1.01
CA SER A 3 -37.21 -12.92 2.39
C SER A 3 -38.67 -12.49 2.58
N SER A 4 -39.17 -12.66 3.79
CA SER A 4 -40.55 -12.29 4.10
C SER A 4 -40.60 -11.11 5.07
N HIS A 5 -40.31 -11.39 6.35
CA HIS A 5 -40.32 -10.35 7.37
C HIS A 5 -38.92 -10.13 7.94
N HIS A 6 -38.28 -11.21 8.38
CA HIS A 6 -36.94 -11.13 8.94
C HIS A 6 -35.91 -10.93 7.85
N HIS A 7 -34.81 -10.28 8.19
CA HIS A 7 -33.73 -10.02 7.24
C HIS A 7 -32.48 -10.81 7.60
N HIS A 8 -31.88 -11.46 6.61
CA HIS A 8 -30.67 -12.25 6.83
C HIS A 8 -29.43 -11.49 6.39
N HIS A 9 -29.63 -10.30 5.82
CA HIS A 9 -28.52 -9.47 5.37
C HIS A 9 -27.61 -9.10 6.52
N HIS A 10 -26.30 -9.32 6.34
CA HIS A 10 -25.32 -9.01 7.37
C HIS A 10 -24.21 -8.13 6.81
N SER A 11 -23.22 -7.83 7.65
CA SER A 11 -22.10 -6.99 7.24
C SER A 11 -20.77 -7.67 7.56
N SER A 12 -19.70 -7.17 6.97
CA SER A 12 -18.37 -7.73 7.20
C SER A 12 -17.46 -6.72 7.88
N GLY A 13 -16.93 -5.77 7.11
CA GLY A 13 -16.05 -4.76 7.65
C GLY A 13 -16.75 -3.45 7.88
N LEU A 14 -16.28 -2.40 7.21
CA LEU A 14 -16.88 -1.07 7.33
C LEU A 14 -17.58 -0.67 6.05
N VAL A 15 -18.84 -1.11 5.91
CA VAL A 15 -19.62 -0.80 4.72
C VAL A 15 -21.00 -0.26 5.11
N PRO A 16 -21.63 0.55 4.23
CA PRO A 16 -21.07 0.94 2.93
C PRO A 16 -20.06 2.08 3.06
N ARG A 17 -19.78 2.73 1.94
CA ARG A 17 -18.85 3.86 1.90
C ARG A 17 -19.50 5.10 1.32
N GLY A 18 -19.64 6.14 2.13
CA GLY A 18 -20.25 7.37 1.66
C GLY A 18 -19.23 8.36 1.13
N SER A 19 -18.06 7.86 0.74
CA SER A 19 -17.00 8.70 0.22
C SER A 19 -17.26 9.08 -1.23
N HIS A 20 -16.76 10.24 -1.64
CA HIS A 20 -16.94 10.72 -3.00
C HIS A 20 -15.76 10.34 -3.89
N MET A 21 -14.78 9.67 -3.29
CA MET A 21 -13.59 9.25 -4.02
C MET A 21 -13.19 7.82 -3.64
N LYS A 22 -12.56 7.12 -4.57
CA LYS A 22 -12.13 5.75 -4.33
C LYS A 22 -10.60 5.65 -4.36
N ASN A 23 -10.09 4.47 -4.05
CA ASN A 23 -8.65 4.23 -4.04
C ASN A 23 -8.13 3.97 -5.45
N ILE A 24 -7.51 4.98 -6.06
CA ILE A 24 -6.98 4.86 -7.41
C ILE A 24 -5.54 4.35 -7.37
N VAL A 25 -4.63 5.21 -6.94
CA VAL A 25 -3.21 4.84 -6.85
C VAL A 25 -2.86 4.33 -5.46
N PRO A 26 -3.20 5.09 -4.39
CA PRO A 26 -2.90 4.68 -3.00
C PRO A 26 -3.47 3.29 -2.69
N ASP A 27 -2.64 2.27 -2.87
CA ASP A 27 -3.03 0.89 -2.64
C ASP A 27 -3.19 0.60 -1.15
N TYR A 28 -2.06 0.41 -0.46
CA TYR A 28 -2.09 0.10 0.97
C TYR A 28 -1.08 0.94 1.75
N ARG A 29 -1.28 1.00 3.07
CA ARG A 29 -0.39 1.75 3.95
C ARG A 29 -0.04 0.95 5.20
N LEU A 30 1.25 0.82 5.48
CA LEU A 30 1.71 0.11 6.67
C LEU A 30 2.48 1.05 7.60
N ASP A 31 1.74 1.81 8.41
CA ASP A 31 2.36 2.77 9.32
C ASP A 31 2.37 2.25 10.75
N MET A 32 3.14 1.20 11.00
CA MET A 32 3.25 0.61 12.33
C MET A 32 4.71 0.26 12.67
N VAL A 33 5.00 -1.03 12.73
CA VAL A 33 6.35 -1.50 13.02
C VAL A 33 6.74 -2.63 12.07
N GLY A 34 8.04 -2.74 11.79
CA GLY A 34 8.52 -3.78 10.90
C GLY A 34 8.74 -5.10 11.62
N GLU A 35 7.71 -5.60 12.28
CA GLU A 35 7.80 -6.86 13.01
C GLU A 35 6.88 -7.91 12.38
N PRO A 36 7.44 -9.08 12.03
CA PRO A 36 6.67 -10.17 11.41
C PRO A 36 5.77 -10.89 12.41
N CYS A 37 4.60 -10.32 12.66
CA CYS A 37 3.64 -10.91 13.60
C CYS A 37 2.20 -10.78 13.09
N PRO A 38 1.74 -9.55 12.79
CA PRO A 38 0.38 -9.33 12.29
C PRO A 38 0.27 -9.54 10.79
N TYR A 39 -0.57 -8.74 10.13
CA TYR A 39 -0.76 -8.84 8.69
C TYR A 39 -0.40 -7.52 8.01
N PRO A 40 0.91 -7.19 7.96
CA PRO A 40 1.39 -5.95 7.36
C PRO A 40 1.61 -6.06 5.84
N ALA A 41 2.84 -6.38 5.44
CA ALA A 41 3.19 -6.49 4.04
C ALA A 41 2.30 -7.49 3.29
N VAL A 42 1.48 -8.23 4.03
CA VAL A 42 0.58 -9.21 3.43
C VAL A 42 -0.15 -8.60 2.23
N ALA A 43 -0.45 -7.31 2.33
CA ALA A 43 -1.12 -6.59 1.25
C ALA A 43 -0.17 -6.35 0.08
N THR A 44 1.07 -6.00 0.40
CA THR A 44 2.08 -5.73 -0.62
C THR A 44 2.19 -6.88 -1.63
N LEU A 45 2.33 -8.09 -1.12
CA LEU A 45 2.46 -9.27 -1.97
C LEU A 45 1.21 -9.51 -2.80
N GLU A 46 0.07 -9.63 -2.13
CA GLU A 46 -1.20 -9.87 -2.83
C GLU A 46 -1.50 -8.75 -3.81
N ALA A 47 -0.86 -7.61 -3.60
CA ALA A 47 -1.04 -6.46 -4.48
C ALA A 47 -0.37 -6.69 -5.83
N MET A 48 0.74 -7.41 -5.83
CA MET A 48 1.48 -7.70 -7.05
C MET A 48 0.55 -8.24 -8.14
N PRO A 49 -0.20 -9.33 -7.87
CA PRO A 49 -1.14 -9.88 -8.86
C PRO A 49 -2.27 -8.90 -9.16
N GLN A 50 -2.72 -8.18 -8.14
CA GLN A 50 -3.79 -7.21 -8.29
C GLN A 50 -3.30 -5.96 -9.03
N LEU A 51 -2.06 -6.00 -9.51
CA LEU A 51 -1.46 -4.87 -10.21
C LEU A 51 -2.43 -4.19 -11.15
N LYS A 52 -2.29 -2.87 -11.26
CA LYS A 52 -3.13 -2.08 -12.15
C LYS A 52 -2.31 -0.98 -12.82
N LYS A 53 -3.01 -0.05 -13.46
CA LYS A 53 -2.34 1.05 -14.15
C LYS A 53 -2.12 2.22 -13.20
N GLY A 54 -2.08 1.93 -11.91
CA GLY A 54 -1.87 2.97 -10.92
C GLY A 54 -1.90 2.43 -9.49
N GLU A 55 -0.73 2.18 -8.93
CA GLU A 55 -0.62 1.66 -7.57
C GLU A 55 0.38 2.49 -6.75
N ILE A 56 0.19 2.47 -5.43
CA ILE A 56 1.06 3.22 -4.53
C ILE A 56 0.98 2.65 -3.11
N LEU A 57 2.01 2.92 -2.30
CA LEU A 57 2.03 2.44 -0.92
C LEU A 57 2.72 3.43 -0.03
N GLU A 58 2.42 3.33 1.26
CA GLU A 58 3.08 4.16 2.24
C GLU A 58 3.32 3.37 3.51
N VAL A 59 4.59 3.20 3.87
CA VAL A 59 4.96 2.42 5.04
C VAL A 59 5.69 3.28 6.07
N VAL A 60 5.08 3.45 7.23
CA VAL A 60 5.70 4.20 8.31
C VAL A 60 5.88 3.32 9.53
N SER A 61 7.02 2.63 9.60
CA SER A 61 7.29 1.73 10.70
C SER A 61 8.65 1.99 11.31
N ASP A 62 8.90 1.35 12.44
CA ASP A 62 10.17 1.50 13.14
C ASP A 62 10.91 0.16 13.19
N CYS A 63 12.13 0.14 12.65
CA CYS A 63 12.93 -1.07 12.62
C CYS A 63 14.42 -0.73 12.58
N PRO A 64 15.28 -1.60 13.16
CA PRO A 64 16.73 -1.38 13.18
C PRO A 64 17.37 -1.59 11.81
N GLN A 65 16.95 -2.64 11.12
CA GLN A 65 17.48 -2.95 9.80
C GLN A 65 16.98 -1.95 8.76
N SER A 66 17.75 -1.79 7.68
CA SER A 66 17.39 -0.86 6.61
C SER A 66 16.10 -1.29 5.93
N ILE A 67 16.14 -2.45 5.28
CA ILE A 67 14.97 -2.97 4.59
C ILE A 67 13.96 -3.55 5.57
N ASN A 68 12.68 -3.35 5.26
CA ASN A 68 11.61 -3.84 6.13
C ASN A 68 10.85 -4.99 5.46
N ASN A 69 9.80 -5.47 6.13
CA ASN A 69 9.00 -6.57 5.62
C ASN A 69 8.13 -6.13 4.43
N ILE A 70 7.64 -4.89 4.47
CA ILE A 70 6.78 -4.39 3.41
C ILE A 70 7.54 -4.18 2.10
N PRO A 71 8.69 -3.48 2.13
CA PRO A 71 9.48 -3.24 0.92
C PRO A 71 10.09 -4.52 0.35
N LEU A 72 10.65 -5.35 1.24
CA LEU A 72 11.26 -6.61 0.83
C LEU A 72 10.24 -7.54 0.21
N ASP A 73 8.99 -7.43 0.66
CA ASP A 73 7.91 -8.26 0.14
C ASP A 73 7.71 -8.02 -1.34
N ALA A 74 7.37 -6.78 -1.69
CA ALA A 74 7.16 -6.40 -3.08
C ALA A 74 8.43 -6.60 -3.90
N ARG A 75 9.57 -6.37 -3.27
CA ARG A 75 10.86 -6.55 -3.93
C ARG A 75 11.07 -8.00 -4.31
N ASN A 76 10.49 -8.90 -3.53
CA ASN A 76 10.61 -10.34 -3.78
C ASN A 76 9.88 -10.71 -5.08
N HIS A 77 8.57 -10.47 -5.09
CA HIS A 77 7.77 -10.78 -6.28
C HIS A 77 8.13 -9.84 -7.43
N GLY A 78 8.73 -8.71 -7.09
CA GLY A 78 9.14 -7.76 -8.10
C GLY A 78 8.00 -6.85 -8.55
N TYR A 79 7.89 -5.69 -7.92
CA TYR A 79 6.85 -4.73 -8.27
C TYR A 79 7.36 -3.75 -9.32
N THR A 80 6.75 -2.57 -9.38
CA THR A 80 7.14 -1.55 -10.35
C THR A 80 8.20 -0.63 -9.77
N VAL A 81 7.84 0.11 -8.73
CA VAL A 81 8.77 1.05 -8.09
C VAL A 81 8.82 0.83 -6.58
N LEU A 82 10.00 0.52 -6.06
CA LEU A 82 10.20 0.30 -4.65
C LEU A 82 11.27 1.24 -4.10
N ASP A 83 10.85 2.30 -3.42
CA ASP A 83 11.78 3.27 -2.86
C ASP A 83 11.57 3.41 -1.36
N ILE A 84 12.58 3.95 -0.67
CA ILE A 84 12.50 4.13 0.77
C ILE A 84 13.17 5.44 1.21
N GLN A 85 13.00 5.78 2.47
CA GLN A 85 13.59 7.00 3.03
C GLN A 85 13.80 6.85 4.54
N GLN A 86 14.70 7.66 5.10
CA GLN A 86 14.98 7.61 6.52
C GLN A 86 14.91 9.00 7.14
N ASP A 87 14.43 9.08 8.38
CA ASP A 87 14.32 10.35 9.07
C ASP A 87 15.04 10.27 10.43
N GLY A 88 14.31 10.53 11.52
CA GLY A 88 14.90 10.47 12.84
C GLY A 88 14.96 9.05 13.38
N PRO A 89 14.18 8.75 14.43
CA PRO A 89 14.16 7.41 15.03
C PRO A 89 13.18 6.48 14.34
N THR A 90 12.80 6.81 13.11
CA THR A 90 11.86 6.00 12.34
C THR A 90 12.30 5.87 10.88
N ILE A 91 11.49 5.17 10.10
CA ILE A 91 11.79 4.95 8.68
C ILE A 91 10.49 4.82 7.88
N ARG A 92 10.54 5.27 6.63
CA ARG A 92 9.36 5.23 5.76
C ARG A 92 9.71 4.63 4.39
N TYR A 93 8.89 3.68 3.95
CA TYR A 93 9.08 3.02 2.66
C TYR A 93 7.83 3.16 1.81
N LEU A 94 7.98 3.51 0.54
CA LEU A 94 6.84 3.69 -0.34
C LEU A 94 7.08 3.10 -1.72
N ILE A 95 6.00 2.66 -2.36
CA ILE A 95 6.07 2.09 -3.69
C ILE A 95 5.02 2.72 -4.60
N GLN A 96 5.26 2.69 -5.91
CA GLN A 96 4.32 3.28 -6.85
C GLN A 96 4.30 2.50 -8.16
N LYS A 97 3.36 2.84 -9.05
CA LYS A 97 3.25 2.18 -10.33
C LYS A 97 2.99 3.19 -11.45
N MET A 1 -36.71 7.26 17.74
CA MET A 1 -35.30 7.59 17.42
C MET A 1 -34.84 8.84 18.17
N GLY A 2 -35.78 9.54 18.79
CA GLY A 2 -35.46 10.74 19.52
C GLY A 2 -35.12 10.45 20.98
N SER A 3 -35.30 9.20 21.39
CA SER A 3 -35.00 8.80 22.75
C SER A 3 -33.55 8.34 22.88
N SER A 4 -33.19 7.31 22.15
CA SER A 4 -31.84 6.77 22.18
C SER A 4 -31.17 6.91 20.82
N HIS A 5 -29.98 7.51 20.81
CA HIS A 5 -29.23 7.71 19.57
C HIS A 5 -28.52 6.43 19.15
N HIS A 6 -27.87 6.47 18.00
CA HIS A 6 -27.14 5.32 17.48
C HIS A 6 -25.64 5.62 17.39
N HIS A 7 -24.88 5.11 18.37
CA HIS A 7 -23.44 5.33 18.40
C HIS A 7 -22.69 3.99 18.36
N HIS A 8 -23.41 2.93 17.98
CA HIS A 8 -22.82 1.61 17.91
C HIS A 8 -21.93 1.47 16.66
N HIS A 9 -22.27 2.24 15.63
CA HIS A 9 -21.51 2.21 14.39
C HIS A 9 -20.80 3.54 14.17
N HIS A 10 -19.49 3.56 14.42
CA HIS A 10 -18.69 4.77 14.24
C HIS A 10 -18.42 5.03 12.76
N SER A 11 -18.06 3.97 12.03
CA SER A 11 -17.76 4.09 10.61
C SER A 11 -18.32 2.88 9.84
N SER A 12 -18.30 2.98 8.51
CA SER A 12 -18.80 1.90 7.66
C SER A 12 -17.66 1.21 6.93
N GLY A 13 -16.58 1.96 6.68
CA GLY A 13 -15.43 1.40 5.99
C GLY A 13 -14.18 1.44 6.83
N LEU A 14 -13.66 0.27 7.18
CA LEU A 14 -12.46 0.17 8.00
C LEU A 14 -11.47 -0.83 7.39
N VAL A 15 -10.47 -1.22 8.17
CA VAL A 15 -9.47 -2.18 7.73
C VAL A 15 -9.71 -3.56 8.33
N PRO A 16 -9.34 -4.64 7.60
CA PRO A 16 -8.72 -4.54 6.28
C PRO A 16 -9.76 -4.35 5.17
N ARG A 17 -10.90 -5.01 5.31
CA ARG A 17 -11.96 -4.92 4.32
C ARG A 17 -13.04 -3.95 4.77
N GLY A 18 -13.63 -3.24 3.81
CA GLY A 18 -14.67 -2.28 4.12
C GLY A 18 -16.05 -2.78 3.75
N SER A 19 -16.90 -1.87 3.26
CA SER A 19 -18.25 -2.22 2.86
C SER A 19 -18.33 -2.45 1.35
N HIS A 20 -18.01 -1.42 0.59
CA HIS A 20 -18.04 -1.51 -0.87
C HIS A 20 -16.70 -1.98 -1.42
N MET A 21 -16.73 -2.62 -2.58
CA MET A 21 -15.52 -3.13 -3.22
C MET A 21 -14.61 -1.98 -3.65
N LYS A 22 -13.30 -2.19 -3.53
CA LYS A 22 -12.33 -1.18 -3.91
C LYS A 22 -11.90 -1.35 -5.36
N ASN A 23 -12.45 -0.52 -6.24
CA ASN A 23 -12.14 -0.58 -7.66
C ASN A 23 -11.22 0.56 -8.08
N ILE A 24 -10.25 0.87 -7.22
CA ILE A 24 -9.30 1.95 -7.49
C ILE A 24 -7.87 1.50 -7.18
N VAL A 25 -6.93 2.42 -7.35
CA VAL A 25 -5.52 2.14 -7.07
C VAL A 25 -5.32 1.70 -5.63
N PRO A 26 -4.40 0.74 -5.39
CA PRO A 26 -4.12 0.23 -4.05
C PRO A 26 -3.91 1.34 -3.02
N ASP A 27 -2.69 1.89 -2.98
CA ASP A 27 -2.39 2.95 -2.01
C ASP A 27 -2.65 2.45 -0.60
N TYR A 28 -1.78 1.57 -0.12
CA TYR A 28 -1.95 1.00 1.22
C TYR A 28 -1.00 1.64 2.21
N ARG A 29 -1.27 1.43 3.50
CA ARG A 29 -0.43 2.01 4.55
C ARG A 29 -0.08 0.99 5.62
N LEU A 30 1.14 1.08 6.13
CA LEU A 30 1.61 0.19 7.19
C LEU A 30 2.29 1.01 8.28
N ASP A 31 1.52 1.44 9.27
CA ASP A 31 2.05 2.27 10.34
C ASP A 31 2.28 1.47 11.62
N MET A 32 3.22 0.53 11.56
CA MET A 32 3.54 -0.30 12.72
C MET A 32 5.05 -0.44 12.88
N VAL A 33 5.55 -1.66 12.66
CA VAL A 33 6.98 -1.95 12.80
C VAL A 33 7.49 -2.76 11.61
N GLY A 34 8.80 -2.75 11.41
CA GLY A 34 9.40 -3.51 10.32
C GLY A 34 9.42 -5.00 10.58
N GLU A 35 8.68 -5.44 11.60
CA GLU A 35 8.62 -6.84 11.95
C GLU A 35 7.29 -7.46 11.50
N PRO A 36 7.35 -8.53 10.69
CA PRO A 36 6.15 -9.20 10.18
C PRO A 36 5.46 -10.07 11.23
N CYS A 37 4.45 -9.50 11.88
CA CYS A 37 3.69 -10.24 12.89
C CYS A 37 2.19 -10.23 12.58
N PRO A 38 1.58 -9.04 12.40
CA PRO A 38 0.15 -8.93 12.09
C PRO A 38 -0.13 -9.06 10.60
N TYR A 39 -0.74 -8.03 10.01
CA TYR A 39 -1.04 -8.03 8.59
C TYR A 39 -0.48 -6.77 7.91
N PRO A 40 0.86 -6.66 7.86
CA PRO A 40 1.53 -5.49 7.27
C PRO A 40 1.65 -5.58 5.74
N ALA A 41 2.82 -5.97 5.26
CA ALA A 41 3.07 -6.07 3.83
C ALA A 41 2.14 -7.07 3.14
N VAL A 42 1.26 -7.69 3.91
CA VAL A 42 0.31 -8.65 3.37
C VAL A 42 -0.40 -8.08 2.14
N ALA A 43 -0.68 -6.78 2.18
CA ALA A 43 -1.33 -6.10 1.07
C ALA A 43 -0.38 -5.93 -0.11
N THR A 44 0.90 -5.71 0.21
CA THR A 44 1.91 -5.52 -0.82
C THR A 44 2.05 -6.74 -1.71
N LEU A 45 2.12 -7.92 -1.08
CA LEU A 45 2.28 -9.17 -1.81
C LEU A 45 1.06 -9.46 -2.69
N GLU A 46 -0.12 -9.31 -2.10
CA GLU A 46 -1.37 -9.56 -2.84
C GLU A 46 -1.61 -8.48 -3.88
N ALA A 47 -0.83 -7.40 -3.78
CA ALA A 47 -0.93 -6.29 -4.72
C ALA A 47 -0.31 -6.66 -6.07
N MET A 48 0.81 -7.38 -6.03
CA MET A 48 1.52 -7.77 -7.24
C MET A 48 0.60 -8.47 -8.24
N PRO A 49 -0.23 -9.44 -7.81
CA PRO A 49 -1.16 -10.13 -8.71
C PRO A 49 -2.26 -9.20 -9.20
N GLN A 50 -3.02 -8.65 -8.26
CA GLN A 50 -4.09 -7.72 -8.57
C GLN A 50 -3.55 -6.35 -8.98
N LEU A 51 -2.28 -6.31 -9.39
CA LEU A 51 -1.63 -5.06 -9.79
C LEU A 51 -2.51 -4.27 -10.76
N LYS A 52 -2.32 -2.94 -10.76
CA LYS A 52 -3.09 -2.06 -11.63
C LYS A 52 -2.17 -1.31 -12.59
N LYS A 53 -2.67 -0.21 -13.14
CA LYS A 53 -1.88 0.59 -14.08
C LYS A 53 -1.30 1.82 -13.39
N GLY A 54 -0.59 1.60 -12.29
CA GLY A 54 0.00 2.71 -11.56
C GLY A 54 -0.35 2.69 -10.08
N GLU A 55 -0.10 1.55 -9.44
CA GLU A 55 -0.40 1.40 -8.02
C GLU A 55 0.54 2.26 -7.17
N ILE A 56 0.33 2.24 -5.86
CA ILE A 56 1.14 3.01 -4.93
C ILE A 56 1.03 2.43 -3.51
N LEU A 57 2.09 2.57 -2.74
CA LEU A 57 2.09 2.08 -1.37
C LEU A 57 2.66 3.10 -0.43
N GLU A 58 2.39 2.90 0.85
CA GLU A 58 2.94 3.77 1.86
C GLU A 58 3.18 3.00 3.14
N VAL A 59 4.34 3.23 3.77
CA VAL A 59 4.68 2.53 5.00
C VAL A 59 5.39 3.44 5.99
N VAL A 60 5.03 3.31 7.25
CA VAL A 60 5.64 4.07 8.34
C VAL A 60 5.83 3.18 9.56
N SER A 61 7.07 2.81 9.85
CA SER A 61 7.34 1.92 10.97
C SER A 61 8.68 2.24 11.63
N ASP A 62 9.03 1.45 12.64
CA ASP A 62 10.27 1.64 13.36
C ASP A 62 11.18 0.42 13.22
N CYS A 63 12.37 0.64 12.67
CA CYS A 63 13.33 -0.44 12.47
C CYS A 63 14.76 0.08 12.52
N PRO A 64 15.51 -0.23 13.60
CA PRO A 64 16.89 0.22 13.76
C PRO A 64 17.79 -0.24 12.62
N GLN A 65 17.41 -1.36 11.99
CA GLN A 65 18.19 -1.92 10.89
C GLN A 65 18.03 -1.07 9.63
N SER A 66 18.60 -1.55 8.53
CA SER A 66 18.52 -0.85 7.26
C SER A 66 17.55 -1.54 6.30
N ILE A 67 17.40 -2.85 6.47
CA ILE A 67 16.50 -3.63 5.63
C ILE A 67 15.04 -3.26 5.88
N ASN A 68 14.30 -3.06 4.80
CA ASN A 68 12.89 -2.69 4.90
C ASN A 68 12.00 -3.92 4.81
N ASN A 69 10.99 -3.99 5.68
CA ASN A 69 10.08 -5.13 5.72
C ASN A 69 9.12 -5.14 4.54
N ILE A 70 8.12 -4.28 4.58
CA ILE A 70 7.10 -4.21 3.53
C ILE A 70 7.70 -4.23 2.13
N PRO A 71 8.68 -3.34 1.83
CA PRO A 71 9.31 -3.29 0.50
C PRO A 71 9.98 -4.60 0.11
N LEU A 72 10.51 -5.32 1.10
CA LEU A 72 11.17 -6.59 0.85
C LEU A 72 10.20 -7.60 0.25
N ASP A 73 8.92 -7.45 0.59
CA ASP A 73 7.89 -8.34 0.08
C ASP A 73 7.65 -8.11 -1.41
N ALA A 74 7.41 -6.85 -1.77
CA ALA A 74 7.17 -6.49 -3.17
C ALA A 74 8.44 -6.64 -3.99
N ARG A 75 9.59 -6.48 -3.34
CA ARG A 75 10.88 -6.61 -4.01
C ARG A 75 11.17 -8.07 -4.34
N ASN A 76 10.76 -8.96 -3.45
CA ASN A 76 10.97 -10.39 -3.65
C ASN A 76 10.21 -10.89 -4.87
N HIS A 77 8.89 -10.73 -4.86
CA HIS A 77 8.06 -11.16 -5.96
C HIS A 77 8.38 -10.34 -7.22
N GLY A 78 8.57 -9.04 -7.04
CA GLY A 78 8.89 -8.18 -8.16
C GLY A 78 7.70 -7.37 -8.64
N TYR A 79 7.66 -6.10 -8.27
CA TYR A 79 6.58 -5.21 -8.69
C TYR A 79 7.06 -4.25 -9.77
N THR A 80 7.27 -2.98 -9.41
CA THR A 80 7.74 -1.99 -10.36
C THR A 80 8.74 -1.04 -9.70
N VAL A 81 8.25 -0.16 -8.83
CA VAL A 81 9.09 0.80 -8.15
C VAL A 81 9.09 0.58 -6.64
N LEU A 82 10.26 0.26 -6.09
CA LEU A 82 10.41 0.02 -4.66
C LEU A 82 11.47 0.95 -4.07
N ASP A 83 11.02 2.03 -3.42
CA ASP A 83 11.94 2.99 -2.83
C ASP A 83 11.61 3.23 -1.36
N ILE A 84 12.61 3.68 -0.61
CA ILE A 84 12.42 3.95 0.83
C ILE A 84 13.15 5.22 1.24
N GLN A 85 12.84 5.70 2.45
CA GLN A 85 13.46 6.91 2.99
C GLN A 85 13.43 6.88 4.51
N GLN A 86 14.40 7.54 5.13
CA GLN A 86 14.48 7.60 6.59
C GLN A 86 14.58 9.04 7.07
N ASP A 87 14.18 9.27 8.32
CA ASP A 87 14.23 10.61 8.90
C ASP A 87 15.02 10.61 10.20
N GLY A 88 14.35 10.27 11.29
CA GLY A 88 15.01 10.24 12.59
C GLY A 88 14.94 8.86 13.22
N PRO A 89 14.20 8.71 14.33
CA PRO A 89 14.06 7.42 15.02
C PRO A 89 13.07 6.50 14.31
N THR A 90 12.65 6.89 13.11
CA THR A 90 11.69 6.10 12.34
C THR A 90 12.12 6.00 10.88
N ILE A 91 11.35 5.26 10.10
CA ILE A 91 11.63 5.07 8.68
C ILE A 91 10.35 4.82 7.90
N ARG A 92 10.28 5.35 6.68
CA ARG A 92 9.10 5.20 5.85
C ARG A 92 9.47 4.67 4.46
N TYR A 93 8.63 3.81 3.92
CA TYR A 93 8.85 3.25 2.59
C TYR A 93 7.65 3.52 1.68
N LEU A 94 7.88 3.54 0.38
CA LEU A 94 6.82 3.79 -0.58
C LEU A 94 7.11 3.17 -1.94
N ILE A 95 6.08 2.66 -2.59
CA ILE A 95 6.22 2.03 -3.91
C ILE A 95 5.21 2.63 -4.89
N GLN A 96 5.46 2.45 -6.18
CA GLN A 96 4.56 2.96 -7.21
C GLN A 96 4.69 2.15 -8.50
N LYS A 97 3.68 2.27 -9.36
CA LYS A 97 3.68 1.54 -10.63
C LYS A 97 3.52 2.50 -11.80
N MET A 1 1.58 -34.83 -3.83
CA MET A 1 2.52 -33.73 -3.48
C MET A 1 2.64 -32.71 -4.61
N GLY A 2 2.61 -33.21 -5.85
CA GLY A 2 2.72 -32.33 -7.00
C GLY A 2 1.40 -31.69 -7.36
N SER A 3 0.97 -30.72 -6.54
CA SER A 3 -0.29 -30.03 -6.77
C SER A 3 -0.04 -28.73 -7.54
N SER A 4 -0.98 -28.39 -8.42
CA SER A 4 -0.88 -27.17 -9.22
C SER A 4 -2.03 -26.22 -8.92
N HIS A 5 -2.58 -26.34 -7.72
CA HIS A 5 -3.69 -25.49 -7.30
C HIS A 5 -3.32 -24.67 -6.08
N HIS A 6 -2.08 -24.18 -6.04
CA HIS A 6 -1.60 -23.37 -4.94
C HIS A 6 -1.51 -21.91 -5.32
N HIS A 7 -1.22 -21.66 -6.60
CA HIS A 7 -1.09 -20.30 -7.11
C HIS A 7 -1.73 -20.17 -8.49
N HIS A 8 -2.91 -19.57 -8.54
CA HIS A 8 -3.62 -19.40 -9.80
C HIS A 8 -4.10 -17.97 -9.96
N HIS A 9 -4.58 -17.63 -11.16
CA HIS A 9 -5.07 -16.29 -11.44
C HIS A 9 -6.40 -16.03 -10.73
N HIS A 10 -6.52 -14.87 -10.11
CA HIS A 10 -7.74 -14.49 -9.40
C HIS A 10 -8.49 -13.38 -10.12
N SER A 11 -8.51 -13.46 -11.45
CA SER A 11 -9.19 -12.46 -12.26
C SER A 11 -10.65 -12.85 -12.49
N SER A 12 -11.55 -11.90 -12.24
CA SER A 12 -12.97 -12.15 -12.42
C SER A 12 -13.59 -11.14 -13.38
N GLY A 13 -12.93 -9.98 -13.52
CA GLY A 13 -13.43 -8.95 -14.41
C GLY A 13 -12.38 -8.51 -15.41
N LEU A 14 -12.21 -9.28 -16.47
CA LEU A 14 -11.24 -8.97 -17.51
C LEU A 14 -11.92 -8.57 -18.81
N VAL A 15 -13.17 -8.13 -18.71
CA VAL A 15 -13.93 -7.72 -19.88
C VAL A 15 -14.37 -6.26 -19.77
N PRO A 16 -13.69 -5.34 -20.48
CA PRO A 16 -14.01 -3.92 -20.45
C PRO A 16 -15.19 -3.56 -21.33
N ARG A 17 -16.11 -4.51 -21.49
CA ARG A 17 -17.30 -4.31 -22.32
C ARG A 17 -18.32 -3.44 -21.60
N GLY A 18 -18.19 -3.36 -20.28
CA GLY A 18 -19.11 -2.56 -19.49
C GLY A 18 -18.40 -1.47 -18.71
N SER A 19 -18.79 -1.27 -17.45
CA SER A 19 -18.19 -0.26 -16.60
C SER A 19 -17.76 -0.85 -15.27
N HIS A 20 -16.45 -0.74 -14.98
CA HIS A 20 -15.90 -1.27 -13.74
C HIS A 20 -15.31 -0.16 -12.88
N MET A 21 -15.81 -0.01 -11.67
CA MET A 21 -15.33 1.00 -10.75
C MET A 21 -14.05 0.54 -10.06
N LYS A 22 -12.95 0.53 -10.80
CA LYS A 22 -11.66 0.10 -10.27
C LYS A 22 -11.19 1.05 -9.16
N ASN A 23 -10.20 0.61 -8.39
CA ASN A 23 -9.66 1.42 -7.30
C ASN A 23 -8.78 2.53 -7.84
N ILE A 24 -8.04 3.17 -6.94
CA ILE A 24 -7.15 4.27 -7.32
C ILE A 24 -5.68 3.85 -7.19
N VAL A 25 -4.79 4.83 -7.32
CA VAL A 25 -3.35 4.55 -7.21
C VAL A 25 -2.99 4.09 -5.79
N PRO A 26 -3.40 4.85 -4.74
CA PRO A 26 -3.10 4.48 -3.36
C PRO A 26 -3.57 3.07 -3.03
N ASP A 27 -2.65 2.12 -3.03
CA ASP A 27 -2.97 0.72 -2.77
C ASP A 27 -3.14 0.47 -1.27
N TYR A 28 -2.03 0.31 -0.55
CA TYR A 28 -2.10 0.02 0.88
C TYR A 28 -1.12 0.86 1.69
N ARG A 29 -1.32 0.86 3.01
CA ARG A 29 -0.45 1.60 3.93
C ARG A 29 -0.09 0.75 5.14
N LEU A 30 1.15 0.88 5.61
CA LEU A 30 1.64 0.14 6.77
C LEU A 30 2.39 1.07 7.72
N ASP A 31 1.65 1.76 8.59
CA ASP A 31 2.26 2.69 9.54
C ASP A 31 2.31 2.10 10.95
N MET A 32 3.16 1.09 11.13
CA MET A 32 3.31 0.45 12.43
C MET A 32 4.79 0.19 12.76
N VAL A 33 5.19 -1.07 12.73
CA VAL A 33 6.56 -1.46 13.01
C VAL A 33 7.06 -2.46 11.97
N GLY A 34 8.34 -2.33 11.59
CA GLY A 34 8.90 -3.25 10.61
C GLY A 34 8.81 -4.69 11.05
N GLU A 35 8.48 -4.90 12.32
CA GLU A 35 8.34 -6.24 12.88
C GLU A 35 7.21 -7.00 12.17
N PRO A 36 7.23 -8.35 12.26
CA PRO A 36 6.20 -9.18 11.63
C PRO A 36 4.81 -8.89 12.17
N CYS A 37 4.14 -7.89 11.59
CA CYS A 37 2.81 -7.51 12.01
C CYS A 37 1.77 -8.51 11.53
N PRO A 38 0.56 -8.51 12.13
CA PRO A 38 -0.52 -9.43 11.75
C PRO A 38 -1.01 -9.17 10.33
N TYR A 39 -1.05 -7.90 9.95
CA TYR A 39 -1.50 -7.51 8.61
C TYR A 39 -0.58 -6.44 8.02
N PRO A 40 0.69 -6.79 7.75
CA PRO A 40 1.67 -5.87 7.21
C PRO A 40 1.76 -5.93 5.68
N ALA A 41 2.97 -6.19 5.17
CA ALA A 41 3.20 -6.27 3.72
C ALA A 41 2.33 -7.32 3.05
N VAL A 42 1.57 -8.07 3.84
CA VAL A 42 0.69 -9.10 3.30
C VAL A 42 -0.12 -8.56 2.13
N ALA A 43 -0.47 -7.29 2.22
CA ALA A 43 -1.23 -6.61 1.16
C ALA A 43 -0.36 -6.36 -0.06
N THR A 44 0.89 -5.97 0.17
CA THR A 44 1.82 -5.69 -0.91
C THR A 44 1.91 -6.87 -1.87
N LEU A 45 2.19 -8.05 -1.33
CA LEU A 45 2.31 -9.26 -2.14
C LEU A 45 0.98 -9.58 -2.82
N GLU A 46 -0.12 -9.39 -2.10
CA GLU A 46 -1.44 -9.65 -2.64
C GLU A 46 -1.78 -8.66 -3.76
N ALA A 47 -1.08 -7.54 -3.75
CA ALA A 47 -1.27 -6.51 -4.77
C ALA A 47 -0.70 -6.96 -6.10
N MET A 48 0.36 -7.78 -6.04
CA MET A 48 1.01 -8.29 -7.24
C MET A 48 -0.01 -8.87 -8.23
N PRO A 49 -0.85 -9.83 -7.81
CA PRO A 49 -1.89 -10.40 -8.67
C PRO A 49 -2.91 -9.35 -9.08
N GLN A 50 -3.33 -8.54 -8.11
CA GLN A 50 -4.30 -7.48 -8.35
C GLN A 50 -3.67 -6.31 -9.12
N LEU A 51 -2.47 -6.53 -9.67
CA LEU A 51 -1.75 -5.51 -10.41
C LEU A 51 -2.65 -4.69 -11.32
N LYS A 52 -2.29 -3.43 -11.51
CA LYS A 52 -3.05 -2.54 -12.36
C LYS A 52 -2.14 -1.47 -12.97
N LYS A 53 -2.74 -0.53 -13.70
CA LYS A 53 -1.98 0.54 -14.33
C LYS A 53 -1.89 1.76 -13.41
N GLY A 54 -1.84 1.51 -12.11
CA GLY A 54 -1.74 2.58 -11.14
C GLY A 54 -1.79 2.08 -9.71
N GLU A 55 -0.63 2.01 -9.07
CA GLU A 55 -0.54 1.55 -7.69
C GLU A 55 0.39 2.44 -6.86
N ILE A 56 0.22 2.40 -5.55
CA ILE A 56 1.02 3.21 -4.64
C ILE A 56 0.98 2.62 -3.22
N LEU A 57 1.98 2.93 -2.42
CA LEU A 57 2.04 2.43 -1.05
C LEU A 57 2.72 3.43 -0.14
N GLU A 58 2.43 3.28 1.14
CA GLU A 58 3.09 4.10 2.13
C GLU A 58 3.35 3.28 3.39
N VAL A 59 4.56 3.41 3.94
CA VAL A 59 4.93 2.64 5.13
C VAL A 59 5.62 3.54 6.14
N VAL A 60 5.08 3.56 7.36
CA VAL A 60 5.66 4.32 8.45
C VAL A 60 5.86 3.43 9.66
N SER A 61 7.05 2.87 9.79
CA SER A 61 7.34 1.95 10.88
C SER A 61 8.68 2.23 11.52
N ASP A 62 8.92 1.58 12.65
CA ASP A 62 10.18 1.73 13.38
C ASP A 62 10.93 0.40 13.44
N CYS A 63 12.18 0.41 12.97
CA CYS A 63 12.99 -0.80 12.96
C CYS A 63 14.45 -0.48 13.24
N PRO A 64 15.00 -0.99 14.36
CA PRO A 64 16.40 -0.75 14.74
C PRO A 64 17.37 -1.24 13.68
N GLN A 65 16.97 -2.29 12.96
CA GLN A 65 17.81 -2.86 11.91
C GLN A 65 17.76 -2.00 10.65
N SER A 66 18.19 -2.58 9.52
CA SER A 66 18.19 -1.87 8.25
C SER A 66 17.31 -2.56 7.23
N ILE A 67 17.09 -3.85 7.42
CA ILE A 67 16.27 -4.64 6.50
C ILE A 67 14.87 -4.04 6.36
N ASN A 68 14.50 -3.72 5.12
CA ASN A 68 13.19 -3.15 4.84
C ASN A 68 12.12 -4.24 4.81
N ASN A 69 11.08 -4.08 5.63
CA ASN A 69 10.01 -5.07 5.72
C ASN A 69 9.09 -5.07 4.49
N ILE A 70 8.06 -4.23 4.55
CA ILE A 70 7.04 -4.17 3.50
C ILE A 70 7.63 -4.14 2.09
N PRO A 71 8.54 -3.20 1.78
CA PRO A 71 9.13 -3.09 0.45
C PRO A 71 9.87 -4.35 0.01
N LEU A 72 10.35 -5.13 0.97
CA LEU A 72 11.07 -6.37 0.66
C LEU A 72 10.14 -7.38 -0.01
N ASP A 73 8.90 -7.43 0.48
CA ASP A 73 7.91 -8.35 -0.06
C ASP A 73 7.66 -8.05 -1.54
N ALA A 74 7.42 -6.79 -1.84
CA ALA A 74 7.18 -6.38 -3.23
C ALA A 74 8.45 -6.44 -4.05
N ARG A 75 9.60 -6.29 -3.38
CA ARG A 75 10.89 -6.34 -4.04
C ARG A 75 11.23 -7.76 -4.47
N ASN A 76 10.83 -8.73 -3.66
CA ASN A 76 11.09 -10.13 -3.95
C ASN A 76 10.41 -10.56 -5.25
N HIS A 77 9.09 -10.54 -5.24
CA HIS A 77 8.31 -10.92 -6.41
C HIS A 77 8.56 -9.96 -7.58
N GLY A 78 8.85 -8.70 -7.24
CA GLY A 78 9.11 -7.70 -8.26
C GLY A 78 7.85 -7.02 -8.74
N TYR A 79 7.56 -5.84 -8.18
CA TYR A 79 6.38 -5.07 -8.56
C TYR A 79 6.72 -4.06 -9.65
N THR A 80 6.82 -2.80 -9.28
CA THR A 80 7.14 -1.73 -10.22
C THR A 80 8.23 -0.82 -9.67
N VAL A 81 7.87 -0.04 -8.64
CA VAL A 81 8.81 0.88 -8.02
C VAL A 81 8.90 0.64 -6.51
N LEU A 82 10.10 0.33 -6.04
CA LEU A 82 10.34 0.07 -4.62
C LEU A 82 11.43 1.01 -4.10
N ASP A 83 11.02 2.02 -3.34
CA ASP A 83 11.96 2.99 -2.77
C ASP A 83 11.69 3.22 -1.30
N ILE A 84 12.71 3.67 -0.57
CA ILE A 84 12.57 3.93 0.86
C ILE A 84 13.28 5.22 1.27
N GLN A 85 13.10 5.61 2.52
CA GLN A 85 13.72 6.81 3.06
C GLN A 85 13.87 6.69 4.57
N GLN A 86 14.72 7.53 5.15
CA GLN A 86 14.95 7.51 6.60
C GLN A 86 15.19 8.92 7.13
N ASP A 87 14.79 9.15 8.37
CA ASP A 87 14.96 10.47 9.00
C ASP A 87 15.88 10.37 10.21
N GLY A 88 15.31 9.95 11.34
CA GLY A 88 16.09 9.82 12.56
C GLY A 88 15.71 8.59 13.36
N PRO A 89 14.71 8.71 14.25
CA PRO A 89 14.27 7.58 15.08
C PRO A 89 13.25 6.70 14.38
N THR A 90 12.89 7.04 13.15
CA THR A 90 11.92 6.27 12.38
C THR A 90 12.36 6.09 10.94
N ILE A 91 11.59 5.33 10.19
CA ILE A 91 11.89 5.07 8.79
C ILE A 91 10.60 4.92 7.97
N ARG A 92 10.63 5.42 6.74
CA ARG A 92 9.46 5.37 5.87
C ARG A 92 9.78 4.65 4.55
N TYR A 93 8.87 3.78 4.14
CA TYR A 93 9.02 3.02 2.89
C TYR A 93 7.80 3.27 2.00
N LEU A 94 8.00 3.31 0.69
CA LEU A 94 6.88 3.56 -0.22
C LEU A 94 7.14 2.97 -1.60
N ILE A 95 6.06 2.56 -2.26
CA ILE A 95 6.14 1.99 -3.60
C ILE A 95 5.10 2.65 -4.51
N GLN A 96 5.34 2.61 -5.82
CA GLN A 96 4.41 3.21 -6.77
C GLN A 96 4.42 2.45 -8.09
N LYS A 97 3.58 2.90 -9.03
CA LYS A 97 3.49 2.28 -10.34
C LYS A 97 3.38 3.34 -11.43
N MET A 1 -29.45 -13.85 19.31
CA MET A 1 -28.80 -12.65 19.90
C MET A 1 -28.19 -12.96 21.26
N GLY A 2 -26.87 -12.92 21.33
CA GLY A 2 -26.18 -13.21 22.58
C GLY A 2 -26.03 -11.97 23.45
N SER A 3 -26.89 -10.99 23.23
CA SER A 3 -26.86 -9.75 24.02
C SER A 3 -28.21 -9.46 24.64
N SER A 4 -28.20 -8.84 25.81
CA SER A 4 -29.43 -8.50 26.53
C SER A 4 -29.58 -6.99 26.68
N HIS A 5 -28.77 -6.41 27.56
CA HIS A 5 -28.81 -4.98 27.80
C HIS A 5 -27.54 -4.30 27.29
N HIS A 6 -26.80 -5.01 26.44
CA HIS A 6 -25.56 -4.48 25.88
C HIS A 6 -25.83 -3.24 25.04
N HIS A 7 -24.82 -2.38 24.93
CA HIS A 7 -24.95 -1.15 24.16
C HIS A 7 -24.83 -1.42 22.66
N HIS A 8 -24.47 -2.65 22.32
CA HIS A 8 -24.32 -3.04 20.92
C HIS A 8 -24.90 -4.43 20.68
N HIS A 9 -25.89 -4.50 19.79
CA HIS A 9 -26.52 -5.77 19.46
C HIS A 9 -26.21 -6.18 18.03
N HIS A 10 -27.02 -7.08 17.47
CA HIS A 10 -26.82 -7.56 16.11
C HIS A 10 -27.25 -6.49 15.09
N SER A 11 -26.30 -5.62 14.73
CA SER A 11 -26.58 -4.55 13.78
C SER A 11 -25.62 -4.63 12.59
N SER A 12 -25.48 -3.52 11.87
CA SER A 12 -24.61 -3.48 10.71
C SER A 12 -23.15 -3.32 11.13
N GLY A 13 -22.58 -4.40 11.68
CA GLY A 13 -21.20 -4.37 12.12
C GLY A 13 -20.39 -5.53 11.59
N LEU A 14 -20.17 -5.53 10.28
CA LEU A 14 -19.40 -6.59 9.64
C LEU A 14 -18.02 -6.10 9.22
N VAL A 15 -17.97 -4.89 8.66
CA VAL A 15 -16.72 -4.31 8.20
C VAL A 15 -16.22 -3.24 9.18
N PRO A 16 -14.90 -3.09 9.32
CA PRO A 16 -14.31 -2.10 10.23
C PRO A 16 -14.53 -0.67 9.75
N ARG A 17 -13.67 0.24 10.20
CA ARG A 17 -13.78 1.64 9.81
C ARG A 17 -13.43 1.84 8.34
N GLY A 18 -14.45 1.77 7.48
CA GLY A 18 -14.24 1.93 6.06
C GLY A 18 -15.05 3.09 5.49
N SER A 19 -14.42 4.24 5.34
CA SER A 19 -15.09 5.42 4.81
C SER A 19 -15.52 5.21 3.37
N HIS A 20 -14.55 5.16 2.46
CA HIS A 20 -14.84 4.97 1.04
C HIS A 20 -14.22 3.67 0.52
N MET A 21 -14.34 3.46 -0.79
CA MET A 21 -13.79 2.26 -1.42
C MET A 21 -12.28 2.38 -1.60
N LYS A 22 -11.73 1.50 -2.44
CA LYS A 22 -10.29 1.50 -2.71
C LYS A 22 -10.03 1.60 -4.21
N ASN A 23 -10.37 2.75 -4.80
CA ASN A 23 -10.16 2.97 -6.22
C ASN A 23 -9.21 4.14 -6.45
N ILE A 24 -8.28 4.33 -5.52
CA ILE A 24 -7.31 5.42 -5.62
C ILE A 24 -5.91 4.86 -5.85
N VAL A 25 -4.95 5.76 -6.08
CA VAL A 25 -3.57 5.36 -6.31
C VAL A 25 -2.95 4.68 -5.09
N PRO A 26 -3.07 5.29 -3.89
CA PRO A 26 -2.51 4.70 -2.66
C PRO A 26 -3.12 3.34 -2.36
N ASP A 27 -2.44 2.28 -2.79
CA ASP A 27 -2.93 0.92 -2.57
C ASP A 27 -3.09 0.61 -1.09
N TYR A 28 -1.97 0.40 -0.40
CA TYR A 28 -2.02 0.07 1.03
C TYR A 28 -1.02 0.88 1.85
N ARG A 29 -1.22 0.88 3.16
CA ARG A 29 -0.34 1.59 4.08
C ARG A 29 0.01 0.73 5.29
N LEU A 30 1.26 0.84 5.74
CA LEU A 30 1.74 0.09 6.90
C LEU A 30 2.53 0.99 7.83
N ASP A 31 1.81 1.72 8.69
CA ASP A 31 2.44 2.67 9.62
C ASP A 31 2.50 2.11 11.03
N MET A 32 3.31 1.07 11.22
CA MET A 32 3.47 0.46 12.53
C MET A 32 4.94 0.15 12.83
N VAL A 33 5.28 -1.14 12.85
CA VAL A 33 6.65 -1.56 13.12
C VAL A 33 7.06 -2.67 12.14
N GLY A 34 8.33 -2.66 11.75
CA GLY A 34 8.82 -3.68 10.83
C GLY A 34 8.75 -5.08 11.43
N GLU A 35 8.37 -5.15 12.70
CA GLU A 35 8.24 -6.43 13.40
C GLU A 35 7.14 -7.27 12.77
N PRO A 36 7.16 -8.60 13.00
CA PRO A 36 6.16 -9.52 12.46
C PRO A 36 4.74 -9.12 12.84
N CYS A 37 4.08 -8.36 11.97
CA CYS A 37 2.72 -7.90 12.23
C CYS A 37 1.71 -8.90 11.67
N PRO A 38 0.51 -8.98 12.29
CA PRO A 38 -0.54 -9.90 11.87
C PRO A 38 -0.78 -9.88 10.36
N TYR A 39 -1.15 -8.72 9.82
CA TYR A 39 -1.39 -8.58 8.39
C TYR A 39 -0.86 -7.26 7.86
N PRO A 40 0.47 -7.13 7.74
CA PRO A 40 1.12 -5.92 7.26
C PRO A 40 1.32 -5.93 5.74
N ALA A 41 2.52 -6.28 5.30
CA ALA A 41 2.85 -6.32 3.87
C ALA A 41 1.98 -7.31 3.12
N VAL A 42 1.14 -8.04 3.85
CA VAL A 42 0.26 -9.03 3.23
C VAL A 42 -0.46 -8.42 2.02
N ALA A 43 -0.73 -7.12 2.10
CA ALA A 43 -1.38 -6.41 1.01
C ALA A 43 -0.41 -6.21 -0.16
N THR A 44 0.81 -5.80 0.16
CA THR A 44 1.83 -5.54 -0.86
C THR A 44 1.93 -6.68 -1.87
N LEU A 45 2.12 -7.90 -1.36
CA LEU A 45 2.27 -9.07 -2.22
C LEU A 45 1.01 -9.33 -3.04
N GLU A 46 -0.12 -9.51 -2.35
CA GLU A 46 -1.39 -9.78 -3.02
C GLU A 46 -1.77 -8.64 -3.95
N ALA A 47 -1.12 -7.50 -3.78
CA ALA A 47 -1.38 -6.33 -4.61
C ALA A 47 -0.82 -6.54 -6.03
N MET A 48 0.34 -7.18 -6.10
CA MET A 48 0.99 -7.43 -7.39
C MET A 48 0.00 -8.02 -8.41
N PRO A 49 -0.69 -9.13 -8.06
CA PRO A 49 -1.67 -9.73 -8.96
C PRO A 49 -2.80 -8.76 -9.28
N GLN A 50 -3.51 -8.33 -8.24
CA GLN A 50 -4.61 -7.38 -8.38
C GLN A 50 -4.11 -5.96 -8.69
N LEU A 51 -2.90 -5.85 -9.25
CA LEU A 51 -2.31 -4.55 -9.57
C LEU A 51 -3.25 -3.69 -10.40
N LYS A 52 -2.81 -2.48 -10.68
CA LYS A 52 -3.59 -1.53 -11.46
C LYS A 52 -2.68 -0.47 -12.06
N LYS A 53 -3.19 0.27 -13.04
CA LYS A 53 -2.41 1.33 -13.70
C LYS A 53 -2.25 2.54 -12.78
N GLY A 54 -2.37 2.33 -11.48
CA GLY A 54 -2.22 3.40 -10.52
C GLY A 54 -2.13 2.90 -9.10
N GLU A 55 -1.03 2.23 -8.79
CA GLU A 55 -0.82 1.66 -7.46
C GLU A 55 0.29 2.40 -6.72
N ILE A 56 0.20 2.38 -5.40
CA ILE A 56 1.18 3.05 -4.55
C ILE A 56 1.11 2.49 -3.12
N LEU A 57 2.19 2.66 -2.36
CA LEU A 57 2.22 2.19 -0.99
C LEU A 57 2.93 3.18 -0.10
N GLU A 58 2.72 3.01 1.19
CA GLU A 58 3.41 3.82 2.17
C GLU A 58 3.63 3.02 3.44
N VAL A 59 4.87 3.01 3.92
CA VAL A 59 5.20 2.25 5.12
C VAL A 59 5.95 3.11 6.13
N VAL A 60 5.31 3.34 7.28
CA VAL A 60 5.93 4.11 8.34
C VAL A 60 6.08 3.26 9.59
N SER A 61 7.27 2.70 9.77
CA SER A 61 7.52 1.83 10.91
C SER A 61 8.88 2.10 11.53
N ASP A 62 9.12 1.46 12.66
CA ASP A 62 10.39 1.61 13.37
C ASP A 62 11.13 0.27 13.44
N CYS A 63 12.41 0.29 13.10
CA CYS A 63 13.22 -0.93 13.11
C CYS A 63 14.71 -0.61 13.19
N PRO A 64 15.47 -1.39 13.98
CA PRO A 64 16.91 -1.18 14.12
C PRO A 64 17.70 -1.78 12.97
N GLN A 65 17.01 -2.08 11.87
CA GLN A 65 17.65 -2.65 10.69
C GLN A 65 17.54 -1.72 9.50
N SER A 66 17.82 -2.25 8.31
CA SER A 66 17.77 -1.46 7.09
C SER A 66 16.46 -1.69 6.34
N ILE A 67 16.32 -2.87 5.74
CA ILE A 67 15.12 -3.22 5.00
C ILE A 67 14.03 -3.74 5.92
N ASN A 68 12.79 -3.36 5.65
CA ASN A 68 11.66 -3.79 6.46
C ASN A 68 10.96 -4.97 5.82
N ASN A 69 9.89 -5.44 6.47
CA ASN A 69 9.13 -6.58 5.98
C ASN A 69 8.30 -6.23 4.75
N ILE A 70 7.73 -5.02 4.74
CA ILE A 70 6.87 -4.60 3.63
C ILE A 70 7.69 -4.40 2.34
N PRO A 71 8.80 -3.65 2.37
CA PRO A 71 9.63 -3.42 1.19
C PRO A 71 10.23 -4.71 0.63
N LEU A 72 10.60 -5.61 1.52
CA LEU A 72 11.19 -6.88 1.13
C LEU A 72 10.16 -7.77 0.43
N ASP A 73 8.89 -7.55 0.73
CA ASP A 73 7.82 -8.33 0.13
C ASP A 73 7.68 -8.03 -1.35
N ALA A 74 7.43 -6.76 -1.67
CA ALA A 74 7.27 -6.34 -3.06
C ALA A 74 8.56 -6.55 -3.85
N ARG A 75 9.69 -6.34 -3.19
CA ARG A 75 10.99 -6.52 -3.83
C ARG A 75 11.21 -7.97 -4.23
N ASN A 76 10.61 -8.89 -3.47
CA ASN A 76 10.72 -10.32 -3.74
C ASN A 76 10.06 -10.68 -5.07
N HIS A 77 8.73 -10.63 -5.08
CA HIS A 77 7.97 -10.94 -6.28
C HIS A 77 8.38 -10.04 -7.44
N GLY A 78 8.69 -8.79 -7.12
CA GLY A 78 9.12 -7.85 -8.15
C GLY A 78 7.99 -6.98 -8.65
N TYR A 79 7.66 -5.94 -7.88
CA TYR A 79 6.61 -5.01 -8.27
C TYR A 79 7.14 -3.99 -9.27
N THR A 80 6.47 -2.85 -9.37
CA THR A 80 6.90 -1.80 -10.29
C THR A 80 8.17 -1.13 -9.77
N VAL A 81 8.01 -0.23 -8.81
CA VAL A 81 9.15 0.48 -8.22
C VAL A 81 9.09 0.40 -6.69
N LEU A 82 10.27 0.34 -6.08
CA LEU A 82 10.40 0.26 -4.64
C LEU A 82 11.36 1.33 -4.12
N ASP A 83 10.84 2.31 -3.40
CA ASP A 83 11.66 3.39 -2.86
C ASP A 83 11.45 3.54 -1.36
N ILE A 84 12.41 4.19 -0.70
CA ILE A 84 12.33 4.39 0.74
C ILE A 84 12.83 5.77 1.15
N GLN A 85 12.82 6.03 2.45
CA GLN A 85 13.28 7.29 3.00
C GLN A 85 13.74 7.10 4.44
N GLN A 86 14.08 8.19 5.11
CA GLN A 86 14.54 8.12 6.50
C GLN A 86 13.90 9.22 7.34
N ASP A 87 13.11 8.81 8.33
CA ASP A 87 12.44 9.76 9.23
C ASP A 87 13.12 9.75 10.60
N GLY A 88 12.56 10.53 11.52
CA GLY A 88 13.11 10.59 12.86
C GLY A 88 12.05 10.65 13.94
N PRO A 89 11.98 9.63 14.83
CA PRO A 89 12.87 8.49 14.84
C PRO A 89 12.26 7.25 14.21
N THR A 90 12.02 7.30 12.90
CA THR A 90 11.42 6.18 12.19
C THR A 90 11.93 6.10 10.75
N ILE A 91 11.36 5.19 9.98
CA ILE A 91 11.75 5.00 8.58
C ILE A 91 10.51 4.85 7.69
N ARG A 92 10.64 5.24 6.43
CA ARG A 92 9.52 5.21 5.50
C ARG A 92 9.84 4.37 4.26
N TYR A 93 8.83 3.64 3.77
CA TYR A 93 8.97 2.82 2.56
C TYR A 93 7.74 2.98 1.68
N LEU A 94 7.94 3.50 0.46
CA LEU A 94 6.82 3.71 -0.45
C LEU A 94 7.11 3.18 -1.84
N ILE A 95 6.07 2.68 -2.50
CA ILE A 95 6.20 2.14 -3.85
C ILE A 95 5.15 2.75 -4.77
N GLN A 96 5.35 2.65 -6.07
CA GLN A 96 4.41 3.20 -7.04
C GLN A 96 4.40 2.36 -8.32
N LYS A 97 3.27 2.38 -9.03
CA LYS A 97 3.13 1.62 -10.27
C LYS A 97 2.75 2.54 -11.43
N MET A 1 -2.42 33.70 -31.37
CA MET A 1 -1.77 34.62 -30.41
C MET A 1 -2.57 35.92 -30.27
N GLY A 2 -3.16 36.36 -31.36
CA GLY A 2 -3.95 37.58 -31.35
C GLY A 2 -5.28 37.40 -30.65
N SER A 3 -6.35 37.34 -31.42
CA SER A 3 -7.70 37.17 -30.88
C SER A 3 -8.35 35.89 -31.40
N SER A 4 -7.52 34.90 -31.72
CA SER A 4 -8.02 33.64 -32.24
C SER A 4 -8.85 32.91 -31.20
N HIS A 5 -10.17 32.98 -31.34
CA HIS A 5 -11.08 32.32 -30.42
C HIS A 5 -11.55 30.98 -30.97
N HIS A 6 -11.13 29.90 -30.32
CA HIS A 6 -11.50 28.55 -30.75
C HIS A 6 -12.79 28.11 -30.08
N HIS A 7 -13.91 28.72 -30.48
CA HIS A 7 -15.20 28.37 -29.92
C HIS A 7 -15.95 27.40 -30.83
N HIS A 8 -15.74 26.10 -30.60
CA HIS A 8 -16.38 25.07 -31.41
C HIS A 8 -17.79 24.78 -30.89
N HIS A 9 -17.93 23.72 -30.11
CA HIS A 9 -19.23 23.33 -29.56
C HIS A 9 -19.10 22.87 -28.12
N HIS A 10 -20.14 22.21 -27.62
CA HIS A 10 -20.15 21.69 -26.25
C HIS A 10 -19.83 20.20 -26.24
N SER A 11 -19.17 19.75 -25.17
CA SER A 11 -18.81 18.35 -25.02
C SER A 11 -19.99 17.53 -24.48
N SER A 12 -20.41 16.55 -25.26
CA SER A 12 -21.53 15.69 -24.85
C SER A 12 -21.07 14.26 -24.63
N GLY A 13 -19.90 14.11 -24.01
CA GLY A 13 -19.37 12.79 -23.74
C GLY A 13 -20.23 12.01 -22.76
N LEU A 14 -20.06 10.69 -22.75
CA LEU A 14 -20.83 9.83 -21.86
C LEU A 14 -20.07 9.59 -20.55
N VAL A 15 -18.92 10.23 -20.41
CA VAL A 15 -18.10 10.08 -19.21
C VAL A 15 -18.11 11.37 -18.39
N PRO A 16 -18.55 11.29 -17.11
CA PRO A 16 -18.60 12.45 -16.23
C PRO A 16 -17.21 13.00 -15.88
N ARG A 17 -16.46 12.24 -15.10
CA ARG A 17 -15.12 12.65 -14.69
C ARG A 17 -14.06 11.76 -15.34
N GLY A 18 -13.74 10.65 -14.68
CA GLY A 18 -12.74 9.73 -15.21
C GLY A 18 -13.13 8.29 -15.00
N SER A 19 -13.40 7.59 -16.09
CA SER A 19 -13.79 6.18 -16.04
C SER A 19 -12.58 5.29 -16.28
N HIS A 20 -11.39 5.85 -16.10
CA HIS A 20 -10.15 5.09 -16.30
C HIS A 20 -9.66 4.51 -14.98
N MET A 21 -9.34 5.39 -14.02
CA MET A 21 -8.86 4.96 -12.72
C MET A 21 -10.03 4.62 -11.80
N LYS A 22 -10.66 3.48 -12.06
CA LYS A 22 -11.79 3.03 -11.26
C LYS A 22 -11.58 1.60 -10.76
N ASN A 23 -10.48 0.98 -11.20
CA ASN A 23 -10.17 -0.38 -10.81
C ASN A 23 -9.65 -0.43 -9.37
N ILE A 24 -9.32 -1.63 -8.92
CA ILE A 24 -8.81 -1.82 -7.55
C ILE A 24 -7.39 -1.26 -7.42
N VAL A 25 -7.27 -0.08 -6.85
CA VAL A 25 -5.97 0.55 -6.67
C VAL A 25 -5.37 0.18 -5.32
N PRO A 26 -4.08 -0.22 -5.29
CA PRO A 26 -3.39 -0.61 -4.06
C PRO A 26 -3.41 0.50 -3.01
N ASP A 27 -2.43 1.41 -3.09
CA ASP A 27 -2.32 2.51 -2.15
C ASP A 27 -2.62 2.05 -0.73
N TYR A 28 -1.77 1.17 -0.22
CA TYR A 28 -1.95 0.63 1.13
C TYR A 28 -0.98 1.30 2.10
N ARG A 29 -1.30 1.22 3.40
CA ARG A 29 -0.46 1.85 4.41
C ARG A 29 -0.10 0.87 5.52
N LEU A 30 1.20 0.81 5.82
CA LEU A 30 1.72 -0.04 6.89
C LEU A 30 2.46 0.82 7.90
N ASP A 31 1.71 1.53 8.75
CA ASP A 31 2.31 2.44 9.71
C ASP A 31 2.36 1.85 11.11
N MET A 32 3.19 0.82 11.27
CA MET A 32 3.37 0.17 12.56
C MET A 32 4.85 -0.11 12.84
N VAL A 33 5.20 -1.39 12.85
CA VAL A 33 6.58 -1.80 13.09
C VAL A 33 6.99 -2.90 12.10
N GLY A 34 8.24 -2.85 11.66
CA GLY A 34 8.74 -3.86 10.74
C GLY A 34 8.90 -5.22 11.40
N GLU A 35 8.06 -6.17 11.00
CA GLU A 35 8.12 -7.52 11.57
C GLU A 35 8.32 -8.56 10.47
N PRO A 36 9.13 -9.60 10.74
CA PRO A 36 9.41 -10.67 9.76
C PRO A 36 8.17 -11.49 9.43
N CYS A 37 7.38 -11.79 10.45
CA CYS A 37 6.16 -12.58 10.28
C CYS A 37 5.26 -11.96 9.22
N PRO A 38 4.85 -12.75 8.19
CA PRO A 38 3.99 -12.27 7.12
C PRO A 38 2.62 -11.81 7.64
N TYR A 39 2.53 -10.54 8.02
CA TYR A 39 1.29 -9.98 8.54
C TYR A 39 1.06 -8.56 8.01
N PRO A 40 2.04 -7.65 8.18
CA PRO A 40 1.92 -6.27 7.70
C PRO A 40 1.90 -6.18 6.17
N ALA A 41 3.06 -6.43 5.57
CA ALA A 41 3.22 -6.38 4.11
C ALA A 41 2.26 -7.31 3.37
N VAL A 42 1.41 -8.03 4.11
CA VAL A 42 0.45 -8.94 3.49
C VAL A 42 -0.29 -8.24 2.36
N ALA A 43 -0.51 -6.93 2.51
CA ALA A 43 -1.18 -6.15 1.50
C ALA A 43 -0.28 -5.92 0.29
N THR A 44 1.00 -5.71 0.56
CA THR A 44 1.99 -5.48 -0.49
C THR A 44 2.02 -6.63 -1.48
N LEU A 45 2.32 -7.83 -0.97
CA LEU A 45 2.41 -9.02 -1.81
C LEU A 45 1.09 -9.27 -2.55
N GLU A 46 -0.02 -8.90 -1.92
CA GLU A 46 -1.33 -9.07 -2.53
C GLU A 46 -1.53 -8.07 -3.67
N ALA A 47 -0.86 -6.93 -3.55
CA ALA A 47 -0.94 -5.89 -4.57
C ALA A 47 -0.20 -6.28 -5.85
N MET A 48 0.81 -7.14 -5.69
CA MET A 48 1.62 -7.57 -6.83
C MET A 48 0.76 -8.13 -7.96
N PRO A 49 -0.10 -9.15 -7.67
CA PRO A 49 -0.98 -9.73 -8.69
C PRO A 49 -2.09 -8.76 -9.09
N GLN A 50 -2.64 -8.07 -8.09
CA GLN A 50 -3.69 -7.10 -8.32
C GLN A 50 -3.16 -5.84 -8.99
N LEU A 51 -1.89 -5.86 -9.39
CA LEU A 51 -1.25 -4.72 -10.04
C LEU A 51 -2.15 -4.13 -11.12
N LYS A 52 -2.01 -2.83 -11.34
CA LYS A 52 -2.82 -2.14 -12.34
C LYS A 52 -2.01 -1.02 -13.00
N LYS A 53 -2.72 -0.07 -13.59
CA LYS A 53 -2.07 1.05 -14.26
C LYS A 53 -1.79 2.19 -13.28
N GLY A 54 -1.84 1.88 -11.99
CA GLY A 54 -1.58 2.88 -10.97
C GLY A 54 -1.47 2.30 -9.58
N GLU A 55 -0.44 1.49 -9.36
CA GLU A 55 -0.20 0.89 -8.05
C GLU A 55 0.61 1.83 -7.16
N ILE A 56 0.34 1.79 -5.87
CA ILE A 56 1.03 2.65 -4.91
C ILE A 56 1.01 2.03 -3.52
N LEU A 57 2.00 2.37 -2.70
CA LEU A 57 2.06 1.86 -1.34
C LEU A 57 2.59 2.90 -0.40
N GLU A 58 2.39 2.65 0.88
CA GLU A 58 2.90 3.53 1.89
C GLU A 58 3.23 2.75 3.16
N VAL A 59 4.40 3.03 3.74
CA VAL A 59 4.84 2.33 4.93
C VAL A 59 5.46 3.28 5.95
N VAL A 60 5.03 3.15 7.20
CA VAL A 60 5.57 3.96 8.29
C VAL A 60 5.81 3.08 9.52
N SER A 61 6.95 2.41 9.55
CA SER A 61 7.27 1.52 10.65
C SER A 61 8.59 1.91 11.30
N ASP A 62 8.92 1.20 12.38
CA ASP A 62 10.16 1.46 13.10
C ASP A 62 11.05 0.22 13.07
N CYS A 63 12.29 0.40 12.62
CA CYS A 63 13.24 -0.69 12.52
C CYS A 63 14.69 -0.18 12.55
N PRO A 64 15.61 -0.96 13.13
CA PRO A 64 17.02 -0.57 13.23
C PRO A 64 17.79 -0.81 11.93
N GLN A 65 17.08 -1.23 10.90
CA GLN A 65 17.71 -1.50 9.60
C GLN A 65 16.99 -0.75 8.49
N SER A 66 17.68 -0.60 7.36
CA SER A 66 17.11 0.10 6.20
C SER A 66 16.01 -0.74 5.54
N ILE A 67 16.35 -1.99 5.23
CA ILE A 67 15.39 -2.90 4.60
C ILE A 67 14.39 -3.43 5.62
N ASN A 68 13.14 -3.60 5.19
CA ASN A 68 12.09 -4.09 6.08
C ASN A 68 11.26 -5.18 5.39
N ASN A 69 10.19 -5.59 6.04
CA ASN A 69 9.32 -6.64 5.52
C ASN A 69 8.50 -6.15 4.33
N ILE A 70 7.88 -4.99 4.47
CA ILE A 70 7.03 -4.44 3.41
C ILE A 70 7.81 -4.23 2.10
N PRO A 71 9.00 -3.58 2.15
CA PRO A 71 9.81 -3.33 0.95
C PRO A 71 10.36 -4.62 0.35
N LEU A 72 10.81 -5.53 1.21
CA LEU A 72 11.37 -6.80 0.76
C LEU A 72 10.28 -7.69 0.16
N ASP A 73 9.03 -7.41 0.53
CA ASP A 73 7.90 -8.18 0.02
C ASP A 73 7.72 -7.97 -1.48
N ALA A 74 7.46 -6.73 -1.87
CA ALA A 74 7.29 -6.40 -3.28
C ALA A 74 8.52 -6.79 -4.08
N ARG A 75 9.69 -6.53 -3.51
CA ARG A 75 10.95 -6.86 -4.16
C ARG A 75 11.08 -8.37 -4.37
N ASN A 76 10.45 -9.14 -3.48
CA ASN A 76 10.49 -10.60 -3.57
C ASN A 76 9.74 -11.08 -4.81
N HIS A 77 8.42 -10.85 -4.81
CA HIS A 77 7.58 -11.24 -5.94
C HIS A 77 7.99 -10.48 -7.20
N GLY A 78 7.92 -9.16 -7.14
CA GLY A 78 8.28 -8.33 -8.27
C GLY A 78 7.50 -7.04 -8.32
N TYR A 79 8.13 -5.95 -7.88
CA TYR A 79 7.50 -4.65 -7.85
C TYR A 79 7.73 -3.88 -9.15
N THR A 80 7.32 -2.61 -9.14
CA THR A 80 7.55 -1.71 -10.26
C THR A 80 8.49 -0.60 -9.83
N VAL A 81 8.16 0.02 -8.70
CA VAL A 81 8.99 1.08 -8.12
C VAL A 81 9.06 0.90 -6.60
N LEU A 82 10.26 0.62 -6.10
CA LEU A 82 10.46 0.40 -4.66
C LEU A 82 11.51 1.38 -4.12
N ASP A 83 11.05 2.45 -3.48
CA ASP A 83 11.95 3.44 -2.92
C ASP A 83 11.61 3.71 -1.45
N ILE A 84 12.61 4.08 -0.67
CA ILE A 84 12.41 4.33 0.76
C ILE A 84 13.12 5.60 1.20
N GLN A 85 12.92 5.97 2.47
CA GLN A 85 13.53 7.15 3.04
C GLN A 85 13.87 6.91 4.51
N GLN A 86 14.60 7.84 5.11
CA GLN A 86 14.99 7.72 6.51
C GLN A 86 14.54 8.93 7.32
N ASP A 87 13.82 8.67 8.41
CA ASP A 87 13.32 9.73 9.28
C ASP A 87 13.82 9.52 10.70
N GLY A 88 13.34 10.35 11.61
CA GLY A 88 13.75 10.25 13.00
C GLY A 88 12.60 10.47 13.97
N PRO A 89 12.31 9.48 14.84
CA PRO A 89 13.03 8.23 14.95
C PRO A 89 12.30 7.07 14.28
N THR A 90 12.08 7.16 12.96
CA THR A 90 11.37 6.12 12.24
C THR A 90 11.86 6.00 10.80
N ILE A 91 11.18 5.16 10.02
CA ILE A 91 11.54 4.94 8.62
C ILE A 91 10.27 4.76 7.77
N ARG A 92 10.32 5.25 6.53
CA ARG A 92 9.16 5.15 5.64
C ARG A 92 9.52 4.45 4.34
N TYR A 93 8.56 3.71 3.80
CA TYR A 93 8.74 2.97 2.56
C TYR A 93 7.57 3.23 1.62
N LEU A 94 7.86 3.56 0.37
CA LEU A 94 6.80 3.85 -0.61
C LEU A 94 7.08 3.18 -1.94
N ILE A 95 6.01 2.71 -2.59
CA ILE A 95 6.13 2.05 -3.89
C ILE A 95 5.06 2.57 -4.85
N GLN A 96 5.33 2.44 -6.15
CA GLN A 96 4.39 2.89 -7.17
C GLN A 96 4.56 2.11 -8.47
N LYS A 97 3.58 2.23 -9.36
CA LYS A 97 3.64 1.56 -10.66
C LYS A 97 3.50 2.57 -11.80
N MET A 1 -29.61 -3.13 -27.25
CA MET A 1 -29.27 -4.31 -26.41
C MET A 1 -27.78 -4.35 -26.11
N GLY A 2 -27.31 -5.46 -25.54
CA GLY A 2 -25.91 -5.60 -25.21
C GLY A 2 -25.20 -6.57 -26.13
N SER A 3 -24.07 -6.12 -26.67
CA SER A 3 -23.27 -6.95 -27.58
C SER A 3 -21.84 -7.12 -27.06
N SER A 4 -21.37 -6.12 -26.33
CA SER A 4 -20.02 -6.16 -25.78
C SER A 4 -20.04 -6.57 -24.31
N HIS A 5 -19.23 -7.57 -23.97
CA HIS A 5 -19.16 -8.06 -22.60
C HIS A 5 -17.72 -8.06 -22.09
N HIS A 6 -17.54 -7.61 -20.85
CA HIS A 6 -16.23 -7.56 -20.23
C HIS A 6 -16.14 -8.52 -19.05
N HIS A 7 -15.03 -8.45 -18.31
CA HIS A 7 -14.83 -9.30 -17.15
C HIS A 7 -15.35 -8.64 -15.88
N HIS A 8 -14.63 -7.63 -15.41
CA HIS A 8 -15.02 -6.91 -14.21
C HIS A 8 -15.99 -5.78 -14.53
N HIS A 9 -16.48 -5.10 -13.50
CA HIS A 9 -17.42 -4.01 -13.68
C HIS A 9 -16.72 -2.78 -14.25
N HIS A 10 -17.46 -1.68 -14.37
CA HIS A 10 -16.92 -0.44 -14.91
C HIS A 10 -16.73 0.60 -13.81
N SER A 11 -17.77 0.75 -12.98
CA SER A 11 -17.73 1.72 -11.89
C SER A 11 -18.18 1.09 -10.59
N SER A 12 -18.34 1.92 -9.55
CA SER A 12 -18.77 1.44 -8.24
C SER A 12 -20.27 1.18 -8.24
N GLY A 13 -20.83 0.95 -7.04
CA GLY A 13 -22.24 0.68 -6.92
C GLY A 13 -22.90 1.57 -5.88
N LEU A 14 -22.95 1.10 -4.63
CA LEU A 14 -23.56 1.85 -3.55
C LEU A 14 -22.66 1.84 -2.31
N VAL A 15 -21.67 2.72 -2.31
CA VAL A 15 -20.74 2.83 -1.19
C VAL A 15 -20.47 4.30 -0.84
N PRO A 16 -20.91 4.74 0.35
CA PRO A 16 -20.72 6.12 0.80
C PRO A 16 -19.34 6.36 1.40
N ARG A 17 -18.65 5.28 1.77
CA ARG A 17 -17.33 5.37 2.35
C ARG A 17 -16.30 4.64 1.51
N GLY A 18 -15.47 5.39 0.79
CA GLY A 18 -14.44 4.80 -0.04
C GLY A 18 -13.13 4.62 0.68
N SER A 19 -13.17 4.74 2.01
CA SER A 19 -11.98 4.59 2.83
C SER A 19 -11.71 3.13 3.16
N HIS A 20 -10.81 2.88 4.10
CA HIS A 20 -10.46 1.52 4.50
C HIS A 20 -11.71 0.74 4.91
N MET A 21 -12.04 -0.27 4.12
CA MET A 21 -13.21 -1.10 4.38
C MET A 21 -12.81 -2.53 4.70
N LYS A 22 -12.32 -3.24 3.69
CA LYS A 22 -11.90 -4.64 3.86
C LYS A 22 -10.48 -4.84 3.32
N ASN A 23 -10.32 -4.67 2.01
CA ASN A 23 -9.02 -4.84 1.37
C ASN A 23 -8.73 -3.67 0.43
N ILE A 24 -7.50 -3.17 0.50
CA ILE A 24 -7.08 -2.05 -0.35
C ILE A 24 -5.77 -2.37 -1.06
N VAL A 25 -5.78 -2.27 -2.39
CA VAL A 25 -4.59 -2.53 -3.18
C VAL A 25 -3.85 -1.24 -3.52
N PRO A 26 -4.54 -0.24 -4.12
CA PRO A 26 -3.91 1.02 -4.48
C PRO A 26 -3.51 1.83 -3.26
N ASP A 27 -2.20 2.06 -3.11
CA ASP A 27 -1.65 2.81 -1.99
C ASP A 27 -2.21 2.32 -0.67
N TYR A 28 -1.54 1.31 -0.11
CA TYR A 28 -1.94 0.76 1.18
C TYR A 28 -1.01 1.26 2.28
N ARG A 29 -1.56 1.44 3.49
CA ARG A 29 -0.78 2.00 4.58
C ARG A 29 -0.35 0.97 5.61
N LEU A 30 0.91 1.06 6.02
CA LEU A 30 1.48 0.20 7.05
C LEU A 30 2.28 1.04 8.04
N ASP A 31 1.58 1.64 9.00
CA ASP A 31 2.22 2.54 9.96
C ASP A 31 2.42 1.87 11.31
N MET A 32 3.28 0.85 11.36
CA MET A 32 3.56 0.15 12.61
C MET A 32 5.06 -0.11 12.77
N VAL A 33 5.44 -1.38 12.72
CA VAL A 33 6.84 -1.77 12.87
C VAL A 33 7.22 -2.80 11.81
N GLY A 34 8.50 -2.83 11.45
CA GLY A 34 8.98 -3.81 10.48
C GLY A 34 8.81 -5.23 10.96
N GLU A 35 8.42 -5.38 12.23
CA GLU A 35 8.20 -6.68 12.83
C GLU A 35 7.04 -7.41 12.15
N PRO A 36 6.99 -8.75 12.26
CA PRO A 36 5.92 -9.55 11.65
C PRO A 36 4.54 -9.14 12.15
N CYS A 37 3.92 -8.19 11.47
CA CYS A 37 2.60 -7.70 11.84
C CYS A 37 1.50 -8.64 11.32
N PRO A 38 0.29 -8.57 11.91
CA PRO A 38 -0.83 -9.42 11.51
C PRO A 38 -1.22 -9.22 10.04
N TYR A 39 -1.44 -7.97 9.65
CA TYR A 39 -1.83 -7.64 8.29
C TYR A 39 -1.02 -6.47 7.73
N PRO A 40 0.30 -6.65 7.57
CA PRO A 40 1.19 -5.61 7.06
C PRO A 40 1.39 -5.69 5.55
N ALA A 41 2.59 -6.08 5.11
CA ALA A 41 2.90 -6.19 3.69
C ALA A 41 1.99 -7.19 2.99
N VAL A 42 1.13 -7.85 3.76
CA VAL A 42 0.20 -8.83 3.19
C VAL A 42 -0.49 -8.25 1.96
N ALA A 43 -0.73 -6.95 1.98
CA ALA A 43 -1.37 -6.27 0.88
C ALA A 43 -0.41 -6.13 -0.31
N THR A 44 0.85 -5.84 0.00
CA THR A 44 1.87 -5.65 -1.03
C THR A 44 1.97 -6.86 -1.96
N LEU A 45 2.19 -8.04 -1.38
CA LEU A 45 2.33 -9.26 -2.16
C LEU A 45 1.10 -9.50 -3.03
N GLU A 46 -0.07 -9.49 -2.41
CA GLU A 46 -1.32 -9.72 -3.13
C GLU A 46 -1.63 -8.56 -4.08
N ALA A 47 -0.89 -7.47 -3.93
CA ALA A 47 -1.09 -6.30 -4.78
C ALA A 47 -0.59 -6.54 -6.20
N MET A 48 0.54 -7.22 -6.32
CA MET A 48 1.13 -7.49 -7.63
C MET A 48 0.12 -8.16 -8.58
N PRO A 49 -0.50 -9.28 -8.17
CA PRO A 49 -1.50 -9.94 -9.01
C PRO A 49 -2.75 -9.10 -9.16
N GLN A 50 -3.30 -8.66 -8.02
CA GLN A 50 -4.49 -7.83 -8.01
C GLN A 50 -4.19 -6.39 -8.44
N LEU A 51 -3.06 -6.19 -9.14
CA LEU A 51 -2.65 -4.87 -9.59
C LEU A 51 -3.78 -4.16 -10.35
N LYS A 52 -3.51 -2.93 -10.77
CA LYS A 52 -4.48 -2.14 -11.52
C LYS A 52 -3.78 -1.20 -12.50
N LYS A 53 -4.33 0.00 -12.67
CA LYS A 53 -3.76 0.98 -13.59
C LYS A 53 -2.66 1.78 -12.92
N GLY A 54 -2.01 1.18 -11.92
CA GLY A 54 -0.94 1.87 -11.22
C GLY A 54 -1.16 1.90 -9.71
N GLU A 55 -0.76 0.83 -9.03
CA GLU A 55 -0.91 0.75 -7.58
C GLU A 55 0.13 1.61 -6.88
N ILE A 56 0.09 1.61 -5.56
CA ILE A 56 1.02 2.38 -4.75
C ILE A 56 1.09 1.84 -3.33
N LEU A 57 1.88 2.49 -2.49
CA LEU A 57 2.01 2.09 -1.10
C LEU A 57 2.52 3.21 -0.24
N GLU A 58 2.22 3.12 1.04
CA GLU A 58 2.73 4.07 1.99
C GLU A 58 2.91 3.40 3.35
N VAL A 59 4.14 3.06 3.65
CA VAL A 59 4.46 2.36 4.88
C VAL A 59 5.41 3.16 5.77
N VAL A 60 5.05 3.25 7.05
CA VAL A 60 5.87 3.95 8.03
C VAL A 60 6.04 3.10 9.28
N SER A 61 7.25 2.64 9.52
CA SER A 61 7.52 1.79 10.68
C SER A 61 8.88 2.09 11.28
N ASP A 62 9.19 1.40 12.37
CA ASP A 62 10.47 1.59 13.06
C ASP A 62 11.27 0.29 13.05
N CYS A 63 12.53 0.39 12.65
CA CYS A 63 13.41 -0.78 12.59
C CYS A 63 14.88 -0.36 12.61
N PRO A 64 15.69 -0.97 13.49
CA PRO A 64 17.12 -0.66 13.60
C PRO A 64 17.92 -1.23 12.44
N GLN A 65 17.34 -2.19 11.74
CA GLN A 65 18.00 -2.82 10.60
C GLN A 65 17.53 -2.23 9.28
N SER A 66 18.36 -2.34 8.25
CA SER A 66 18.02 -1.82 6.93
C SER A 66 16.94 -2.65 6.27
N ILE A 67 17.03 -3.98 6.43
CA ILE A 67 16.05 -4.89 5.85
C ILE A 67 14.67 -4.70 6.48
N ASN A 68 13.75 -4.13 5.72
CA ASN A 68 12.39 -3.89 6.22
C ASN A 68 11.42 -4.93 5.69
N ASN A 69 10.25 -5.01 6.29
CA ASN A 69 9.23 -5.99 5.93
C ASN A 69 8.56 -5.68 4.59
N ILE A 70 7.65 -4.70 4.61
CA ILE A 70 6.84 -4.37 3.43
C ILE A 70 7.66 -4.31 2.14
N PRO A 71 8.75 -3.52 2.09
CA PRO A 71 9.56 -3.38 0.87
C PRO A 71 10.20 -4.70 0.42
N LEU A 72 10.66 -5.50 1.38
CA LEU A 72 11.29 -6.78 1.07
C LEU A 72 10.29 -7.74 0.43
N ASP A 73 9.01 -7.51 0.68
CA ASP A 73 7.96 -8.36 0.15
C ASP A 73 7.83 -8.19 -1.37
N ALA A 74 7.57 -6.96 -1.79
CA ALA A 74 7.44 -6.66 -3.21
C ALA A 74 8.74 -6.99 -3.95
N ARG A 75 9.86 -6.66 -3.34
CA ARG A 75 11.17 -6.93 -3.93
C ARG A 75 11.40 -8.44 -4.09
N ASN A 76 10.82 -9.22 -3.18
CA ASN A 76 10.97 -10.67 -3.23
C ASN A 76 10.47 -11.23 -4.56
N HIS A 77 9.17 -11.12 -4.80
CA HIS A 77 8.57 -11.60 -6.04
C HIS A 77 8.95 -10.70 -7.22
N GLY A 78 8.51 -9.45 -7.17
CA GLY A 78 8.81 -8.51 -8.22
C GLY A 78 7.85 -7.34 -8.27
N TYR A 79 8.31 -6.19 -7.81
CA TYR A 79 7.49 -4.99 -7.77
C TYR A 79 7.64 -4.16 -9.06
N THR A 80 7.22 -2.91 -8.98
CA THR A 80 7.37 -1.98 -10.08
C THR A 80 8.31 -0.85 -9.68
N VAL A 81 7.99 -0.20 -8.56
CA VAL A 81 8.83 0.86 -8.00
C VAL A 81 8.88 0.76 -6.49
N LEU A 82 10.06 0.46 -5.95
CA LEU A 82 10.26 0.31 -4.51
C LEU A 82 11.33 1.27 -4.00
N ASP A 83 10.91 2.35 -3.37
CA ASP A 83 11.84 3.35 -2.84
C ASP A 83 11.59 3.56 -1.34
N ILE A 84 12.65 3.93 -0.62
CA ILE A 84 12.54 4.15 0.82
C ILE A 84 13.26 5.42 1.25
N GLN A 85 12.97 5.87 2.46
CA GLN A 85 13.61 7.07 3.01
C GLN A 85 13.60 7.03 4.53
N GLN A 86 14.49 7.81 5.15
CA GLN A 86 14.59 7.86 6.60
C GLN A 86 14.46 9.30 7.11
N ASP A 87 14.02 9.45 8.35
CA ASP A 87 13.86 10.77 8.95
C ASP A 87 14.70 10.90 10.21
N GLY A 88 14.15 10.46 11.33
CA GLY A 88 14.87 10.52 12.59
C GLY A 88 14.91 9.17 13.29
N PRO A 89 14.12 8.99 14.37
CA PRO A 89 14.07 7.72 15.10
C PRO A 89 13.15 6.71 14.42
N THR A 90 12.75 7.01 13.19
CA THR A 90 11.88 6.13 12.43
C THR A 90 12.28 6.06 10.97
N ILE A 91 11.55 5.28 10.20
CA ILE A 91 11.83 5.12 8.77
C ILE A 91 10.53 4.90 7.99
N ARG A 92 10.47 5.44 6.78
CA ARG A 92 9.28 5.33 5.95
C ARG A 92 9.63 4.89 4.53
N TYR A 93 8.86 3.96 4.00
CA TYR A 93 9.05 3.46 2.65
C TYR A 93 7.79 3.65 1.82
N LEU A 94 7.93 3.63 0.50
CA LEU A 94 6.80 3.82 -0.40
C LEU A 94 7.04 3.17 -1.75
N ILE A 95 5.97 2.67 -2.35
CA ILE A 95 6.07 2.02 -3.66
C ILE A 95 4.99 2.55 -4.60
N GLN A 96 5.20 2.36 -5.90
CA GLN A 96 4.25 2.83 -6.90
C GLN A 96 4.32 2.00 -8.17
N LYS A 97 3.23 2.00 -8.93
CA LYS A 97 3.17 1.27 -10.19
C LYS A 97 2.81 2.20 -11.34
N MET A 1 -12.18 26.92 21.20
CA MET A 1 -10.86 27.48 21.59
C MET A 1 -9.76 26.43 21.46
N GLY A 2 -8.99 26.52 20.38
CA GLY A 2 -7.91 25.57 20.15
C GLY A 2 -6.66 26.23 19.63
N SER A 3 -5.79 25.43 19.01
CA SER A 3 -4.55 25.96 18.45
C SER A 3 -4.64 26.09 16.93
N SER A 4 -5.84 25.92 16.41
CA SER A 4 -6.07 26.03 14.97
C SER A 4 -6.24 27.49 14.55
N HIS A 5 -5.83 27.80 13.33
CA HIS A 5 -5.93 29.16 12.81
C HIS A 5 -7.39 29.57 12.62
N HIS A 6 -8.01 29.03 11.57
CA HIS A 6 -9.41 29.33 11.29
C HIS A 6 -10.33 28.70 12.33
N HIS A 7 -11.49 29.33 12.53
CA HIS A 7 -12.46 28.83 13.50
C HIS A 7 -13.34 27.74 12.89
N HIS A 8 -13.94 26.92 13.76
CA HIS A 8 -14.79 25.83 13.31
C HIS A 8 -16.04 26.37 12.60
N HIS A 9 -16.54 25.59 11.64
CA HIS A 9 -17.72 26.00 10.88
C HIS A 9 -18.79 24.92 10.92
N HIS A 10 -20.05 25.32 10.72
CA HIS A 10 -21.16 24.38 10.73
C HIS A 10 -21.59 24.02 9.31
N SER A 11 -21.24 22.82 8.88
CA SER A 11 -21.58 22.35 7.55
C SER A 11 -22.83 21.47 7.58
N SER A 12 -23.51 21.36 6.44
CA SER A 12 -24.72 20.55 6.34
C SER A 12 -24.54 19.45 5.30
N GLY A 13 -24.34 19.85 4.04
CA GLY A 13 -24.17 18.89 2.98
C GLY A 13 -22.76 18.87 2.44
N LEU A 14 -22.63 18.70 1.13
CA LEU A 14 -21.33 18.66 0.48
C LEU A 14 -21.14 19.87 -0.43
N VAL A 15 -19.89 20.17 -0.76
CA VAL A 15 -19.58 21.31 -1.62
C VAL A 15 -18.73 20.87 -2.82
N PRO A 16 -18.96 21.48 -4.00
CA PRO A 16 -18.21 21.15 -5.22
C PRO A 16 -16.77 21.65 -5.17
N ARG A 17 -15.84 20.74 -4.96
CA ARG A 17 -14.42 21.10 -4.89
C ARG A 17 -13.89 21.50 -6.25
N GLY A 18 -13.15 22.60 -6.29
CA GLY A 18 -12.59 23.07 -7.55
C GLY A 18 -11.62 22.08 -8.16
N SER A 19 -10.73 21.54 -7.34
CA SER A 19 -9.75 20.57 -7.80
C SER A 19 -10.29 19.15 -7.67
N HIS A 20 -9.60 18.20 -8.30
CA HIS A 20 -10.00 16.80 -8.25
C HIS A 20 -9.11 16.00 -7.29
N MET A 21 -9.67 14.93 -6.72
CA MET A 21 -8.93 14.09 -5.78
C MET A 21 -8.82 12.67 -6.30
N LYS A 22 -7.58 12.19 -6.45
CA LYS A 22 -7.35 10.83 -6.94
C LYS A 22 -7.06 9.89 -5.78
N ASN A 23 -8.06 9.09 -5.40
CA ASN A 23 -7.92 8.15 -4.30
C ASN A 23 -7.98 6.71 -4.81
N ILE A 24 -7.83 6.55 -6.12
CA ILE A 24 -7.86 5.22 -6.74
C ILE A 24 -6.44 4.71 -7.00
N VAL A 25 -5.45 5.47 -6.54
CA VAL A 25 -4.05 5.11 -6.74
C VAL A 25 -3.47 4.42 -5.49
N PRO A 26 -3.63 5.02 -4.29
CA PRO A 26 -3.09 4.44 -3.06
C PRO A 26 -3.49 2.98 -2.86
N ASP A 27 -2.53 2.08 -2.96
CA ASP A 27 -2.78 0.66 -2.77
C ASP A 27 -2.94 0.34 -1.29
N TYR A 28 -1.83 0.28 -0.55
CA TYR A 28 -1.93 -0.01 0.88
C TYR A 28 -1.04 0.91 1.71
N ARG A 29 -1.31 0.94 3.02
CA ARG A 29 -0.54 1.77 3.94
C ARG A 29 -0.17 0.99 5.20
N LEU A 30 1.12 0.75 5.38
CA LEU A 30 1.61 0.02 6.55
C LEU A 30 2.35 0.97 7.50
N ASP A 31 1.59 1.68 8.33
CA ASP A 31 2.18 2.64 9.25
C ASP A 31 2.19 2.09 10.68
N MET A 32 3.02 1.08 10.91
CA MET A 32 3.14 0.49 12.24
C MET A 32 4.60 0.24 12.62
N VAL A 33 4.99 -1.04 12.64
CA VAL A 33 6.36 -1.42 12.98
C VAL A 33 6.90 -2.46 12.01
N GLY A 34 8.15 -2.31 11.61
CA GLY A 34 8.76 -3.25 10.70
C GLY A 34 9.16 -4.55 11.38
N GLU A 35 8.16 -5.34 11.77
CA GLU A 35 8.41 -6.61 12.45
C GLU A 35 7.79 -7.77 11.65
N PRO A 36 8.50 -8.91 11.57
CA PRO A 36 8.02 -10.08 10.83
C PRO A 36 6.65 -10.57 11.31
N CYS A 37 6.51 -10.74 12.62
CA CYS A 37 5.26 -11.22 13.20
C CYS A 37 4.58 -10.12 14.02
N PRO A 38 3.33 -9.75 13.68
CA PRO A 38 2.59 -10.34 12.56
C PRO A 38 3.06 -9.80 11.22
N TYR A 39 2.75 -10.53 10.14
CA TYR A 39 3.14 -10.12 8.80
C TYR A 39 2.24 -9.00 8.29
N PRO A 40 2.80 -7.79 8.08
CA PRO A 40 2.06 -6.63 7.62
C PRO A 40 1.99 -6.53 6.11
N ALA A 41 3.16 -6.55 5.46
CA ALA A 41 3.27 -6.46 4.01
C ALA A 41 2.42 -7.48 3.26
N VAL A 42 1.70 -8.34 3.99
CA VAL A 42 0.84 -9.33 3.36
C VAL A 42 0.00 -8.70 2.26
N ALA A 43 -0.34 -7.42 2.44
CA ALA A 43 -1.11 -6.69 1.44
C ALA A 43 -0.27 -6.38 0.21
N THR A 44 0.97 -5.99 0.45
CA THR A 44 1.89 -5.64 -0.63
C THR A 44 2.01 -6.77 -1.64
N LEU A 45 2.27 -7.98 -1.16
CA LEU A 45 2.42 -9.15 -2.02
C LEU A 45 1.14 -9.43 -2.80
N GLU A 46 0.03 -9.54 -2.09
CA GLU A 46 -1.26 -9.82 -2.71
C GLU A 46 -1.71 -8.66 -3.60
N ALA A 47 -1.04 -7.52 -3.45
CA ALA A 47 -1.37 -6.34 -4.24
C ALA A 47 -0.91 -6.50 -5.69
N MET A 48 0.28 -7.08 -5.87
CA MET A 48 0.84 -7.29 -7.21
C MET A 48 -0.19 -7.90 -8.16
N PRO A 49 -0.82 -9.04 -7.79
CA PRO A 49 -1.85 -9.66 -8.62
C PRO A 49 -3.02 -8.72 -8.86
N GLN A 50 -3.68 -8.32 -7.77
CA GLN A 50 -4.82 -7.41 -7.84
C GLN A 50 -4.37 -5.97 -8.14
N LEU A 51 -3.21 -5.80 -8.76
CA LEU A 51 -2.69 -4.47 -9.06
C LEU A 51 -3.62 -3.68 -9.98
N LYS A 52 -3.05 -2.66 -10.64
CA LYS A 52 -3.82 -1.82 -11.55
C LYS A 52 -2.91 -0.97 -12.42
N LYS A 53 -3.51 -0.08 -13.21
CA LYS A 53 -2.75 0.80 -14.09
C LYS A 53 -2.25 2.03 -13.32
N GLY A 54 -1.89 1.83 -12.06
CA GLY A 54 -1.40 2.93 -11.24
C GLY A 54 -1.71 2.74 -9.77
N GLU A 55 -0.70 2.34 -9.00
CA GLU A 55 -0.86 2.13 -7.57
C GLU A 55 0.13 2.95 -6.78
N ILE A 56 0.03 2.85 -5.45
CA ILE A 56 0.91 3.58 -4.53
C ILE A 56 0.88 2.89 -3.18
N LEU A 57 1.86 3.16 -2.33
CA LEU A 57 1.89 2.50 -1.03
C LEU A 57 2.77 3.26 -0.06
N GLU A 58 2.23 3.53 1.13
CA GLU A 58 2.97 4.26 2.15
C GLU A 58 3.15 3.41 3.41
N VAL A 59 4.40 3.14 3.74
CA VAL A 59 4.72 2.33 4.92
C VAL A 59 5.52 3.13 5.94
N VAL A 60 4.92 3.38 7.09
CA VAL A 60 5.59 4.12 8.15
C VAL A 60 5.76 3.25 9.38
N SER A 61 6.92 2.61 9.50
CA SER A 61 7.20 1.73 10.61
C SER A 61 8.50 2.12 11.30
N ASP A 62 8.72 1.55 12.48
CA ASP A 62 9.92 1.83 13.26
C ASP A 62 10.74 0.55 13.45
N CYS A 63 12.03 0.64 13.21
CA CYS A 63 12.91 -0.51 13.36
C CYS A 63 14.34 -0.07 13.70
N PRO A 64 14.95 -0.71 14.70
CA PRO A 64 16.32 -0.38 15.13
C PRO A 64 17.36 -0.88 14.14
N GLN A 65 16.97 -1.81 13.28
CA GLN A 65 17.87 -2.38 12.28
C GLN A 65 17.83 -1.56 11.00
N SER A 66 18.33 -2.15 9.92
CA SER A 66 18.36 -1.48 8.62
C SER A 66 17.51 -2.21 7.60
N ILE A 67 17.18 -3.46 7.90
CA ILE A 67 16.37 -4.28 7.00
C ILE A 67 14.95 -3.76 6.92
N ASN A 68 14.47 -3.54 5.70
CA ASN A 68 13.11 -3.06 5.48
C ASN A 68 12.15 -4.21 5.24
N ASN A 69 11.07 -4.26 6.00
CA ASN A 69 10.10 -5.34 5.91
C ASN A 69 9.23 -5.25 4.66
N ILE A 70 8.19 -4.44 4.71
CA ILE A 70 7.21 -4.32 3.62
C ILE A 70 7.87 -4.25 2.23
N PRO A 71 8.79 -3.29 1.99
CA PRO A 71 9.42 -3.13 0.68
C PRO A 71 10.21 -4.36 0.24
N LEU A 72 10.64 -5.17 1.20
CA LEU A 72 11.39 -6.38 0.90
C LEU A 72 10.50 -7.42 0.23
N ASP A 73 9.23 -7.44 0.62
CA ASP A 73 8.28 -8.39 0.05
C ASP A 73 8.03 -8.09 -1.42
N ALA A 74 7.68 -6.85 -1.71
CA ALA A 74 7.43 -6.43 -3.09
C ALA A 74 8.70 -6.56 -3.92
N ARG A 75 9.83 -6.28 -3.30
CA ARG A 75 11.12 -6.37 -3.97
C ARG A 75 11.44 -7.83 -4.32
N ASN A 76 11.00 -8.75 -3.47
CA ASN A 76 11.23 -10.17 -3.69
C ASN A 76 10.61 -10.63 -5.00
N HIS A 77 9.28 -10.50 -5.09
CA HIS A 77 8.57 -10.88 -6.30
C HIS A 77 8.93 -9.95 -7.46
N GLY A 78 8.62 -8.67 -7.30
CA GLY A 78 8.94 -7.71 -8.33
C GLY A 78 7.78 -6.79 -8.67
N TYR A 79 7.70 -5.65 -7.99
CA TYR A 79 6.65 -4.67 -8.24
C TYR A 79 7.12 -3.63 -9.26
N THR A 80 6.41 -2.52 -9.35
CA THR A 80 6.76 -1.46 -10.29
C THR A 80 7.86 -0.57 -9.71
N VAL A 81 7.47 0.35 -8.83
CA VAL A 81 8.43 1.26 -8.22
C VAL A 81 8.59 0.97 -6.72
N LEU A 82 9.80 0.59 -6.33
CA LEU A 82 10.09 0.29 -4.94
C LEU A 82 11.25 1.14 -4.43
N ASP A 83 10.96 1.99 -3.44
CA ASP A 83 11.97 2.88 -2.87
C ASP A 83 11.70 3.11 -1.39
N ILE A 84 12.76 3.43 -0.64
CA ILE A 84 12.62 3.68 0.79
C ILE A 84 13.38 4.93 1.22
N GLN A 85 13.15 5.35 2.46
CA GLN A 85 13.82 6.52 3.02
C GLN A 85 13.88 6.43 4.54
N GLN A 86 14.94 6.99 5.12
CA GLN A 86 15.12 6.98 6.57
C GLN A 86 15.36 8.38 7.11
N ASP A 87 14.92 8.64 8.34
CA ASP A 87 15.10 9.94 8.96
C ASP A 87 15.96 9.82 10.21
N GLY A 88 15.32 9.46 11.32
CA GLY A 88 16.05 9.32 12.58
C GLY A 88 15.59 8.12 13.38
N PRO A 89 14.59 8.30 14.27
CA PRO A 89 14.08 7.22 15.11
C PRO A 89 13.06 6.34 14.38
N THR A 90 12.82 6.63 13.11
CA THR A 90 11.87 5.85 12.32
C THR A 90 12.32 5.73 10.86
N ILE A 91 11.58 4.96 10.08
CA ILE A 91 11.90 4.75 8.68
C ILE A 91 10.62 4.63 7.85
N ARG A 92 10.65 5.24 6.66
CA ARG A 92 9.49 5.25 5.79
C ARG A 92 9.82 4.68 4.41
N TYR A 93 8.97 3.78 3.92
CA TYR A 93 9.14 3.22 2.59
C TYR A 93 7.90 3.48 1.76
N LEU A 94 8.04 3.47 0.44
CA LEU A 94 6.91 3.74 -0.44
C LEU A 94 7.09 3.11 -1.81
N ILE A 95 5.97 2.67 -2.39
CA ILE A 95 5.97 2.08 -3.73
C ILE A 95 4.85 2.68 -4.57
N GLN A 96 5.04 2.70 -5.89
CA GLN A 96 4.03 3.27 -6.78
C GLN A 96 4.13 2.64 -8.18
N LYS A 97 3.20 3.02 -9.04
CA LYS A 97 3.18 2.51 -10.42
C LYS A 97 3.23 3.67 -11.42
N MET A 1 7.56 45.34 -23.42
CA MET A 1 7.20 44.68 -22.13
C MET A 1 7.23 43.16 -22.27
N GLY A 2 7.97 42.51 -21.37
CA GLY A 2 8.08 41.07 -21.40
C GLY A 2 7.36 40.40 -20.25
N SER A 3 6.77 41.21 -19.38
CA SER A 3 6.03 40.69 -18.23
C SER A 3 4.57 40.46 -18.57
N SER A 4 4.13 39.21 -18.43
CA SER A 4 2.75 38.85 -18.73
C SER A 4 2.02 38.40 -17.47
N HIS A 5 1.10 39.22 -16.98
CA HIS A 5 0.34 38.91 -15.78
C HIS A 5 -1.13 39.28 -15.96
N HIS A 6 -1.68 38.92 -17.12
CA HIS A 6 -3.09 39.21 -17.41
C HIS A 6 -3.88 37.91 -17.61
N HIS A 7 -4.51 37.45 -16.54
CA HIS A 7 -5.29 36.22 -16.59
C HIS A 7 -6.76 36.49 -16.24
N HIS A 8 -7.65 36.19 -17.18
CA HIS A 8 -9.08 36.38 -16.98
C HIS A 8 -9.80 35.04 -16.88
N HIS A 9 -11.12 35.10 -16.68
CA HIS A 9 -11.93 33.89 -16.57
C HIS A 9 -11.88 33.09 -17.86
N HIS A 10 -11.00 32.08 -17.89
CA HIS A 10 -10.86 31.23 -19.06
C HIS A 10 -11.83 30.05 -19.01
N SER A 11 -11.97 29.36 -20.13
CA SER A 11 -12.86 28.21 -20.21
C SER A 11 -12.30 27.02 -19.45
N SER A 12 -11.09 26.61 -19.81
CA SER A 12 -10.43 25.48 -19.16
C SER A 12 -8.95 25.78 -18.91
N GLY A 13 -8.64 26.16 -17.68
CA GLY A 13 -7.27 26.48 -17.34
C GLY A 13 -6.60 25.38 -16.53
N LEU A 14 -6.25 24.29 -17.20
CA LEU A 14 -5.60 23.16 -16.55
C LEU A 14 -4.10 23.40 -16.42
N VAL A 15 -3.55 23.06 -15.27
CA VAL A 15 -2.11 23.24 -15.02
C VAL A 15 -1.45 21.92 -14.62
N PRO A 16 -0.74 21.28 -15.58
CA PRO A 16 -0.05 20.01 -15.33
C PRO A 16 1.26 20.20 -14.58
N ARG A 17 1.60 21.45 -14.29
CA ARG A 17 2.83 21.77 -13.57
C ARG A 17 2.61 21.75 -12.06
N GLY A 18 1.50 21.15 -11.64
CA GLY A 18 1.19 21.08 -10.23
C GLY A 18 0.91 19.66 -9.77
N SER A 19 0.31 18.86 -10.64
CA SER A 19 -0.01 17.48 -10.32
C SER A 19 1.15 16.55 -10.67
N HIS A 20 1.06 15.31 -10.22
CA HIS A 20 2.11 14.32 -10.48
C HIS A 20 1.78 13.49 -11.71
N MET A 21 2.78 12.81 -12.25
CA MET A 21 2.60 11.98 -13.43
C MET A 21 2.30 10.53 -13.04
N LYS A 22 2.51 10.21 -11.76
CA LYS A 22 2.27 8.86 -11.26
C LYS A 22 0.78 8.65 -10.98
N ASN A 23 0.46 7.51 -10.37
CA ASN A 23 -0.93 7.19 -10.04
C ASN A 23 -1.04 6.66 -8.62
N ILE A 24 -2.17 6.95 -7.97
CA ILE A 24 -2.41 6.51 -6.61
C ILE A 24 -3.77 5.84 -6.47
N VAL A 25 -3.78 4.55 -6.14
CA VAL A 25 -5.03 3.83 -5.98
C VAL A 25 -5.81 4.34 -4.76
N PRO A 26 -5.20 4.34 -3.54
CA PRO A 26 -3.84 3.86 -3.29
C PRO A 26 -3.82 2.38 -2.93
N ASP A 27 -2.64 1.76 -2.99
CA ASP A 27 -2.52 0.35 -2.68
C ASP A 27 -2.76 0.10 -1.19
N TYR A 28 -1.70 0.16 -0.40
CA TYR A 28 -1.81 -0.06 1.04
C TYR A 28 -0.98 0.96 1.83
N ARG A 29 -1.25 1.02 3.13
CA ARG A 29 -0.51 1.92 4.02
C ARG A 29 -0.10 1.19 5.30
N LEU A 30 1.19 0.88 5.41
CA LEU A 30 1.72 0.18 6.58
C LEU A 30 2.47 1.14 7.49
N ASP A 31 1.73 1.87 8.32
CA ASP A 31 2.35 2.82 9.24
C ASP A 31 2.36 2.27 10.67
N MET A 32 3.14 1.22 10.88
CA MET A 32 3.24 0.60 12.20
C MET A 32 4.70 0.28 12.55
N VAL A 33 5.04 -1.01 12.50
CA VAL A 33 6.40 -1.45 12.82
C VAL A 33 6.89 -2.45 11.78
N GLY A 34 8.20 -2.46 11.55
CA GLY A 34 8.78 -3.36 10.57
C GLY A 34 9.00 -4.75 11.13
N GLU A 35 7.93 -5.36 11.65
CA GLU A 35 8.02 -6.70 12.22
C GLU A 35 7.99 -7.76 11.11
N PRO A 36 8.48 -8.98 11.40
CA PRO A 36 8.55 -10.06 10.44
C PRO A 36 7.31 -10.97 10.49
N CYS A 37 6.22 -10.44 11.03
CA CYS A 37 4.98 -11.21 11.13
C CYS A 37 4.18 -11.11 9.85
N PRO A 38 3.40 -12.17 9.51
CA PRO A 38 2.58 -12.19 8.30
C PRO A 38 1.29 -11.39 8.46
N TYR A 39 1.41 -10.08 8.60
CA TYR A 39 0.26 -9.20 8.77
C TYR A 39 0.41 -7.89 7.99
N PRO A 40 1.53 -7.15 8.18
CA PRO A 40 1.73 -5.86 7.50
C PRO A 40 1.78 -5.97 5.97
N ALA A 41 2.96 -6.27 5.44
CA ALA A 41 3.16 -6.35 4.00
C ALA A 41 2.23 -7.36 3.32
N VAL A 42 1.40 -8.05 4.11
CA VAL A 42 0.47 -9.02 3.56
C VAL A 42 -0.26 -8.45 2.34
N ALA A 43 -0.54 -7.15 2.38
CA ALA A 43 -1.20 -6.48 1.26
C ALA A 43 -0.26 -6.29 0.08
N THR A 44 0.96 -5.82 0.39
CA THR A 44 1.96 -5.57 -0.64
C THR A 44 2.13 -6.76 -1.58
N LEU A 45 2.24 -7.95 -0.98
CA LEU A 45 2.41 -9.17 -1.76
C LEU A 45 1.21 -9.45 -2.65
N GLU A 46 0.04 -9.55 -2.05
CA GLU A 46 -1.20 -9.81 -2.78
C GLU A 46 -1.53 -8.66 -3.72
N ALA A 47 -0.81 -7.55 -3.56
CA ALA A 47 -1.00 -6.38 -4.39
C ALA A 47 -0.45 -6.60 -5.80
N MET A 48 0.72 -7.25 -5.87
CA MET A 48 1.38 -7.50 -7.14
C MET A 48 0.44 -8.17 -8.15
N PRO A 49 -0.30 -9.23 -7.77
CA PRO A 49 -1.22 -9.91 -8.69
C PRO A 49 -2.43 -9.03 -9.01
N GLN A 50 -3.09 -8.53 -7.97
CA GLN A 50 -4.26 -7.67 -8.13
C GLN A 50 -3.85 -6.27 -8.61
N LEU A 51 -2.61 -6.15 -9.08
CA LEU A 51 -2.08 -4.87 -9.56
C LEU A 51 -3.07 -4.16 -10.48
N LYS A 52 -2.94 -2.84 -10.57
CA LYS A 52 -3.81 -2.03 -11.42
C LYS A 52 -2.98 -1.18 -12.38
N LYS A 53 -3.63 -0.19 -12.98
CA LYS A 53 -2.95 0.71 -13.92
C LYS A 53 -2.33 1.89 -13.19
N GLY A 54 -1.73 1.61 -12.03
CA GLY A 54 -1.10 2.65 -11.24
C GLY A 54 -1.53 2.60 -9.79
N GLU A 55 -0.58 2.28 -8.91
CA GLU A 55 -0.86 2.19 -7.48
C GLU A 55 0.23 2.88 -6.66
N ILE A 56 0.10 2.81 -5.33
CA ILE A 56 1.07 3.43 -4.44
C ILE A 56 0.99 2.82 -3.03
N LEU A 57 2.09 2.85 -2.31
CA LEU A 57 2.14 2.35 -0.95
C LEU A 57 2.70 3.38 -0.02
N GLU A 58 2.40 3.22 1.25
CA GLU A 58 2.95 4.10 2.26
C GLU A 58 3.24 3.33 3.54
N VAL A 59 4.51 3.09 3.81
CA VAL A 59 4.90 2.33 4.98
C VAL A 59 5.73 3.16 5.96
N VAL A 60 5.15 3.43 7.12
CA VAL A 60 5.84 4.17 8.16
C VAL A 60 5.98 3.30 9.40
N SER A 61 7.12 2.63 9.53
CA SER A 61 7.35 1.73 10.64
C SER A 61 8.62 2.06 11.40
N ASP A 62 8.81 1.38 12.53
CA ASP A 62 9.99 1.59 13.36
C ASP A 62 10.80 0.31 13.45
N CYS A 63 12.08 0.40 13.06
CA CYS A 63 12.95 -0.76 13.10
C CYS A 63 14.40 -0.35 13.37
N PRO A 64 15.07 -1.01 14.32
CA PRO A 64 16.46 -0.71 14.67
C PRO A 64 17.46 -1.25 13.65
N GLN A 65 16.95 -2.05 12.73
CA GLN A 65 17.79 -2.65 11.68
C GLN A 65 17.72 -1.84 10.40
N SER A 66 18.23 -2.42 9.31
CA SER A 66 18.23 -1.74 8.02
C SER A 66 17.32 -2.48 7.02
N ILE A 67 17.15 -3.78 7.24
CA ILE A 67 16.32 -4.59 6.36
C ILE A 67 14.85 -4.18 6.46
N ASN A 68 14.27 -3.83 5.32
CA ASN A 68 12.86 -3.40 5.28
C ASN A 68 11.95 -4.60 5.00
N ASN A 69 10.91 -4.73 5.82
CA ASN A 69 9.97 -5.85 5.67
C ASN A 69 9.07 -5.69 4.45
N ILE A 70 8.15 -4.72 4.52
CA ILE A 70 7.18 -4.50 3.44
C ILE A 70 7.85 -4.44 2.06
N PRO A 71 8.89 -3.58 1.89
CA PRO A 71 9.57 -3.43 0.59
C PRO A 71 10.16 -4.75 0.09
N LEU A 72 10.79 -5.51 0.98
CA LEU A 72 11.40 -6.77 0.62
C LEU A 72 10.37 -7.74 0.05
N ASP A 73 9.10 -7.51 0.40
CA ASP A 73 8.02 -8.38 -0.08
C ASP A 73 7.75 -8.16 -1.56
N ALA A 74 7.45 -6.92 -1.93
CA ALA A 74 7.19 -6.59 -3.33
C ALA A 74 8.40 -6.90 -4.19
N ARG A 75 9.58 -6.57 -3.68
CA ARG A 75 10.83 -6.82 -4.39
C ARG A 75 11.04 -8.31 -4.63
N ASN A 76 10.59 -9.12 -3.68
CA ASN A 76 10.72 -10.56 -3.79
C ASN A 76 10.00 -11.08 -5.04
N HIS A 77 8.70 -10.85 -5.10
CA HIS A 77 7.90 -11.27 -6.25
C HIS A 77 8.19 -10.40 -7.46
N GLY A 78 7.77 -9.14 -7.39
CA GLY A 78 8.00 -8.22 -8.49
C GLY A 78 7.07 -7.02 -8.45
N TYR A 79 7.61 -5.88 -8.03
CA TYR A 79 6.83 -4.64 -7.93
C TYR A 79 6.95 -3.82 -9.19
N THR A 80 6.60 -2.53 -9.08
CA THR A 80 6.72 -1.59 -10.18
C THR A 80 7.78 -0.55 -9.83
N VAL A 81 7.62 0.07 -8.66
CA VAL A 81 8.58 1.04 -8.15
C VAL A 81 8.70 0.92 -6.63
N LEU A 82 9.90 0.59 -6.16
CA LEU A 82 10.14 0.41 -4.73
C LEU A 82 11.26 1.33 -4.25
N ASP A 83 10.91 2.27 -3.37
CA ASP A 83 11.87 3.22 -2.83
C ASP A 83 11.64 3.41 -1.33
N ILE A 84 12.69 3.81 -0.62
CA ILE A 84 12.59 4.03 0.83
C ILE A 84 13.22 5.35 1.24
N GLN A 85 12.93 5.76 2.48
CA GLN A 85 13.48 6.99 3.03
C GLN A 85 13.54 6.91 4.55
N GLN A 86 14.28 7.83 5.16
CA GLN A 86 14.43 7.85 6.61
C GLN A 86 14.19 9.25 7.16
N ASP A 87 13.64 9.34 8.36
CA ASP A 87 13.38 10.63 8.99
C ASP A 87 14.36 10.88 10.14
N GLY A 88 14.03 10.30 11.29
CA GLY A 88 14.89 10.44 12.45
C GLY A 88 14.99 9.14 13.24
N PRO A 89 14.13 8.95 14.24
CA PRO A 89 14.12 7.74 15.05
C PRO A 89 13.28 6.63 14.41
N THR A 90 12.77 6.90 13.21
CA THR A 90 11.95 5.94 12.50
C THR A 90 12.34 5.88 11.03
N ILE A 91 11.62 5.05 10.27
CA ILE A 91 11.88 4.89 8.85
C ILE A 91 10.59 4.70 8.06
N ARG A 92 10.60 5.12 6.80
CA ARG A 92 9.41 5.02 5.97
C ARG A 92 9.77 4.60 4.53
N TYR A 93 9.05 3.61 4.02
CA TYR A 93 9.26 3.12 2.66
C TYR A 93 7.97 3.21 1.86
N LEU A 94 8.08 3.60 0.60
CA LEU A 94 6.90 3.76 -0.26
C LEU A 94 7.12 3.14 -1.64
N ILE A 95 6.01 2.81 -2.30
CA ILE A 95 6.05 2.21 -3.63
C ILE A 95 5.02 2.87 -4.55
N GLN A 96 5.18 2.70 -5.85
CA GLN A 96 4.26 3.27 -6.81
C GLN A 96 4.26 2.49 -8.12
N LYS A 97 3.17 2.56 -8.87
CA LYS A 97 3.07 1.87 -10.15
C LYS A 97 2.73 2.86 -11.26
N MET A 1 -6.52 28.16 -53.95
CA MET A 1 -5.97 28.53 -52.62
C MET A 1 -7.07 28.71 -51.58
N GLY A 2 -8.20 28.03 -51.82
CA GLY A 2 -9.32 28.13 -50.91
C GLY A 2 -9.52 26.86 -50.10
N SER A 3 -10.38 26.93 -49.09
CA SER A 3 -10.67 25.78 -48.24
C SER A 3 -12.18 25.60 -48.05
N SER A 4 -12.74 26.40 -47.15
CA SER A 4 -14.17 26.34 -46.86
C SER A 4 -14.76 27.73 -46.67
N HIS A 5 -16.06 27.86 -46.90
CA HIS A 5 -16.74 29.14 -46.76
C HIS A 5 -17.37 29.26 -45.37
N HIS A 6 -17.83 28.13 -44.84
CA HIS A 6 -18.45 28.11 -43.52
C HIS A 6 -17.79 27.07 -42.62
N HIS A 7 -18.03 27.18 -41.32
CA HIS A 7 -17.46 26.25 -40.36
C HIS A 7 -18.49 25.80 -39.34
N HIS A 8 -18.35 24.57 -38.85
CA HIS A 8 -19.27 24.02 -37.86
C HIS A 8 -18.55 23.70 -36.56
N HIS A 9 -19.20 22.93 -35.69
CA HIS A 9 -18.61 22.54 -34.42
C HIS A 9 -17.45 21.57 -34.63
N HIS A 10 -16.64 21.40 -33.60
CA HIS A 10 -15.50 20.49 -33.67
C HIS A 10 -15.61 19.38 -32.63
N SER A 11 -14.62 18.50 -32.59
CA SER A 11 -14.60 17.40 -31.64
C SER A 11 -13.37 17.47 -30.74
N SER A 12 -13.50 18.19 -29.63
CA SER A 12 -12.41 18.36 -28.69
C SER A 12 -12.78 17.79 -27.32
N GLY A 13 -12.98 16.47 -27.27
CA GLY A 13 -13.34 15.83 -26.02
C GLY A 13 -12.12 15.50 -25.17
N LEU A 14 -12.28 15.66 -23.85
CA LEU A 14 -11.19 15.39 -22.93
C LEU A 14 -11.42 14.08 -22.17
N VAL A 15 -10.36 13.30 -22.01
CA VAL A 15 -10.45 12.02 -21.30
C VAL A 15 -9.58 12.02 -20.05
N PRO A 16 -10.20 12.07 -18.86
CA PRO A 16 -9.48 12.08 -17.58
C PRO A 16 -8.55 10.88 -17.44
N ARG A 17 -8.87 9.80 -18.14
CA ARG A 17 -8.06 8.59 -18.09
C ARG A 17 -6.67 8.82 -18.66
N GLY A 18 -6.62 9.52 -19.79
CA GLY A 18 -5.35 9.81 -20.43
C GLY A 18 -4.72 11.11 -19.93
N SER A 19 -5.09 11.49 -18.72
CA SER A 19 -4.56 12.72 -18.11
C SER A 19 -3.78 12.40 -16.85
N HIS A 20 -3.47 13.44 -16.08
CA HIS A 20 -2.72 13.29 -14.84
C HIS A 20 -3.55 12.57 -13.78
N MET A 21 -4.87 12.70 -13.87
CA MET A 21 -5.77 12.06 -12.92
C MET A 21 -5.93 10.57 -13.25
N LYS A 22 -5.86 9.73 -12.22
CA LYS A 22 -6.01 8.29 -12.41
C LYS A 22 -7.29 7.79 -11.77
N ASN A 23 -7.50 6.48 -11.80
CA ASN A 23 -8.69 5.87 -11.23
C ASN A 23 -8.41 5.28 -9.85
N ILE A 24 -7.64 4.20 -9.82
CA ILE A 24 -7.29 3.54 -8.57
C ILE A 24 -5.79 3.31 -8.46
N VAL A 25 -5.12 4.13 -7.65
CA VAL A 25 -3.68 4.03 -7.47
C VAL A 25 -3.32 3.60 -6.04
N PRO A 26 -3.83 4.30 -5.01
CA PRO A 26 -3.56 3.95 -3.60
C PRO A 26 -3.84 2.48 -3.31
N ASP A 27 -2.77 1.74 -2.98
CA ASP A 27 -2.92 0.32 -2.68
C ASP A 27 -3.08 0.11 -1.19
N TYR A 28 -1.96 0.13 -0.44
CA TYR A 28 -2.05 -0.07 1.00
C TYR A 28 -1.20 0.91 1.80
N ARG A 29 -1.41 0.93 3.11
CA ARG A 29 -0.67 1.80 4.00
C ARG A 29 -0.22 1.04 5.26
N LEU A 30 1.10 0.93 5.45
CA LEU A 30 1.64 0.23 6.60
C LEU A 30 2.42 1.18 7.50
N ASP A 31 1.70 1.95 8.32
CA ASP A 31 2.32 2.92 9.22
C ASP A 31 2.33 2.41 10.66
N MET A 32 3.10 1.35 10.91
CA MET A 32 3.19 0.79 12.25
C MET A 32 4.64 0.44 12.61
N VAL A 33 4.93 -0.86 12.71
CA VAL A 33 6.26 -1.33 13.05
C VAL A 33 6.68 -2.49 12.14
N GLY A 34 7.81 -2.32 11.45
CA GLY A 34 8.29 -3.36 10.56
C GLY A 34 8.75 -4.60 11.32
N GLU A 35 7.84 -5.54 11.50
CA GLU A 35 8.14 -6.77 12.21
C GLU A 35 8.84 -7.77 11.28
N PRO A 36 9.51 -8.80 11.86
CA PRO A 36 10.22 -9.81 11.06
C PRO A 36 9.29 -10.86 10.47
N CYS A 37 8.09 -10.43 10.10
CA CYS A 37 7.11 -11.33 9.51
C CYS A 37 6.50 -10.73 8.24
N PRO A 38 6.03 -11.58 7.32
CA PRO A 38 5.43 -11.13 6.05
C PRO A 38 4.30 -10.13 6.26
N TYR A 39 3.71 -10.14 7.46
CA TYR A 39 2.61 -9.23 7.78
C TYR A 39 3.13 -8.00 8.51
N PRO A 40 2.40 -6.86 8.42
CA PRO A 40 1.14 -6.76 7.68
C PRO A 40 1.35 -6.55 6.18
N ALA A 41 2.62 -6.50 5.76
CA ALA A 41 2.97 -6.33 4.35
C ALA A 41 2.33 -7.40 3.47
N VAL A 42 1.61 -8.34 4.09
CA VAL A 42 0.92 -9.38 3.33
C VAL A 42 0.07 -8.76 2.24
N ALA A 43 -0.40 -7.54 2.49
CA ALA A 43 -1.19 -6.80 1.52
C ALA A 43 -0.32 -6.37 0.35
N THR A 44 0.91 -5.97 0.65
CA THR A 44 1.86 -5.57 -0.37
C THR A 44 2.09 -6.71 -1.35
N LEU A 45 2.30 -7.91 -0.80
CA LEU A 45 2.52 -9.10 -1.61
C LEU A 45 1.25 -9.48 -2.38
N GLU A 46 0.10 -9.33 -1.72
CA GLU A 46 -1.18 -9.65 -2.34
C GLU A 46 -1.55 -8.59 -3.38
N ALA A 47 -0.88 -7.44 -3.30
CA ALA A 47 -1.12 -6.36 -4.24
C ALA A 47 -0.54 -6.69 -5.62
N MET A 48 0.62 -7.36 -5.61
CA MET A 48 1.29 -7.74 -6.85
C MET A 48 0.32 -8.42 -7.82
N PRO A 49 -0.38 -9.50 -7.40
CA PRO A 49 -1.35 -10.17 -8.26
C PRO A 49 -2.54 -9.27 -8.60
N GLN A 50 -3.06 -8.60 -7.58
CA GLN A 50 -4.18 -7.69 -7.75
C GLN A 50 -3.77 -6.39 -8.45
N LEU A 51 -2.55 -6.40 -9.02
CA LEU A 51 -2.02 -5.22 -9.71
C LEU A 51 -3.04 -4.61 -10.66
N LYS A 52 -2.83 -3.33 -10.98
CA LYS A 52 -3.72 -2.62 -11.88
C LYS A 52 -2.93 -1.67 -12.78
N LYS A 53 -3.62 -0.69 -13.36
CA LYS A 53 -2.96 0.28 -14.24
C LYS A 53 -2.39 1.44 -13.42
N GLY A 54 -1.93 1.13 -12.22
CA GLY A 54 -1.37 2.15 -11.34
C GLY A 54 -1.57 1.83 -9.88
N GLU A 55 -0.48 1.60 -9.17
CA GLU A 55 -0.53 1.28 -7.75
C GLU A 55 0.26 2.29 -6.93
N ILE A 56 0.06 2.27 -5.61
CA ILE A 56 0.75 3.19 -4.70
C ILE A 56 0.72 2.61 -3.29
N LEU A 57 1.74 2.90 -2.50
CA LEU A 57 1.78 2.36 -1.15
C LEU A 57 2.73 3.15 -0.26
N GLU A 58 2.24 3.52 0.92
CA GLU A 58 3.04 4.27 1.88
C GLU A 58 3.14 3.51 3.19
N VAL A 59 4.36 3.43 3.71
CA VAL A 59 4.60 2.69 4.94
C VAL A 59 5.52 3.47 5.89
N VAL A 60 5.05 3.64 7.12
CA VAL A 60 5.83 4.32 8.14
C VAL A 60 5.94 3.43 9.38
N SER A 61 7.09 2.79 9.53
CA SER A 61 7.28 1.87 10.64
C SER A 61 8.70 1.95 11.21
N ASP A 62 8.89 1.30 12.35
CA ASP A 62 10.20 1.27 13.01
C ASP A 62 10.70 -0.17 13.09
N CYS A 63 11.93 -0.40 12.65
CA CYS A 63 12.51 -1.73 12.66
C CYS A 63 14.04 -1.68 12.66
N PRO A 64 14.69 -2.51 13.49
CA PRO A 64 16.15 -2.55 13.57
C PRO A 64 16.78 -3.31 12.40
N GLN A 65 16.01 -4.22 11.81
CA GLN A 65 16.48 -5.00 10.67
C GLN A 65 16.45 -4.18 9.39
N SER A 66 16.51 -4.85 8.25
CA SER A 66 16.50 -4.17 6.96
C SER A 66 15.65 -4.94 5.95
N ILE A 67 14.92 -5.95 6.43
CA ILE A 67 14.07 -6.75 5.56
C ILE A 67 12.60 -6.50 5.84
N ASN A 68 12.30 -6.09 7.08
CA ASN A 68 10.93 -5.81 7.50
C ASN A 68 10.24 -4.85 6.54
N ASN A 69 11.02 -4.21 5.67
CA ASN A 69 10.49 -3.27 4.70
C ASN A 69 9.33 -3.86 3.92
N ILE A 70 8.17 -3.23 4.02
CA ILE A 70 6.99 -3.67 3.29
C ILE A 70 7.32 -3.82 1.80
N PRO A 71 7.94 -2.79 1.18
CA PRO A 71 8.33 -2.85 -0.23
C PRO A 71 9.33 -3.96 -0.50
N LEU A 72 10.05 -4.39 0.54
CA LEU A 72 11.02 -5.47 0.37
C LEU A 72 10.32 -6.74 -0.06
N ASP A 73 9.15 -6.99 0.51
CA ASP A 73 8.35 -8.15 0.14
C ASP A 73 8.02 -8.08 -1.35
N ALA A 74 7.60 -6.90 -1.79
CA ALA A 74 7.29 -6.67 -3.19
C ALA A 74 8.55 -6.68 -4.04
N ARG A 75 9.68 -6.39 -3.38
CA ARG A 75 10.98 -6.38 -4.06
C ARG A 75 11.44 -7.79 -4.38
N ASN A 76 11.17 -8.71 -3.45
CA ASN A 76 11.55 -10.11 -3.62
C ASN A 76 10.94 -10.67 -4.90
N HIS A 77 9.62 -10.63 -4.99
CA HIS A 77 8.92 -11.11 -6.18
C HIS A 77 9.19 -10.19 -7.36
N GLY A 78 9.10 -8.89 -7.12
CA GLY A 78 9.37 -7.92 -8.16
C GLY A 78 8.14 -7.14 -8.58
N TYR A 79 7.87 -6.04 -7.89
CA TYR A 79 6.73 -5.18 -8.22
C TYR A 79 7.12 -4.15 -9.27
N THR A 80 6.64 -2.92 -9.12
CA THR A 80 6.95 -1.86 -10.07
C THR A 80 8.09 -0.98 -9.55
N VAL A 81 7.79 -0.17 -8.55
CA VAL A 81 8.79 0.72 -7.96
C VAL A 81 8.85 0.55 -6.43
N LEU A 82 10.04 0.23 -5.94
CA LEU A 82 10.26 0.05 -4.51
C LEU A 82 11.35 0.98 -3.99
N ASP A 83 10.94 2.07 -3.34
CA ASP A 83 11.89 3.04 -2.80
C ASP A 83 11.64 3.23 -1.30
N ILE A 84 12.67 3.71 -0.59
CA ILE A 84 12.54 3.92 0.85
C ILE A 84 13.21 5.23 1.28
N GLN A 85 13.00 5.57 2.55
CA GLN A 85 13.56 6.79 3.13
C GLN A 85 13.72 6.63 4.63
N GLN A 86 14.63 7.39 5.22
CA GLN A 86 14.87 7.33 6.66
C GLN A 86 15.00 8.71 7.27
N ASP A 87 14.65 8.83 8.55
CA ASP A 87 14.74 10.11 9.25
C ASP A 87 15.64 9.98 10.48
N GLY A 88 15.09 9.41 11.55
CA GLY A 88 15.85 9.22 12.76
C GLY A 88 15.56 7.87 13.41
N PRO A 89 14.82 7.85 14.52
CA PRO A 89 14.46 6.60 15.21
C PRO A 89 13.36 5.86 14.48
N THR A 90 13.03 6.31 13.27
CA THR A 90 11.99 5.68 12.46
C THR A 90 12.41 5.58 11.00
N ILE A 91 11.63 4.86 10.22
CA ILE A 91 11.92 4.67 8.80
C ILE A 91 10.64 4.47 7.99
N ARG A 92 10.56 5.12 6.83
CA ARG A 92 9.38 5.00 6.00
C ARG A 92 9.75 4.62 4.56
N TYR A 93 8.96 3.75 3.96
CA TYR A 93 9.17 3.33 2.59
C TYR A 93 7.92 3.60 1.76
N LEU A 94 8.05 3.53 0.45
CA LEU A 94 6.91 3.77 -0.45
C LEU A 94 7.12 3.09 -1.79
N ILE A 95 6.01 2.60 -2.37
CA ILE A 95 6.06 1.95 -3.67
C ILE A 95 5.01 2.55 -4.60
N GLN A 96 5.30 2.56 -5.90
CA GLN A 96 4.38 3.11 -6.89
C GLN A 96 4.40 2.29 -8.17
N LYS A 97 3.32 2.36 -8.93
CA LYS A 97 3.22 1.62 -10.19
C LYS A 97 2.66 2.52 -11.29
N MET A 1 -35.19 8.98 21.03
CA MET A 1 -33.77 9.15 20.58
C MET A 1 -33.42 8.14 19.50
N GLY A 2 -34.38 7.30 19.14
CA GLY A 2 -34.15 6.30 18.11
C GLY A 2 -34.95 6.56 16.85
N SER A 3 -36.07 7.28 17.00
CA SER A 3 -36.93 7.60 15.88
C SER A 3 -36.26 8.61 14.96
N SER A 4 -36.05 9.82 15.48
CA SER A 4 -35.41 10.88 14.71
C SER A 4 -34.29 11.53 15.51
N HIS A 5 -33.19 11.89 14.83
CA HIS A 5 -32.06 12.52 15.48
C HIS A 5 -32.23 14.03 15.54
N HIS A 6 -31.75 14.73 14.52
CA HIS A 6 -31.85 16.18 14.48
C HIS A 6 -32.16 16.66 13.06
N HIS A 7 -31.11 16.85 12.26
CA HIS A 7 -31.27 17.30 10.88
C HIS A 7 -30.31 16.58 9.95
N HIS A 8 -30.12 17.14 8.76
CA HIS A 8 -29.21 16.55 7.77
C HIS A 8 -27.75 16.79 8.16
N HIS A 9 -26.84 16.48 7.25
CA HIS A 9 -25.41 16.66 7.48
C HIS A 9 -24.74 17.35 6.30
N HIS A 10 -25.55 17.98 5.46
CA HIS A 10 -25.03 18.68 4.29
C HIS A 10 -24.31 19.97 4.69
N SER A 11 -23.02 20.04 4.40
CA SER A 11 -22.22 21.22 4.73
C SER A 11 -21.55 21.79 3.49
N SER A 12 -20.77 22.86 3.68
CA SER A 12 -20.08 23.50 2.58
C SER A 12 -18.83 22.71 2.18
N GLY A 13 -18.44 22.84 0.92
CA GLY A 13 -17.26 22.14 0.43
C GLY A 13 -15.97 22.73 0.95
N LEU A 14 -15.02 21.86 1.29
CA LEU A 14 -13.73 22.30 1.81
C LEU A 14 -12.79 22.71 0.67
N VAL A 15 -11.74 23.44 1.02
CA VAL A 15 -10.76 23.89 0.03
C VAL A 15 -9.72 22.81 -0.24
N PRO A 16 -9.44 22.52 -1.53
CA PRO A 16 -8.46 21.50 -1.92
C PRO A 16 -7.09 21.76 -1.30
N ARG A 17 -6.79 21.02 -0.24
CA ARG A 17 -5.51 21.15 0.45
C ARG A 17 -4.75 19.83 0.45
N GLY A 18 -5.44 18.76 0.82
CA GLY A 18 -4.81 17.45 0.85
C GLY A 18 -5.74 16.36 0.34
N SER A 19 -6.76 16.77 -0.40
CA SER A 19 -7.72 15.81 -0.96
C SER A 19 -7.25 15.28 -2.31
N HIS A 20 -6.05 14.71 -2.32
CA HIS A 20 -5.48 14.16 -3.54
C HIS A 20 -6.01 12.75 -3.81
N MET A 21 -6.96 12.32 -2.98
CA MET A 21 -7.55 11.00 -3.13
C MET A 21 -8.26 10.86 -4.47
N LYS A 22 -7.62 10.16 -5.40
CA LYS A 22 -8.19 9.96 -6.73
C LYS A 22 -9.26 8.87 -6.71
N ASN A 23 -8.81 7.62 -6.68
CA ASN A 23 -9.73 6.48 -6.67
C ASN A 23 -9.32 5.45 -5.63
N ILE A 24 -8.25 4.71 -5.91
CA ILE A 24 -7.76 3.68 -4.99
C ILE A 24 -6.42 4.08 -4.39
N VAL A 25 -5.52 4.62 -5.22
CA VAL A 25 -4.21 5.05 -4.77
C VAL A 25 -4.32 6.02 -3.59
N PRO A 26 -3.52 5.83 -2.52
CA PRO A 26 -2.52 4.76 -2.43
C PRO A 26 -3.15 3.38 -2.25
N ASP A 27 -2.51 2.37 -2.82
CA ASP A 27 -3.01 1.00 -2.74
C ASP A 27 -3.11 0.54 -1.29
N TYR A 28 -1.98 0.29 -0.66
CA TYR A 28 -1.98 -0.18 0.73
C TYR A 28 -0.96 0.57 1.58
N ARG A 29 -1.15 0.52 2.91
CA ARG A 29 -0.26 1.19 3.83
C ARG A 29 0.12 0.31 5.01
N LEU A 30 1.36 0.46 5.48
CA LEU A 30 1.86 -0.28 6.64
C LEU A 30 2.60 0.67 7.57
N ASP A 31 1.85 1.40 8.39
CA ASP A 31 2.44 2.40 9.28
C ASP A 31 2.51 1.90 10.73
N MET A 32 3.32 0.86 10.95
CA MET A 32 3.51 0.32 12.28
C MET A 32 4.99 0.01 12.55
N VAL A 33 5.34 -1.27 12.53
CA VAL A 33 6.72 -1.69 12.74
C VAL A 33 7.11 -2.76 11.71
N GLY A 34 8.40 -2.89 11.46
CA GLY A 34 8.87 -3.89 10.51
C GLY A 34 8.49 -5.30 10.92
N GLU A 35 7.98 -5.43 12.14
CA GLU A 35 7.57 -6.73 12.66
C GLU A 35 6.47 -7.34 11.80
N PRO A 36 6.19 -8.66 11.97
CA PRO A 36 5.15 -9.35 11.19
C PRO A 36 3.74 -8.80 11.46
N CYS A 37 3.67 -7.75 12.26
CA CYS A 37 2.40 -7.12 12.59
C CYS A 37 2.28 -5.75 11.92
N PRO A 38 1.04 -5.28 11.65
CA PRO A 38 -0.19 -6.01 11.97
C PRO A 38 -0.44 -7.19 11.04
N TYR A 39 -0.62 -6.89 9.75
CA TYR A 39 -0.87 -7.94 8.76
C TYR A 39 0.39 -8.77 8.53
N PRO A 40 1.52 -8.17 8.09
CA PRO A 40 1.66 -6.75 7.79
C PRO A 40 1.66 -6.46 6.29
N ALA A 41 2.82 -6.66 5.66
CA ALA A 41 3.00 -6.44 4.22
C ALA A 41 2.16 -7.41 3.39
N VAL A 42 1.31 -8.18 4.04
CA VAL A 42 0.45 -9.13 3.32
C VAL A 42 -0.32 -8.41 2.22
N ALA A 43 -0.56 -7.12 2.44
CA ALA A 43 -1.26 -6.28 1.47
C ALA A 43 -0.36 -5.97 0.28
N THR A 44 0.92 -5.77 0.56
CA THR A 44 1.91 -5.45 -0.46
C THR A 44 1.90 -6.49 -1.58
N LEU A 45 2.25 -7.72 -1.22
CA LEU A 45 2.30 -8.82 -2.18
C LEU A 45 0.96 -9.00 -2.89
N GLU A 46 -0.12 -8.83 -2.14
CA GLU A 46 -1.47 -8.97 -2.69
C GLU A 46 -1.74 -7.90 -3.75
N ALA A 47 -1.08 -6.75 -3.59
CA ALA A 47 -1.24 -5.65 -4.52
C ALA A 47 -0.54 -5.94 -5.86
N MET A 48 0.46 -6.81 -5.82
CA MET A 48 1.23 -7.13 -7.02
C MET A 48 0.33 -7.66 -8.15
N PRO A 49 -0.46 -8.73 -7.90
CA PRO A 49 -1.37 -9.28 -8.92
C PRO A 49 -2.54 -8.35 -9.20
N GLN A 50 -3.12 -7.82 -8.12
CA GLN A 50 -4.25 -6.90 -8.22
C GLN A 50 -3.81 -5.53 -8.73
N LEU A 51 -2.54 -5.43 -9.15
CA LEU A 51 -1.99 -4.18 -9.65
C LEU A 51 -2.96 -3.47 -10.60
N LYS A 52 -2.83 -2.16 -10.69
CA LYS A 52 -3.69 -1.36 -11.56
C LYS A 52 -2.86 -0.53 -12.54
N LYS A 53 -3.45 0.54 -13.04
CA LYS A 53 -2.77 1.41 -14.00
C LYS A 53 -1.78 2.34 -13.29
N GLY A 54 -1.57 2.09 -12.00
CA GLY A 54 -0.65 2.91 -11.23
C GLY A 54 -0.88 2.81 -9.75
N GLU A 55 -0.34 1.76 -9.13
CA GLU A 55 -0.50 1.53 -7.70
C GLU A 55 0.50 2.37 -6.89
N ILE A 56 0.33 2.37 -5.58
CA ILE A 56 1.20 3.10 -4.67
C ILE A 56 1.08 2.54 -3.25
N LEU A 57 2.10 2.74 -2.44
CA LEU A 57 2.10 2.24 -1.07
C LEU A 57 2.69 3.25 -0.12
N GLU A 58 2.39 3.08 1.15
CA GLU A 58 2.97 3.93 2.17
C GLU A 58 3.26 3.12 3.42
N VAL A 59 4.54 2.97 3.74
CA VAL A 59 4.95 2.20 4.91
C VAL A 59 5.71 3.06 5.91
N VAL A 60 5.12 3.24 7.08
CA VAL A 60 5.76 4.00 8.15
C VAL A 60 5.99 3.13 9.37
N SER A 61 7.18 2.55 9.46
CA SER A 61 7.50 1.65 10.55
C SER A 61 8.82 2.01 11.22
N ASP A 62 9.13 1.32 12.30
CA ASP A 62 10.37 1.54 13.03
C ASP A 62 11.22 0.27 13.01
N CYS A 63 12.50 0.43 12.66
CA CYS A 63 13.41 -0.71 12.59
C CYS A 63 14.84 -0.28 12.91
N PRO A 64 15.42 -0.82 13.99
CA PRO A 64 16.80 -0.50 14.40
C PRO A 64 17.83 -0.92 13.34
N GLN A 65 17.41 -1.81 12.44
CA GLN A 65 18.28 -2.29 11.38
C GLN A 65 17.86 -1.72 10.03
N SER A 66 18.34 -2.34 8.96
CA SER A 66 18.01 -1.90 7.61
C SER A 66 16.97 -2.82 6.98
N ILE A 67 16.83 -4.01 7.54
CA ILE A 67 15.87 -4.99 7.03
C ILE A 67 14.43 -4.55 7.30
N ASN A 68 13.61 -4.59 6.25
CA ASN A 68 12.19 -4.22 6.37
C ASN A 68 11.32 -5.21 5.61
N ASN A 69 10.29 -5.71 6.29
CA ASN A 69 9.42 -6.73 5.73
C ASN A 69 8.60 -6.25 4.53
N ILE A 70 7.95 -5.09 4.66
CA ILE A 70 7.06 -4.61 3.61
C ILE A 70 7.77 -4.47 2.25
N PRO A 71 8.88 -3.70 2.18
CA PRO A 71 9.60 -3.51 0.92
C PRO A 71 10.16 -4.83 0.38
N LEU A 72 10.56 -5.71 1.30
CA LEU A 72 11.10 -7.02 0.91
C LEU A 72 10.02 -7.89 0.28
N ASP A 73 8.79 -7.66 0.69
CA ASP A 73 7.65 -8.41 0.17
C ASP A 73 7.51 -8.20 -1.34
N ALA A 74 7.37 -6.95 -1.74
CA ALA A 74 7.23 -6.62 -3.16
C ALA A 74 8.53 -6.92 -3.91
N ARG A 75 9.66 -6.67 -3.27
CA ARG A 75 10.96 -6.91 -3.88
C ARG A 75 11.18 -8.38 -4.17
N ASN A 76 11.04 -9.22 -3.14
CA ASN A 76 11.24 -10.66 -3.29
C ASN A 76 10.49 -11.20 -4.51
N HIS A 77 9.19 -10.94 -4.56
CA HIS A 77 8.37 -11.38 -5.68
C HIS A 77 8.70 -10.60 -6.93
N GLY A 78 8.32 -9.32 -6.95
CA GLY A 78 8.61 -8.47 -8.09
C GLY A 78 7.67 -7.28 -8.18
N TYR A 79 8.15 -6.13 -7.70
CA TYR A 79 7.37 -4.90 -7.71
C TYR A 79 7.56 -4.13 -9.02
N THR A 80 7.14 -2.87 -8.99
CA THR A 80 7.34 -1.97 -10.11
C THR A 80 8.33 -0.88 -9.72
N VAL A 81 8.04 -0.23 -8.60
CA VAL A 81 8.92 0.79 -8.04
C VAL A 81 8.94 0.68 -6.51
N LEU A 82 10.11 0.37 -5.96
CA LEU A 82 10.27 0.22 -4.51
C LEU A 82 11.34 1.18 -3.99
N ASP A 83 10.89 2.23 -3.32
CA ASP A 83 11.80 3.23 -2.76
C ASP A 83 11.57 3.38 -1.26
N ILE A 84 12.53 4.00 -0.58
CA ILE A 84 12.43 4.19 0.86
C ILE A 84 12.94 5.57 1.27
N GLN A 85 12.67 5.95 2.52
CA GLN A 85 13.11 7.23 3.05
C GLN A 85 13.24 7.15 4.58
N GLN A 86 14.06 8.01 5.15
CA GLN A 86 14.27 8.04 6.59
C GLN A 86 14.20 9.47 7.13
N ASP A 87 13.85 9.60 8.40
CA ASP A 87 13.76 10.92 9.04
C ASP A 87 14.65 10.99 10.26
N GLY A 88 14.15 10.46 11.38
CA GLY A 88 14.91 10.47 12.61
C GLY A 88 14.78 9.17 13.38
N PRO A 89 13.89 9.11 14.39
CA PRO A 89 13.69 7.90 15.20
C PRO A 89 12.79 6.88 14.50
N THR A 90 12.50 7.12 13.23
CA THR A 90 11.65 6.21 12.46
C THR A 90 12.08 6.16 11.00
N ILE A 91 11.42 5.31 10.22
CA ILE A 91 11.74 5.17 8.81
C ILE A 91 10.46 4.88 8.01
N ARG A 92 10.36 5.48 6.83
CA ARG A 92 9.19 5.29 5.99
C ARG A 92 9.58 5.00 4.55
N TYR A 93 8.96 3.98 3.97
CA TYR A 93 9.22 3.61 2.58
C TYR A 93 7.91 3.65 1.78
N LEU A 94 8.02 3.64 0.47
CA LEU A 94 6.84 3.70 -0.39
C LEU A 94 7.10 3.06 -1.74
N ILE A 95 6.02 2.67 -2.42
CA ILE A 95 6.12 2.04 -3.73
C ILE A 95 5.11 2.64 -4.70
N GLN A 96 5.32 2.43 -5.99
CA GLN A 96 4.42 2.93 -7.02
C GLN A 96 4.49 2.08 -8.29
N LYS A 97 3.43 2.11 -9.08
CA LYS A 97 3.39 1.35 -10.33
C LYS A 97 3.10 2.28 -11.51
N MET A 1 -29.33 20.84 17.73
CA MET A 1 -30.81 20.95 17.84
C MET A 1 -31.31 20.44 19.19
N GLY A 2 -30.48 19.64 19.86
CA GLY A 2 -30.86 19.10 21.15
C GLY A 2 -29.86 19.43 22.23
N SER A 3 -29.80 18.59 23.26
CA SER A 3 -28.87 18.80 24.37
C SER A 3 -27.74 17.77 24.35
N SER A 4 -27.69 16.97 23.28
CA SER A 4 -26.66 15.94 23.14
C SER A 4 -25.48 16.47 22.34
N HIS A 5 -24.30 15.93 22.61
CA HIS A 5 -23.09 16.34 21.91
C HIS A 5 -22.32 15.12 21.41
N HIS A 6 -22.37 14.89 20.10
CA HIS A 6 -21.68 13.76 19.49
C HIS A 6 -20.89 14.21 18.26
N HIS A 7 -20.17 13.26 17.66
CA HIS A 7 -19.37 13.55 16.47
C HIS A 7 -20.26 13.74 15.25
N HIS A 8 -19.65 14.16 14.14
CA HIS A 8 -20.39 14.39 12.90
C HIS A 8 -19.93 13.41 11.82
N HIS A 9 -19.78 12.14 12.20
CA HIS A 9 -19.35 11.11 11.27
C HIS A 9 -20.38 10.92 10.16
N HIS A 10 -21.52 10.36 10.50
CA HIS A 10 -22.59 10.12 9.53
C HIS A 10 -23.79 11.02 9.82
N SER A 11 -23.55 12.32 9.93
CA SER A 11 -24.62 13.28 10.20
C SER A 11 -25.56 13.39 9.01
N SER A 12 -25.11 14.05 7.95
CA SER A 12 -25.92 14.23 6.75
C SER A 12 -25.28 13.52 5.55
N GLY A 13 -25.94 12.46 5.08
CA GLY A 13 -25.43 11.72 3.94
C GLY A 13 -26.28 11.90 2.70
N LEU A 14 -26.90 13.07 2.58
CA LEU A 14 -27.75 13.35 1.43
C LEU A 14 -26.93 13.89 0.27
N VAL A 15 -25.96 14.75 0.58
CA VAL A 15 -25.09 15.32 -0.45
C VAL A 15 -23.89 14.43 -0.72
N PRO A 16 -23.13 14.02 0.32
CA PRO A 16 -21.96 13.16 0.15
C PRO A 16 -22.33 11.71 -0.10
N ARG A 17 -22.14 11.26 -1.34
CA ARG A 17 -22.47 9.88 -1.71
C ARG A 17 -21.32 8.94 -1.35
N GLY A 18 -21.63 7.93 -0.53
CA GLY A 18 -20.62 6.97 -0.12
C GLY A 18 -20.50 5.82 -1.11
N SER A 19 -19.82 6.06 -2.22
CA SER A 19 -19.62 5.03 -3.24
C SER A 19 -18.22 4.44 -3.15
N HIS A 20 -17.73 4.28 -1.93
CA HIS A 20 -16.40 3.72 -1.71
C HIS A 20 -16.49 2.24 -1.34
N MET A 21 -16.74 1.41 -2.34
CA MET A 21 -16.86 -0.03 -2.13
C MET A 21 -15.68 -0.77 -2.78
N LYS A 22 -15.52 -0.58 -4.08
CA LYS A 22 -14.44 -1.23 -4.82
C LYS A 22 -13.33 -0.23 -5.13
N ASN A 23 -12.11 -0.55 -4.70
CA ASN A 23 -10.96 0.31 -4.93
C ASN A 23 -10.35 0.04 -6.30
N ILE A 24 -9.83 1.11 -6.92
CA ILE A 24 -9.22 1.00 -8.24
C ILE A 24 -7.70 1.10 -8.14
N VAL A 25 -7.22 1.78 -7.11
CA VAL A 25 -5.78 1.94 -6.90
C VAL A 25 -5.36 1.44 -5.52
N PRO A 26 -4.23 0.74 -5.44
CA PRO A 26 -3.71 0.18 -4.18
C PRO A 26 -3.57 1.26 -3.09
N ASP A 27 -2.38 1.85 -2.99
CA ASP A 27 -2.12 2.86 -1.98
C ASP A 27 -2.41 2.28 -0.60
N TYR A 28 -1.53 1.40 -0.12
CA TYR A 28 -1.75 0.77 1.18
C TYR A 28 -0.77 1.30 2.23
N ARG A 29 -1.27 1.46 3.45
CA ARG A 29 -0.46 2.02 4.53
C ARG A 29 -0.13 0.99 5.60
N LEU A 30 1.12 1.01 6.04
CA LEU A 30 1.58 0.14 7.13
C LEU A 30 2.25 0.98 8.21
N ASP A 31 1.44 1.44 9.17
CA ASP A 31 1.94 2.32 10.22
C ASP A 31 2.16 1.57 11.52
N MET A 32 3.07 0.60 11.50
CA MET A 32 3.38 -0.18 12.69
C MET A 32 4.89 -0.39 12.85
N VAL A 33 5.32 -1.63 12.70
CA VAL A 33 6.74 -1.97 12.83
C VAL A 33 7.17 -2.89 11.69
N GLY A 34 8.46 -2.89 11.38
CA GLY A 34 8.97 -3.75 10.33
C GLY A 34 9.17 -5.17 10.81
N GLU A 35 8.07 -5.87 11.05
CA GLU A 35 8.11 -7.25 11.52
C GLU A 35 8.21 -8.22 10.33
N PRO A 36 9.03 -9.28 10.47
CA PRO A 36 9.22 -10.27 9.40
C PRO A 36 7.98 -11.13 9.18
N CYS A 37 7.15 -11.25 10.21
CA CYS A 37 5.94 -12.06 10.11
C CYS A 37 5.05 -11.59 8.97
N PRO A 38 4.35 -12.52 8.28
CA PRO A 38 3.48 -12.19 7.17
C PRO A 38 2.16 -11.58 7.62
N TYR A 39 2.19 -10.29 7.96
CA TYR A 39 1.00 -9.58 8.43
C TYR A 39 0.91 -8.18 7.79
N PRO A 40 1.97 -7.36 7.92
CA PRO A 40 1.97 -5.99 7.36
C PRO A 40 1.85 -5.99 5.83
N ALA A 41 2.99 -6.19 5.16
CA ALA A 41 3.04 -6.19 3.70
C ALA A 41 2.20 -7.30 3.07
N VAL A 42 1.34 -7.94 3.86
CA VAL A 42 0.46 -8.97 3.33
C VAL A 42 -0.30 -8.45 2.13
N ALA A 43 -0.59 -7.15 2.14
CA ALA A 43 -1.28 -6.49 1.05
C ALA A 43 -0.36 -6.32 -0.16
N THR A 44 0.87 -5.90 0.11
CA THR A 44 1.85 -5.68 -0.95
C THR A 44 2.02 -6.92 -1.82
N LEU A 45 2.13 -8.08 -1.17
CA LEU A 45 2.30 -9.34 -1.89
C LEU A 45 1.09 -9.65 -2.76
N GLU A 46 -0.09 -9.65 -2.15
CA GLU A 46 -1.33 -9.92 -2.88
C GLU A 46 -1.63 -8.80 -3.86
N ALA A 47 -0.88 -7.71 -3.75
CA ALA A 47 -1.05 -6.57 -4.65
C ALA A 47 -0.47 -6.90 -6.03
N MET A 48 0.67 -7.59 -6.04
CA MET A 48 1.35 -7.95 -7.28
C MET A 48 0.39 -8.57 -8.29
N PRO A 49 -0.43 -9.56 -7.90
CA PRO A 49 -1.41 -10.18 -8.81
C PRO A 49 -2.48 -9.18 -9.22
N GLN A 50 -3.14 -8.59 -8.22
CA GLN A 50 -4.20 -7.61 -8.47
C GLN A 50 -3.63 -6.27 -8.94
N LEU A 51 -2.38 -6.29 -9.42
CA LEU A 51 -1.72 -5.07 -9.88
C LEU A 51 -2.63 -4.28 -10.84
N LYS A 52 -2.35 -2.98 -10.96
CA LYS A 52 -3.14 -2.11 -11.84
C LYS A 52 -2.23 -1.15 -12.60
N LYS A 53 -2.85 -0.19 -13.28
CA LYS A 53 -2.10 0.80 -14.05
C LYS A 53 -1.77 2.01 -13.19
N GLY A 54 -2.03 1.91 -11.90
CA GLY A 54 -1.75 3.01 -10.99
C GLY A 54 -1.58 2.56 -9.55
N GLU A 55 -0.59 1.72 -9.31
CA GLU A 55 -0.33 1.21 -7.97
C GLU A 55 0.49 2.20 -7.16
N ILE A 56 0.26 2.20 -5.85
CA ILE A 56 0.95 3.09 -4.93
C ILE A 56 0.92 2.49 -3.53
N LEU A 57 1.85 2.91 -2.67
CA LEU A 57 1.87 2.38 -1.32
C LEU A 57 2.65 3.29 -0.39
N GLU A 58 2.15 3.40 0.83
CA GLU A 58 2.76 4.23 1.84
C GLU A 58 3.04 3.41 3.10
N VAL A 59 4.20 3.60 3.71
CA VAL A 59 4.56 2.83 4.90
C VAL A 59 5.25 3.69 5.95
N VAL A 60 4.95 3.42 7.21
CA VAL A 60 5.55 4.14 8.33
C VAL A 60 5.71 3.22 9.52
N SER A 61 6.95 2.86 9.83
CA SER A 61 7.22 1.95 10.94
C SER A 61 8.57 2.22 11.58
N ASP A 62 8.93 1.38 12.54
CA ASP A 62 10.21 1.51 13.22
C ASP A 62 11.08 0.28 12.99
N CYS A 63 12.25 0.50 12.40
CA CYS A 63 13.17 -0.59 12.11
C CYS A 63 14.60 -0.20 12.46
N PRO A 64 15.17 -0.74 13.56
CA PRO A 64 16.52 -0.44 13.98
C PRO A 64 17.55 -0.72 12.89
N GLN A 65 17.25 -1.71 12.05
CA GLN A 65 18.14 -2.08 10.95
C GLN A 65 17.82 -1.28 9.69
N SER A 66 18.30 -1.76 8.55
CA SER A 66 18.08 -1.08 7.28
C SER A 66 17.10 -1.88 6.42
N ILE A 67 16.94 -3.16 6.72
CA ILE A 67 16.05 -4.03 5.97
C ILE A 67 14.64 -3.46 5.95
N ASN A 68 14.13 -3.18 4.75
CA ASN A 68 12.80 -2.63 4.58
C ASN A 68 11.73 -3.71 4.80
N ASN A 69 10.67 -3.35 5.51
CA ASN A 69 9.59 -4.28 5.80
C ASN A 69 8.74 -4.56 4.56
N ILE A 70 7.68 -3.76 4.38
CA ILE A 70 6.79 -3.94 3.24
C ILE A 70 7.58 -4.07 1.93
N PRO A 71 8.51 -3.14 1.65
CA PRO A 71 9.29 -3.15 0.40
C PRO A 71 9.99 -4.48 0.16
N LEU A 72 10.44 -5.15 1.22
CA LEU A 72 11.10 -6.44 1.07
C LEU A 72 10.19 -7.44 0.38
N ASP A 73 8.92 -7.42 0.76
CA ASP A 73 7.93 -8.34 0.19
C ASP A 73 7.78 -8.11 -1.31
N ALA A 74 7.43 -6.89 -1.69
CA ALA A 74 7.25 -6.54 -3.10
C ALA A 74 8.55 -6.71 -3.89
N ARG A 75 9.66 -6.40 -3.24
CA ARG A 75 10.97 -6.52 -3.88
C ARG A 75 11.32 -7.98 -4.15
N ASN A 76 10.84 -8.86 -3.27
CA ASN A 76 11.09 -10.29 -3.41
C ASN A 76 10.58 -10.80 -4.76
N HIS A 77 9.27 -10.70 -4.97
CA HIS A 77 8.66 -11.13 -6.22
C HIS A 77 9.05 -10.19 -7.35
N GLY A 78 9.13 -8.90 -7.04
CA GLY A 78 9.51 -7.90 -8.02
C GLY A 78 8.35 -7.04 -8.47
N TYR A 79 8.35 -5.79 -8.04
CA TYR A 79 7.29 -4.86 -8.40
C TYR A 79 7.82 -3.78 -9.36
N THR A 80 7.08 -2.68 -9.48
CA THR A 80 7.45 -1.58 -10.36
C THR A 80 8.46 -0.66 -9.67
N VAL A 81 7.96 0.15 -8.75
CA VAL A 81 8.82 1.10 -8.04
C VAL A 81 8.87 0.78 -6.54
N LEU A 82 10.08 0.55 -6.04
CA LEU A 82 10.29 0.26 -4.62
C LEU A 82 11.38 1.17 -4.06
N ASP A 83 10.96 2.26 -3.42
CA ASP A 83 11.91 3.22 -2.85
C ASP A 83 11.60 3.51 -1.39
N ILE A 84 12.66 3.64 -0.59
CA ILE A 84 12.51 3.91 0.83
C ILE A 84 13.51 4.96 1.31
N GLN A 85 13.23 5.56 2.46
CA GLN A 85 14.11 6.57 3.03
C GLN A 85 14.05 6.53 4.56
N GLN A 86 15.11 7.01 5.19
CA GLN A 86 15.18 7.01 6.65
C GLN A 86 15.45 8.42 7.18
N ASP A 87 14.98 8.70 8.39
CA ASP A 87 15.18 10.00 9.00
C ASP A 87 16.05 9.89 10.25
N GLY A 88 15.45 9.48 11.35
CA GLY A 88 16.18 9.32 12.58
C GLY A 88 15.75 8.08 13.35
N PRO A 89 14.75 8.20 14.24
CA PRO A 89 14.25 7.09 15.03
C PRO A 89 13.19 6.26 14.30
N THR A 90 12.85 6.68 13.09
CA THR A 90 11.84 5.98 12.30
C THR A 90 12.28 5.87 10.84
N ILE A 91 11.39 5.33 10.01
CA ILE A 91 11.68 5.15 8.59
C ILE A 91 10.39 5.19 7.76
N ARG A 92 10.53 5.64 6.51
CA ARG A 92 9.39 5.78 5.62
C ARG A 92 9.61 4.98 4.33
N TYR A 93 8.59 4.23 3.93
CA TYR A 93 8.66 3.42 2.71
C TYR A 93 7.53 3.78 1.76
N LEU A 94 7.79 3.70 0.46
CA LEU A 94 6.78 4.02 -0.55
C LEU A 94 7.03 3.31 -1.86
N ILE A 95 5.97 2.77 -2.46
CA ILE A 95 6.08 2.09 -3.76
C ILE A 95 4.99 2.61 -4.71
N GLN A 96 5.26 2.53 -6.01
CA GLN A 96 4.29 2.99 -7.00
C GLN A 96 4.48 2.26 -8.33
N LYS A 97 3.52 2.45 -9.24
CA LYS A 97 3.58 1.82 -10.56
C LYS A 97 3.51 2.86 -11.66
N MET A 1 -30.95 -14.64 5.59
CA MET A 1 -30.71 -13.49 6.50
C MET A 1 -29.25 -13.05 6.44
N GLY A 2 -28.89 -12.12 7.31
CA GLY A 2 -27.52 -11.61 7.34
C GLY A 2 -26.74 -12.13 8.52
N SER A 3 -25.63 -11.46 8.84
CA SER A 3 -24.78 -11.87 9.96
C SER A 3 -24.97 -10.92 11.14
N SER A 4 -24.97 -9.63 10.88
CA SER A 4 -25.14 -8.62 11.92
C SER A 4 -26.60 -8.48 12.30
N HIS A 5 -26.89 -7.55 13.21
CA HIS A 5 -28.25 -7.31 13.65
C HIS A 5 -29.13 -6.81 12.50
N HIS A 6 -28.67 -5.76 11.83
CA HIS A 6 -29.40 -5.18 10.70
C HIS A 6 -28.45 -4.84 9.55
N HIS A 7 -28.83 -5.24 8.35
CA HIS A 7 -28.02 -4.98 7.17
C HIS A 7 -28.39 -3.64 6.55
N HIS A 8 -27.73 -3.30 5.44
CA HIS A 8 -27.98 -2.04 4.75
C HIS A 8 -29.02 -2.22 3.65
N HIS A 9 -30.17 -1.57 3.81
CA HIS A 9 -31.24 -1.66 2.83
C HIS A 9 -31.20 -0.47 1.87
N HIS A 10 -30.08 0.25 1.88
CA HIS A 10 -29.91 1.40 1.01
C HIS A 10 -29.58 0.97 -0.42
N SER A 11 -29.27 1.95 -1.27
CA SER A 11 -28.94 1.66 -2.66
C SER A 11 -27.43 1.60 -2.86
N SER A 12 -26.82 0.49 -2.45
CA SER A 12 -25.38 0.31 -2.59
C SER A 12 -25.06 -1.09 -3.12
N GLY A 13 -26.02 -2.00 -2.98
CA GLY A 13 -25.81 -3.35 -3.45
C GLY A 13 -26.41 -3.58 -4.83
N LEU A 14 -25.62 -3.28 -5.87
CA LEU A 14 -26.08 -3.46 -7.24
C LEU A 14 -25.15 -4.40 -8.01
N VAL A 15 -25.68 -5.02 -9.05
CA VAL A 15 -24.90 -5.95 -9.86
C VAL A 15 -24.71 -5.40 -11.28
N PRO A 16 -23.55 -5.70 -11.91
CA PRO A 16 -22.48 -6.51 -11.32
C PRO A 16 -21.71 -5.74 -10.25
N ARG A 17 -21.38 -4.50 -10.55
CA ARG A 17 -20.63 -3.66 -9.62
C ARG A 17 -21.30 -2.29 -9.45
N GLY A 18 -20.68 -1.43 -8.65
CA GLY A 18 -21.22 -0.11 -8.43
C GLY A 18 -20.48 0.96 -9.21
N SER A 19 -20.18 2.08 -8.54
CA SER A 19 -19.46 3.18 -9.17
C SER A 19 -18.39 3.73 -8.23
N HIS A 20 -17.80 2.85 -7.43
CA HIS A 20 -16.76 3.24 -6.49
C HIS A 20 -15.48 3.63 -7.23
N MET A 21 -14.74 4.58 -6.67
CA MET A 21 -13.49 5.04 -7.27
C MET A 21 -12.34 4.97 -6.26
N LYS A 22 -12.59 4.31 -5.13
CA LYS A 22 -11.58 4.18 -4.09
C LYS A 22 -11.00 2.77 -4.08
N ASN A 23 -11.78 1.82 -4.61
CA ASN A 23 -11.34 0.43 -4.66
C ASN A 23 -10.88 0.04 -6.07
N ILE A 24 -9.89 0.76 -6.57
CA ILE A 24 -9.36 0.49 -7.91
C ILE A 24 -7.84 0.48 -7.91
N VAL A 25 -7.25 1.07 -6.86
CA VAL A 25 -5.80 1.12 -6.73
C VAL A 25 -5.35 0.74 -5.33
N PRO A 26 -4.13 0.20 -5.20
CA PRO A 26 -3.59 -0.22 -3.89
C PRO A 26 -3.58 0.90 -2.87
N ASP A 27 -2.57 1.77 -2.93
CA ASP A 27 -2.43 2.88 -2.00
C ASP A 27 -2.76 2.43 -0.58
N TYR A 28 -1.91 1.56 -0.03
CA TYR A 28 -2.12 1.05 1.31
C TYR A 28 -1.20 1.73 2.31
N ARG A 29 -1.61 1.76 3.57
CA ARG A 29 -0.82 2.42 4.60
C ARG A 29 -0.45 1.48 5.73
N LEU A 30 0.85 1.28 5.91
CA LEU A 30 1.37 0.44 6.99
C LEU A 30 2.17 1.31 7.96
N ASP A 31 1.46 1.99 8.85
CA ASP A 31 2.09 2.90 9.81
C ASP A 31 2.21 2.29 11.19
N MET A 32 3.01 1.23 11.29
CA MET A 32 3.23 0.54 12.56
C MET A 32 4.70 0.20 12.75
N VAL A 33 5.03 -1.08 12.64
CA VAL A 33 6.41 -1.55 12.78
C VAL A 33 6.75 -2.50 11.66
N GLY A 34 8.02 -2.49 11.24
CA GLY A 34 8.44 -3.37 10.17
C GLY A 34 8.21 -4.83 10.52
N GLU A 35 7.96 -5.09 11.80
CA GLU A 35 7.70 -6.44 12.28
C GLU A 35 6.46 -7.02 11.60
N PRO A 36 6.31 -8.36 11.63
CA PRO A 36 5.15 -9.03 11.02
C PRO A 36 3.84 -8.72 11.76
N CYS A 37 3.31 -7.52 11.52
CA CYS A 37 2.07 -7.11 12.15
C CYS A 37 0.90 -7.94 11.63
N PRO A 38 -0.29 -7.84 12.26
CA PRO A 38 -1.48 -8.60 11.83
C PRO A 38 -1.77 -8.41 10.34
N TYR A 39 -1.67 -7.17 9.87
CA TYR A 39 -1.92 -6.85 8.47
C TYR A 39 -0.83 -5.93 7.91
N PRO A 40 0.37 -6.49 7.65
CA PRO A 40 1.51 -5.74 7.14
C PRO A 40 1.64 -5.82 5.62
N ALA A 41 2.88 -6.01 5.15
CA ALA A 41 3.15 -6.13 3.72
C ALA A 41 2.32 -7.21 3.04
N VAL A 42 1.58 -7.98 3.84
CA VAL A 42 0.72 -9.03 3.29
C VAL A 42 -0.11 -8.50 2.13
N ALA A 43 -0.48 -7.22 2.22
CA ALA A 43 -1.23 -6.56 1.17
C ALA A 43 -0.36 -6.32 -0.05
N THR A 44 0.89 -5.93 0.20
CA THR A 44 1.84 -5.67 -0.87
C THR A 44 2.11 -6.93 -1.70
N LEU A 45 2.34 -8.04 -1.00
CA LEU A 45 2.60 -9.31 -1.67
C LEU A 45 1.44 -9.70 -2.57
N GLU A 46 0.23 -9.67 -2.02
CA GLU A 46 -0.96 -10.01 -2.79
C GLU A 46 -1.29 -8.93 -3.80
N ALA A 47 -0.65 -7.77 -3.65
CA ALA A 47 -0.85 -6.65 -4.56
C ALA A 47 -0.20 -6.91 -5.90
N MET A 48 0.87 -7.71 -5.90
CA MET A 48 1.59 -8.03 -7.13
C MET A 48 0.64 -8.42 -8.27
N PRO A 49 -0.23 -9.43 -8.07
CA PRO A 49 -1.20 -9.84 -9.09
C PRO A 49 -2.34 -8.83 -9.21
N GLN A 50 -2.75 -8.28 -8.07
CA GLN A 50 -3.83 -7.30 -8.05
C GLN A 50 -3.37 -5.95 -8.60
N LEU A 51 -2.11 -5.90 -9.06
CA LEU A 51 -1.54 -4.67 -9.61
C LEU A 51 -2.49 -4.01 -10.59
N LYS A 52 -2.37 -2.68 -10.73
CA LYS A 52 -3.23 -1.94 -11.64
C LYS A 52 -2.41 -0.91 -12.43
N LYS A 53 -3.11 -0.01 -13.11
CA LYS A 53 -2.46 1.02 -13.92
C LYS A 53 -2.10 2.23 -13.08
N GLY A 54 -1.59 2.00 -11.88
CA GLY A 54 -1.22 3.09 -11.00
C GLY A 54 -1.19 2.68 -9.53
N GLU A 55 -0.40 1.65 -9.24
CA GLU A 55 -0.29 1.15 -7.87
C GLU A 55 0.51 2.12 -7.01
N ILE A 56 0.27 2.08 -5.70
CA ILE A 56 0.96 2.95 -4.76
C ILE A 56 0.91 2.36 -3.35
N LEU A 57 1.92 2.70 -2.55
CA LEU A 57 1.98 2.24 -1.17
C LEU A 57 2.55 3.30 -0.29
N GLU A 58 2.22 3.21 0.99
CA GLU A 58 2.77 4.15 1.94
C GLU A 58 2.98 3.46 3.28
N VAL A 59 4.24 3.25 3.65
CA VAL A 59 4.56 2.56 4.89
C VAL A 59 5.43 3.40 5.81
N VAL A 60 4.99 3.55 7.05
CA VAL A 60 5.75 4.26 8.08
C VAL A 60 5.84 3.38 9.32
N SER A 61 6.98 2.74 9.50
CA SER A 61 7.15 1.83 10.62
C SER A 61 8.37 2.17 11.45
N ASP A 62 8.67 1.29 12.40
CA ASP A 62 9.81 1.46 13.29
C ASP A 62 10.81 0.33 13.10
N CYS A 63 11.95 0.67 12.50
CA CYS A 63 13.02 -0.29 12.25
C CYS A 63 14.35 0.45 12.05
N PRO A 64 14.86 1.13 13.11
CA PRO A 64 16.11 1.89 13.04
C PRO A 64 17.22 1.10 12.35
N GLN A 65 17.78 0.13 13.08
CA GLN A 65 18.83 -0.71 12.54
C GLN A 65 18.23 -1.97 11.94
N SER A 66 16.96 -1.91 11.58
CA SER A 66 16.25 -3.04 11.01
C SER A 66 15.76 -2.76 9.60
N ILE A 67 15.85 -3.78 8.74
CA ILE A 67 15.39 -3.65 7.37
C ILE A 67 14.16 -4.52 7.12
N ASN A 68 13.07 -4.16 7.78
CA ASN A 68 11.80 -4.87 7.60
C ASN A 68 10.92 -4.10 6.65
N ASN A 69 11.48 -3.78 5.50
CA ASN A 69 10.81 -2.96 4.50
C ASN A 69 9.62 -3.68 3.87
N ILE A 70 8.43 -3.11 4.06
CA ILE A 70 7.23 -3.62 3.41
C ILE A 70 7.47 -3.81 1.91
N PRO A 71 8.05 -2.78 1.23
CA PRO A 71 8.37 -2.88 -0.20
C PRO A 71 9.34 -3.99 -0.49
N LEU A 72 10.20 -4.31 0.48
CA LEU A 72 11.18 -5.39 0.32
C LEU A 72 10.46 -6.68 -0.05
N ASP A 73 9.29 -6.89 0.56
CA ASP A 73 8.47 -8.06 0.25
C ASP A 73 8.05 -8.02 -1.22
N ALA A 74 7.62 -6.84 -1.66
CA ALA A 74 7.24 -6.63 -3.06
C ALA A 74 8.46 -6.72 -3.95
N ARG A 75 9.62 -6.45 -3.38
CA ARG A 75 10.89 -6.51 -4.10
C ARG A 75 11.26 -7.97 -4.38
N ASN A 76 10.96 -8.84 -3.42
CA ASN A 76 11.26 -10.25 -3.57
C ASN A 76 10.44 -10.85 -4.72
N HIS A 77 9.12 -10.67 -4.65
CA HIS A 77 8.24 -11.15 -5.71
C HIS A 77 8.49 -10.35 -6.97
N GLY A 78 8.93 -9.11 -6.80
CA GLY A 78 9.24 -8.25 -7.93
C GLY A 78 8.06 -7.41 -8.37
N TYR A 79 7.92 -6.23 -7.78
CA TYR A 79 6.83 -5.32 -8.13
C TYR A 79 7.33 -4.28 -9.13
N THR A 80 6.62 -3.15 -9.21
CA THR A 80 6.99 -2.09 -10.13
C THR A 80 8.13 -1.25 -9.55
N VAL A 81 7.79 -0.23 -8.76
CA VAL A 81 8.80 0.62 -8.16
C VAL A 81 8.83 0.45 -6.64
N LEU A 82 10.02 0.21 -6.11
CA LEU A 82 10.21 0.03 -4.67
C LEU A 82 11.25 1.03 -4.16
N ASP A 83 10.79 2.04 -3.42
CA ASP A 83 11.68 3.05 -2.87
C ASP A 83 11.51 3.13 -1.35
N ILE A 84 12.53 3.68 -0.68
CA ILE A 84 12.49 3.81 0.77
C ILE A 84 13.13 5.12 1.24
N GLN A 85 13.00 5.40 2.53
CA GLN A 85 13.57 6.61 3.11
C GLN A 85 13.85 6.39 4.59
N GLN A 86 14.49 7.37 5.22
CA GLN A 86 14.83 7.27 6.64
C GLN A 86 14.55 8.58 7.37
N ASP A 87 14.02 8.47 8.58
CA ASP A 87 13.72 9.64 9.39
C ASP A 87 14.55 9.62 10.68
N GLY A 88 13.92 9.95 11.81
CA GLY A 88 14.63 9.94 13.07
C GLY A 88 14.88 8.52 13.57
N PRO A 89 14.14 8.08 14.61
CA PRO A 89 14.30 6.75 15.17
C PRO A 89 13.43 5.71 14.47
N THR A 90 13.00 6.03 13.25
CA THR A 90 12.15 5.13 12.48
C THR A 90 12.57 5.10 11.02
N ILE A 91 11.94 4.21 10.25
CA ILE A 91 12.23 4.08 8.83
C ILE A 91 10.92 3.94 8.03
N ARG A 92 10.77 4.75 6.99
CA ARG A 92 9.55 4.75 6.19
C ARG A 92 9.86 4.46 4.72
N TYR A 93 9.05 3.61 4.11
CA TYR A 93 9.23 3.24 2.70
C TYR A 93 7.94 3.43 1.92
N LEU A 94 8.05 3.43 0.59
CA LEU A 94 6.88 3.60 -0.27
C LEU A 94 7.11 2.97 -1.64
N ILE A 95 6.02 2.57 -2.29
CA ILE A 95 6.10 1.95 -3.62
C ILE A 95 5.02 2.51 -4.55
N GLN A 96 5.27 2.45 -5.86
CA GLN A 96 4.31 2.96 -6.83
C GLN A 96 4.48 2.28 -8.19
N LYS A 97 3.53 2.53 -9.09
CA LYS A 97 3.59 1.99 -10.44
C LYS A 97 3.55 3.11 -11.48
N MET A 1 -17.45 -6.96 26.24
CA MET A 1 -16.28 -6.07 26.45
C MET A 1 -15.14 -6.43 25.51
N GLY A 2 -14.39 -5.42 25.09
CA GLY A 2 -13.27 -5.64 24.19
C GLY A 2 -12.17 -6.47 24.83
N SER A 3 -11.32 -7.06 24.00
CA SER A 3 -10.22 -7.88 24.50
C SER A 3 -8.90 -7.12 24.41
N SER A 4 -8.71 -6.37 23.32
CA SER A 4 -7.49 -5.60 23.13
C SER A 4 -7.81 -4.12 22.94
N HIS A 5 -8.27 -3.78 21.74
CA HIS A 5 -8.61 -2.39 21.42
C HIS A 5 -10.00 -2.30 20.80
N HIS A 6 -10.84 -3.30 21.09
CA HIS A 6 -12.19 -3.34 20.56
C HIS A 6 -13.16 -2.58 21.46
N HIS A 7 -12.69 -1.46 22.00
CA HIS A 7 -13.51 -0.63 22.88
C HIS A 7 -14.33 0.37 22.08
N HIS A 8 -15.58 0.54 22.45
CA HIS A 8 -16.48 1.48 21.76
C HIS A 8 -16.10 2.92 22.08
N HIS A 9 -16.01 3.74 21.04
CA HIS A 9 -15.66 5.15 21.20
C HIS A 9 -16.89 6.04 21.02
N HIS A 10 -16.67 7.35 21.01
CA HIS A 10 -17.76 8.30 20.85
C HIS A 10 -17.36 9.43 19.91
N SER A 11 -16.50 10.33 20.39
CA SER A 11 -16.04 11.45 19.59
C SER A 11 -14.52 11.46 19.46
N SER A 12 -13.89 10.37 19.90
CA SER A 12 -12.44 10.24 19.83
C SER A 12 -11.98 10.15 18.37
N GLY A 13 -10.88 10.84 18.07
CA GLY A 13 -10.36 10.83 16.72
C GLY A 13 -9.27 9.78 16.52
N LEU A 14 -9.28 8.77 17.38
CA LEU A 14 -8.30 7.70 17.30
C LEU A 14 -8.85 6.52 16.50
N VAL A 15 -10.16 6.44 16.40
CA VAL A 15 -10.82 5.36 15.66
C VAL A 15 -11.53 5.90 14.43
N PRO A 16 -10.95 5.70 13.23
CA PRO A 16 -11.54 6.17 11.98
C PRO A 16 -12.85 5.46 11.65
N ARG A 17 -13.55 5.96 10.63
CA ARG A 17 -14.82 5.38 10.22
C ARG A 17 -14.62 4.03 9.54
N GLY A 18 -15.68 3.23 9.50
CA GLY A 18 -15.60 1.92 8.88
C GLY A 18 -15.34 2.01 7.38
N SER A 19 -14.78 0.94 6.82
CA SER A 19 -14.48 0.90 5.39
C SER A 19 -14.99 -0.39 4.77
N HIS A 20 -16.11 -0.30 4.05
CA HIS A 20 -16.70 -1.45 3.38
C HIS A 20 -16.97 -1.17 1.92
N MET A 21 -16.20 -0.24 1.35
CA MET A 21 -16.36 0.12 -0.05
C MET A 21 -15.31 -0.57 -0.91
N LYS A 22 -15.22 -0.16 -2.17
CA LYS A 22 -14.26 -0.75 -3.10
C LYS A 22 -13.49 0.33 -3.85
N ASN A 23 -12.19 0.38 -3.62
CA ASN A 23 -11.34 1.37 -4.27
C ASN A 23 -10.89 0.89 -5.64
N ILE A 24 -10.03 1.68 -6.30
CA ILE A 24 -9.53 1.34 -7.62
C ILE A 24 -8.01 1.34 -7.64
N VAL A 25 -7.41 1.68 -6.51
CA VAL A 25 -5.95 1.72 -6.39
C VAL A 25 -5.50 1.19 -5.04
N PRO A 26 -4.36 0.47 -5.01
CA PRO A 26 -3.82 -0.12 -3.77
C PRO A 26 -3.56 0.93 -2.69
N ASP A 27 -2.43 1.64 -2.81
CA ASP A 27 -2.05 2.66 -1.84
C ASP A 27 -2.34 2.20 -0.41
N TYR A 28 -1.49 1.30 0.09
CA TYR A 28 -1.67 0.76 1.44
C TYR A 28 -0.67 1.39 2.42
N ARG A 29 -0.96 1.29 3.71
CA ARG A 29 -0.10 1.90 4.72
C ARG A 29 0.19 0.95 5.89
N LEU A 30 1.40 1.08 6.43
CA LEU A 30 1.82 0.30 7.59
C LEU A 30 2.50 1.21 8.61
N ASP A 31 1.73 1.76 9.53
CA ASP A 31 2.27 2.72 10.51
C ASP A 31 2.52 2.06 11.86
N MET A 32 3.36 1.03 11.87
CA MET A 32 3.70 0.34 13.11
C MET A 32 5.19 0.01 13.19
N VAL A 33 5.51 -1.27 13.09
CA VAL A 33 6.88 -1.73 13.13
C VAL A 33 7.10 -2.77 12.04
N GLY A 34 8.35 -3.06 11.73
CA GLY A 34 8.63 -4.04 10.71
C GLY A 34 8.89 -5.41 11.28
N GLU A 35 7.83 -6.12 11.64
CA GLU A 35 7.94 -7.46 12.21
C GLU A 35 7.65 -8.53 11.16
N PRO A 36 8.09 -9.78 11.40
CA PRO A 36 7.89 -10.89 10.45
C PRO A 36 6.42 -11.28 10.33
N CYS A 37 5.59 -10.78 11.23
CA CYS A 37 4.16 -11.08 11.22
C CYS A 37 3.32 -9.82 11.03
N PRO A 38 3.29 -9.28 9.80
CA PRO A 38 2.53 -8.07 9.49
C PRO A 38 1.10 -8.37 9.05
N TYR A 39 0.42 -7.35 8.55
CA TYR A 39 -0.95 -7.50 8.08
C TYR A 39 -1.20 -6.71 6.78
N PRO A 40 -0.91 -5.38 6.77
CA PRO A 40 -1.12 -4.55 5.58
C PRO A 40 -0.20 -4.94 4.43
N ALA A 41 0.99 -5.45 4.75
CA ALA A 41 1.94 -5.88 3.71
C ALA A 41 1.38 -7.07 2.96
N VAL A 42 0.39 -7.70 3.57
CA VAL A 42 -0.27 -8.83 2.91
C VAL A 42 -0.84 -8.37 1.58
N ALA A 43 -1.15 -7.07 1.51
CA ALA A 43 -1.64 -6.46 0.30
C ALA A 43 -0.50 -6.30 -0.71
N THR A 44 0.71 -6.10 -0.18
CA THR A 44 1.90 -5.92 -1.00
C THR A 44 2.04 -7.04 -2.03
N LEU A 45 2.32 -8.24 -1.53
CA LEU A 45 2.49 -9.40 -2.39
C LEU A 45 1.23 -9.70 -3.19
N GLU A 46 0.08 -9.63 -2.51
CA GLU A 46 -1.20 -9.89 -3.15
C GLU A 46 -1.51 -8.84 -4.21
N ALA A 47 -0.81 -7.71 -4.14
CA ALA A 47 -1.01 -6.62 -5.10
C ALA A 47 -0.42 -6.99 -6.46
N MET A 48 0.72 -7.66 -6.45
CA MET A 48 1.39 -8.04 -7.69
C MET A 48 0.42 -8.63 -8.71
N PRO A 49 -0.33 -9.69 -8.34
CA PRO A 49 -1.30 -10.31 -9.27
C PRO A 49 -2.45 -9.36 -9.59
N GLN A 50 -3.14 -8.91 -8.55
CA GLN A 50 -4.26 -7.98 -8.72
C GLN A 50 -3.79 -6.57 -9.10
N LEU A 51 -2.54 -6.45 -9.57
CA LEU A 51 -1.98 -5.16 -9.95
C LEU A 51 -2.98 -4.34 -10.76
N LYS A 52 -2.86 -3.02 -10.66
CA LYS A 52 -3.77 -2.12 -11.37
C LYS A 52 -3.00 -1.05 -12.13
N LYS A 53 -3.74 -0.16 -12.80
CA LYS A 53 -3.13 0.91 -13.58
C LYS A 53 -2.87 2.13 -12.70
N GLY A 54 -2.05 1.97 -11.67
CA GLY A 54 -1.74 3.06 -10.77
C GLY A 54 -1.55 2.60 -9.34
N GLU A 55 -0.83 1.50 -9.16
CA GLU A 55 -0.57 0.95 -7.84
C GLU A 55 0.28 1.91 -7.01
N ILE A 56 0.09 1.87 -5.70
CA ILE A 56 0.82 2.73 -4.79
C ILE A 56 0.92 2.09 -3.40
N LEU A 57 1.92 2.49 -2.64
CA LEU A 57 2.11 1.95 -1.30
C LEU A 57 2.68 2.98 -0.38
N GLU A 58 2.54 2.72 0.91
CA GLU A 58 3.09 3.60 1.90
C GLU A 58 3.44 2.82 3.17
N VAL A 59 4.57 3.16 3.77
CA VAL A 59 5.01 2.48 4.98
C VAL A 59 5.61 3.47 5.98
N VAL A 60 5.37 3.21 7.26
CA VAL A 60 5.90 4.04 8.32
C VAL A 60 6.08 3.23 9.59
N SER A 61 7.30 2.77 9.83
CA SER A 61 7.58 1.95 11.00
C SER A 61 9.02 2.12 11.46
N ASP A 62 9.36 1.42 12.53
CA ASP A 62 10.71 1.48 13.07
C ASP A 62 11.39 0.11 13.03
N CYS A 63 12.65 0.09 12.64
CA CYS A 63 13.40 -1.16 12.55
C CYS A 63 14.91 -0.90 12.59
N PRO A 64 15.67 -1.75 13.31
CA PRO A 64 17.12 -1.61 13.42
C PRO A 64 17.83 -1.88 12.10
N GLN A 65 17.09 -2.46 11.14
CA GLN A 65 17.65 -2.77 9.83
C GLN A 65 17.36 -1.65 8.83
N SER A 66 17.46 -1.97 7.54
CA SER A 66 17.22 -0.98 6.49
C SER A 66 15.97 -1.33 5.69
N ILE A 67 15.38 -2.49 5.99
CA ILE A 67 14.18 -2.93 5.28
C ILE A 67 13.09 -3.36 6.26
N ASN A 68 11.83 -3.19 5.85
CA ASN A 68 10.70 -3.57 6.69
C ASN A 68 9.93 -4.74 6.09
N ASN A 69 8.77 -5.03 6.66
CA ASN A 69 7.95 -6.14 6.21
C ASN A 69 7.28 -5.86 4.86
N ILE A 70 6.54 -4.74 4.78
CA ILE A 70 5.85 -4.39 3.54
C ILE A 70 6.81 -4.29 2.35
N PRO A 71 7.91 -3.51 2.48
CA PRO A 71 8.88 -3.33 1.39
C PRO A 71 9.56 -4.63 0.98
N LEU A 72 9.93 -5.44 1.96
CA LEU A 72 10.60 -6.71 1.70
C LEU A 72 9.74 -7.62 0.84
N ASP A 73 8.43 -7.42 0.91
CA ASP A 73 7.49 -8.23 0.15
C ASP A 73 7.55 -7.90 -1.34
N ALA A 74 7.23 -6.66 -1.68
CA ALA A 74 7.24 -6.23 -3.07
C ALA A 74 8.64 -6.36 -3.68
N ARG A 75 9.66 -6.04 -2.89
CA ARG A 75 11.04 -6.13 -3.35
C ARG A 75 11.43 -7.57 -3.65
N ASN A 76 10.78 -8.50 -2.96
CA ASN A 76 11.06 -9.93 -3.15
C ASN A 76 10.72 -10.36 -4.57
N HIS A 77 9.43 -10.37 -4.89
CA HIS A 77 8.98 -10.77 -6.23
C HIS A 77 9.31 -9.69 -7.25
N GLY A 78 9.65 -8.50 -6.77
CA GLY A 78 9.99 -7.40 -7.65
C GLY A 78 8.78 -6.86 -8.40
N TYR A 79 8.18 -5.80 -7.87
CA TYR A 79 7.02 -5.20 -8.51
C TYR A 79 7.43 -4.25 -9.62
N THR A 80 7.46 -2.95 -9.32
CA THR A 80 7.85 -1.95 -10.30
C THR A 80 8.76 -0.90 -9.67
N VAL A 81 8.18 0.02 -8.91
CA VAL A 81 8.95 1.08 -8.26
C VAL A 81 8.98 0.88 -6.75
N LEU A 82 10.16 0.59 -6.23
CA LEU A 82 10.36 0.39 -4.80
C LEU A 82 11.40 1.35 -4.25
N ASP A 83 10.93 2.42 -3.59
CA ASP A 83 11.82 3.43 -3.03
C ASP A 83 11.58 3.59 -1.54
N ILE A 84 12.57 4.13 -0.83
CA ILE A 84 12.45 4.31 0.61
C ILE A 84 13.10 5.61 1.07
N GLN A 85 12.84 5.98 2.32
CA GLN A 85 13.39 7.19 2.90
C GLN A 85 13.52 7.05 4.41
N GLN A 86 14.42 7.82 5.00
CA GLN A 86 14.64 7.76 6.45
C GLN A 86 14.75 9.17 7.03
N ASP A 87 14.19 9.37 8.22
CA ASP A 87 14.24 10.66 8.88
C ASP A 87 15.16 10.63 10.10
N GLY A 88 14.65 10.09 11.20
CA GLY A 88 15.43 9.99 12.41
C GLY A 88 15.26 8.65 13.09
N PRO A 89 14.38 8.57 14.11
CA PRO A 89 14.12 7.33 14.83
C PRO A 89 13.10 6.44 14.11
N THR A 90 12.71 6.86 12.90
CA THR A 90 11.74 6.10 12.12
C THR A 90 12.18 5.99 10.66
N ILE A 91 11.44 5.19 9.90
CA ILE A 91 11.75 4.97 8.49
C ILE A 91 10.47 4.73 7.69
N ARG A 92 10.45 5.21 6.44
CA ARG A 92 9.28 5.05 5.59
C ARG A 92 9.63 4.35 4.28
N TYR A 93 8.68 3.59 3.76
CA TYR A 93 8.86 2.86 2.51
C TYR A 93 7.66 3.08 1.59
N LEU A 94 7.92 3.44 0.33
CA LEU A 94 6.84 3.73 -0.60
C LEU A 94 7.08 3.09 -1.97
N ILE A 95 6.01 2.63 -2.60
CA ILE A 95 6.09 2.03 -3.93
C ILE A 95 5.00 2.58 -4.83
N GLN A 96 5.21 2.51 -6.15
CA GLN A 96 4.24 3.01 -7.11
C GLN A 96 4.34 2.28 -8.44
N LYS A 97 3.26 2.31 -9.22
CA LYS A 97 3.24 1.67 -10.52
C LYS A 97 2.81 2.65 -11.61
N MET A 1 -28.80 17.91 -12.33
CA MET A 1 -29.01 16.58 -12.97
C MET A 1 -29.34 15.52 -11.92
N GLY A 2 -30.02 15.91 -10.86
CA GLY A 2 -30.37 14.97 -9.81
C GLY A 2 -31.35 13.92 -10.29
N SER A 3 -30.84 12.71 -10.54
CA SER A 3 -31.67 11.61 -11.01
C SER A 3 -31.34 10.32 -10.25
N SER A 4 -30.93 10.47 -9.00
CA SER A 4 -30.58 9.32 -8.17
C SER A 4 -31.82 8.74 -7.49
N HIS A 5 -32.72 8.18 -8.28
CA HIS A 5 -33.94 7.58 -7.76
C HIS A 5 -33.84 6.06 -7.72
N HIS A 6 -34.96 5.40 -7.44
CA HIS A 6 -34.99 3.95 -7.38
C HIS A 6 -34.77 3.34 -8.76
N HIS A 7 -34.05 2.22 -8.80
CA HIS A 7 -33.76 1.54 -10.06
C HIS A 7 -33.93 0.04 -9.92
N HIS A 8 -33.06 -0.59 -9.13
CA HIS A 8 -33.11 -2.03 -8.92
C HIS A 8 -33.27 -2.37 -7.43
N HIS A 9 -32.14 -2.56 -6.74
CA HIS A 9 -32.17 -2.90 -5.32
C HIS A 9 -32.51 -1.68 -4.49
N HIS A 10 -33.01 -1.93 -3.27
CA HIS A 10 -33.39 -0.85 -2.36
C HIS A 10 -32.61 -0.94 -1.06
N SER A 11 -31.47 -1.63 -1.10
CA SER A 11 -30.64 -1.79 0.09
C SER A 11 -29.55 -0.73 0.14
N SER A 12 -29.47 -0.01 1.26
CA SER A 12 -28.47 1.03 1.43
C SER A 12 -27.81 0.93 2.80
N GLY A 13 -27.74 -0.29 3.34
CA GLY A 13 -27.13 -0.50 4.63
C GLY A 13 -25.62 -0.59 4.55
N LEU A 14 -24.99 -0.99 5.65
CA LEU A 14 -23.55 -1.13 5.71
C LEU A 14 -23.14 -2.56 6.04
N VAL A 15 -23.80 -3.51 5.40
CA VAL A 15 -23.51 -4.93 5.62
C VAL A 15 -22.20 -5.35 4.95
N PRO A 16 -22.02 -5.05 3.64
CA PRO A 16 -20.80 -5.41 2.91
C PRO A 16 -19.56 -4.70 3.47
N ARG A 17 -18.41 -4.98 2.88
CA ARG A 17 -17.17 -4.37 3.31
C ARG A 17 -16.84 -3.14 2.48
N GLY A 18 -16.91 -3.29 1.16
CA GLY A 18 -16.63 -2.17 0.27
C GLY A 18 -17.71 -1.97 -0.78
N SER A 19 -17.34 -1.41 -1.92
CA SER A 19 -18.29 -1.17 -3.00
C SER A 19 -18.76 -2.49 -3.62
N HIS A 20 -17.82 -3.21 -4.22
CA HIS A 20 -18.13 -4.49 -4.85
C HIS A 20 -17.18 -5.57 -4.37
N MET A 21 -15.93 -5.50 -4.81
CA MET A 21 -14.92 -6.48 -4.43
C MET A 21 -14.13 -6.00 -3.21
N LYS A 22 -13.25 -6.86 -2.71
CA LYS A 22 -12.44 -6.54 -1.54
C LYS A 22 -10.98 -6.92 -1.78
N ASN A 23 -10.26 -6.07 -2.50
CA ASN A 23 -8.85 -6.32 -2.79
C ASN A 23 -8.00 -5.11 -2.44
N ILE A 24 -6.74 -5.12 -2.90
CA ILE A 24 -5.83 -4.02 -2.63
C ILE A 24 -6.31 -2.73 -3.29
N VAL A 25 -5.72 -1.61 -2.87
CA VAL A 25 -6.10 -0.31 -3.42
C VAL A 25 -4.88 0.58 -3.63
N PRO A 26 -4.88 1.36 -4.73
CA PRO A 26 -3.78 2.27 -5.05
C PRO A 26 -3.50 3.23 -3.90
N ASP A 27 -2.36 3.03 -3.25
CA ASP A 27 -1.91 3.86 -2.12
C ASP A 27 -2.38 3.29 -0.79
N TYR A 28 -1.65 2.29 -0.29
CA TYR A 28 -1.97 1.68 0.99
C TYR A 28 -0.99 2.19 2.05
N ARG A 29 -1.27 1.91 3.32
CA ARG A 29 -0.41 2.39 4.39
C ARG A 29 -0.12 1.31 5.43
N LEU A 30 1.16 1.14 5.74
CA LEU A 30 1.59 0.21 6.79
C LEU A 30 2.40 0.97 7.83
N ASP A 31 1.70 1.66 8.71
CA ASP A 31 2.36 2.51 9.71
C ASP A 31 2.38 1.84 11.08
N MET A 32 3.19 0.79 11.20
CA MET A 32 3.34 0.07 12.46
C MET A 32 4.80 -0.25 12.73
N VAL A 33 5.14 -1.54 12.67
CA VAL A 33 6.51 -1.99 12.88
C VAL A 33 6.91 -3.02 11.83
N GLY A 34 8.17 -3.00 11.43
CA GLY A 34 8.66 -3.95 10.45
C GLY A 34 8.89 -5.33 11.05
N GLU A 35 7.80 -6.06 11.28
CA GLU A 35 7.88 -7.39 11.87
C GLU A 35 7.97 -8.47 10.78
N PRO A 36 8.71 -9.56 11.05
CA PRO A 36 8.87 -10.66 10.09
C PRO A 36 7.53 -11.25 9.66
N CYS A 37 6.51 -11.06 10.47
CA CYS A 37 5.17 -11.58 10.18
C CYS A 37 4.66 -11.03 8.85
N PRO A 38 4.00 -11.87 8.04
CA PRO A 38 3.46 -11.46 6.74
C PRO A 38 2.08 -10.80 6.86
N TYR A 39 1.78 -10.27 8.04
CA TYR A 39 0.50 -9.60 8.28
C TYR A 39 0.48 -8.19 7.68
N PRO A 40 1.51 -7.36 7.97
CA PRO A 40 1.57 -5.99 7.44
C PRO A 40 1.60 -5.94 5.92
N ALA A 41 2.75 -6.26 5.34
CA ALA A 41 2.94 -6.26 3.89
C ALA A 41 1.97 -7.20 3.15
N VAL A 42 1.04 -7.80 3.88
CA VAL A 42 0.08 -8.71 3.27
C VAL A 42 -0.55 -8.06 2.03
N ALA A 43 -0.74 -6.74 2.09
CA ALA A 43 -1.30 -5.99 0.98
C ALA A 43 -0.29 -5.87 -0.16
N THR A 44 0.97 -5.68 0.20
CA THR A 44 2.04 -5.53 -0.79
C THR A 44 2.18 -6.79 -1.65
N LEU A 45 2.41 -7.92 -1.01
CA LEU A 45 2.58 -9.18 -1.71
C LEU A 45 1.33 -9.55 -2.50
N GLU A 46 0.19 -9.60 -1.82
CA GLU A 46 -1.07 -9.94 -2.48
C GLU A 46 -1.32 -9.00 -3.65
N ALA A 47 -0.89 -7.75 -3.49
CA ALA A 47 -1.02 -6.76 -4.56
C ALA A 47 -0.64 -7.39 -5.87
N MET A 48 0.60 -7.83 -5.97
CA MET A 48 1.03 -8.58 -7.14
C MET A 48 0.51 -10.02 -7.06
N PRO A 49 0.02 -10.60 -8.17
CA PRO A 49 -0.25 -9.91 -9.42
C PRO A 49 -1.62 -9.20 -9.46
N GLN A 50 -2.29 -9.10 -8.30
CA GLN A 50 -3.62 -8.48 -8.25
C GLN A 50 -3.54 -6.97 -8.45
N LEU A 51 -2.41 -6.49 -8.95
CA LEU A 51 -2.21 -5.06 -9.17
C LEU A 51 -3.07 -4.56 -10.33
N LYS A 52 -2.97 -3.26 -10.60
CA LYS A 52 -3.72 -2.65 -11.69
C LYS A 52 -2.79 -1.90 -12.63
N LYS A 53 -3.30 -0.81 -13.22
CA LYS A 53 -2.50 0.00 -14.14
C LYS A 53 -2.11 1.32 -13.49
N GLY A 54 -1.42 1.25 -12.36
CA GLY A 54 -1.00 2.45 -11.67
C GLY A 54 -1.42 2.46 -10.21
N GLU A 55 -0.55 1.99 -9.33
CA GLU A 55 -0.86 1.95 -7.91
C GLU A 55 0.21 2.70 -7.10
N ILE A 56 0.12 2.61 -5.78
CA ILE A 56 1.06 3.28 -4.89
C ILE A 56 1.01 2.63 -3.50
N LEU A 57 2.04 2.87 -2.69
CA LEU A 57 2.09 2.33 -1.34
C LEU A 57 2.73 3.29 -0.38
N GLU A 58 2.49 3.04 0.89
CA GLU A 58 3.12 3.83 1.92
C GLU A 58 3.38 2.98 3.16
N VAL A 59 4.53 3.20 3.81
CA VAL A 59 4.90 2.43 4.99
C VAL A 59 5.57 3.31 6.04
N VAL A 60 5.11 3.19 7.28
CA VAL A 60 5.68 3.93 8.40
C VAL A 60 5.90 3.00 9.58
N SER A 61 7.03 2.30 9.57
CA SER A 61 7.35 1.36 10.64
C SER A 61 8.69 1.67 11.28
N ASP A 62 8.94 1.04 12.42
CA ASP A 62 10.20 1.23 13.14
C ASP A 62 10.96 -0.08 13.25
N CYS A 63 12.26 -0.04 12.99
CA CYS A 63 13.09 -1.23 13.07
C CYS A 63 14.56 -0.87 13.24
N PRO A 64 15.31 -1.67 14.02
CA PRO A 64 16.74 -1.43 14.27
C PRO A 64 17.59 -1.72 13.04
N GLN A 65 16.98 -2.34 12.04
CA GLN A 65 17.68 -2.68 10.80
C GLN A 65 17.49 -1.59 9.76
N SER A 66 17.80 -1.90 8.50
CA SER A 66 17.69 -0.94 7.41
C SER A 66 16.59 -1.36 6.44
N ILE A 67 16.19 -2.62 6.51
CA ILE A 67 15.15 -3.15 5.63
C ILE A 67 13.94 -3.63 6.43
N ASN A 68 12.77 -3.60 5.81
CA ASN A 68 11.54 -4.02 6.46
C ASN A 68 10.83 -5.10 5.65
N ASN A 69 9.71 -5.59 6.19
CA ASN A 69 8.94 -6.64 5.54
C ASN A 69 8.19 -6.13 4.31
N ILE A 70 7.59 -4.95 4.44
CA ILE A 70 6.81 -4.37 3.34
C ILE A 70 7.66 -4.16 2.09
N PRO A 71 8.84 -3.51 2.21
CA PRO A 71 9.73 -3.27 1.06
C PRO A 71 10.31 -4.56 0.50
N LEU A 72 10.75 -5.43 1.40
CA LEU A 72 11.34 -6.71 1.00
C LEU A 72 10.32 -7.60 0.29
N ASP A 73 9.07 -7.48 0.70
CA ASP A 73 7.99 -8.28 0.12
C ASP A 73 7.80 -7.92 -1.35
N ALA A 74 7.53 -6.66 -1.62
CA ALA A 74 7.33 -6.20 -2.99
C ALA A 74 8.58 -6.41 -3.83
N ARG A 75 9.74 -6.17 -3.22
CA ARG A 75 11.02 -6.36 -3.91
C ARG A 75 11.21 -7.81 -4.30
N ASN A 76 10.67 -8.72 -3.48
CA ASN A 76 10.78 -10.15 -3.74
C ASN A 76 10.10 -10.52 -5.05
N HIS A 77 8.76 -10.39 -5.08
CA HIS A 77 7.99 -10.69 -6.28
C HIS A 77 8.42 -9.79 -7.42
N GLY A 78 8.79 -8.56 -7.09
CA GLY A 78 9.24 -7.61 -8.11
C GLY A 78 8.13 -6.71 -8.60
N TYR A 79 8.02 -5.53 -8.01
CA TYR A 79 7.01 -4.56 -8.42
C TYR A 79 7.60 -3.57 -9.43
N THR A 80 6.86 -2.50 -9.71
CA THR A 80 7.32 -1.49 -10.65
C THR A 80 8.37 -0.58 -10.03
N VAL A 81 7.97 0.14 -8.99
CA VAL A 81 8.89 1.05 -8.30
C VAL A 81 8.91 0.78 -6.80
N LEU A 82 10.12 0.69 -6.24
CA LEU A 82 10.31 0.45 -4.81
C LEU A 82 11.35 1.42 -4.24
N ASP A 83 10.87 2.48 -3.59
CA ASP A 83 11.76 3.48 -3.01
C ASP A 83 11.49 3.63 -1.51
N ILE A 84 12.50 4.12 -0.78
CA ILE A 84 12.37 4.29 0.66
C ILE A 84 13.06 5.57 1.14
N GLN A 85 12.90 5.85 2.43
CA GLN A 85 13.52 7.03 3.05
C GLN A 85 13.72 6.79 4.54
N GLN A 86 14.52 7.67 5.17
CA GLN A 86 14.80 7.55 6.60
C GLN A 86 14.92 8.93 7.23
N ASP A 87 14.48 9.05 8.49
CA ASP A 87 14.56 10.31 9.20
C ASP A 87 15.44 10.19 10.44
N GLY A 88 14.84 9.71 11.52
CA GLY A 88 15.58 9.53 12.76
C GLY A 88 15.30 8.19 13.41
N PRO A 89 14.38 8.15 14.39
CA PRO A 89 14.04 6.91 15.09
C PRO A 89 13.01 6.08 14.33
N THR A 90 12.68 6.52 13.12
CA THR A 90 11.69 5.81 12.30
C THR A 90 12.15 5.75 10.84
N ILE A 91 11.38 5.01 10.03
CA ILE A 91 11.68 4.86 8.62
C ILE A 91 10.40 4.79 7.79
N ARG A 92 10.44 5.35 6.59
CA ARG A 92 9.27 5.37 5.72
C ARG A 92 9.58 4.74 4.37
N TYR A 93 8.64 3.94 3.86
CA TYR A 93 8.78 3.26 2.58
C TYR A 93 7.62 3.62 1.66
N LEU A 94 7.87 3.64 0.35
CA LEU A 94 6.82 3.98 -0.61
C LEU A 94 7.09 3.37 -1.97
N ILE A 95 6.04 2.86 -2.60
CA ILE A 95 6.15 2.26 -3.93
C ILE A 95 5.09 2.83 -4.86
N GLN A 96 5.30 2.69 -6.17
CA GLN A 96 4.35 3.19 -7.16
C GLN A 96 4.41 2.36 -8.44
N LYS A 97 3.25 2.21 -9.09
CA LYS A 97 3.17 1.45 -10.33
C LYS A 97 2.59 2.29 -11.45
N MET A 1 -32.94 34.08 -28.68
CA MET A 1 -32.65 33.79 -30.11
C MET A 1 -31.85 32.51 -30.26
N GLY A 2 -30.91 32.30 -29.35
CA GLY A 2 -30.08 31.10 -29.40
C GLY A 2 -30.83 29.86 -28.94
N SER A 3 -30.12 28.74 -28.90
CA SER A 3 -30.72 27.48 -28.47
C SER A 3 -30.13 27.01 -27.15
N SER A 4 -29.25 27.83 -26.58
CA SER A 4 -28.60 27.50 -25.31
C SER A 4 -28.99 28.52 -24.24
N HIS A 5 -29.23 28.03 -23.02
CA HIS A 5 -29.61 28.90 -21.90
C HIS A 5 -28.54 28.87 -20.82
N HIS A 6 -28.43 27.73 -20.13
CA HIS A 6 -27.45 27.59 -19.06
C HIS A 6 -26.81 26.20 -19.12
N HIS A 7 -25.62 26.12 -19.71
CA HIS A 7 -24.92 24.85 -19.84
C HIS A 7 -23.47 24.98 -19.33
N HIS A 8 -23.14 26.15 -18.81
CA HIS A 8 -21.80 26.40 -18.28
C HIS A 8 -21.67 25.88 -16.86
N HIS A 9 -22.55 26.33 -15.97
CA HIS A 9 -22.52 25.91 -14.58
C HIS A 9 -23.71 25.00 -14.27
N HIS A 10 -24.49 24.68 -15.29
CA HIS A 10 -25.66 23.82 -15.12
C HIS A 10 -25.48 22.52 -15.91
N SER A 11 -24.67 21.62 -15.37
CA SER A 11 -24.42 20.33 -16.02
C SER A 11 -25.64 19.43 -15.91
N SER A 12 -25.65 18.35 -16.69
CA SER A 12 -26.75 17.40 -16.68
C SER A 12 -26.33 16.08 -16.04
N GLY A 13 -25.13 16.05 -15.49
CA GLY A 13 -24.62 14.85 -14.86
C GLY A 13 -24.48 15.00 -13.36
N LEU A 14 -23.55 14.24 -12.77
CA LEU A 14 -23.31 14.30 -11.33
C LEU A 14 -21.93 14.87 -11.04
N VAL A 15 -21.47 15.79 -11.89
CA VAL A 15 -20.17 16.42 -11.71
C VAL A 15 -20.24 17.61 -10.76
N PRO A 16 -21.17 18.57 -11.00
CA PRO A 16 -21.31 19.75 -10.14
C PRO A 16 -21.83 19.41 -8.74
N ARG A 17 -23.00 18.78 -8.69
CA ARG A 17 -23.60 18.39 -7.42
C ARG A 17 -23.68 16.87 -7.31
N GLY A 18 -22.52 16.23 -7.13
CA GLY A 18 -22.48 14.79 -7.01
C GLY A 18 -21.52 14.33 -5.94
N SER A 19 -21.16 13.04 -5.99
CA SER A 19 -20.24 12.47 -5.02
C SER A 19 -19.00 11.90 -5.71
N HIS A 20 -17.86 12.55 -5.50
CA HIS A 20 -16.60 12.11 -6.09
C HIS A 20 -16.00 10.95 -5.31
N MET A 21 -15.59 9.91 -6.02
CA MET A 21 -15.00 8.73 -5.40
C MET A 21 -13.67 8.38 -6.05
N LYS A 22 -12.58 8.57 -5.31
CA LYS A 22 -11.24 8.28 -5.81
C LYS A 22 -11.05 6.78 -6.01
N ASN A 23 -9.91 6.42 -6.61
CA ASN A 23 -9.60 5.01 -6.87
C ASN A 23 -8.71 4.44 -5.77
N ILE A 24 -7.98 3.37 -6.10
CA ILE A 24 -7.09 2.73 -5.13
C ILE A 24 -5.75 3.44 -5.06
N VAL A 25 -5.78 4.71 -4.67
CA VAL A 25 -4.56 5.50 -4.55
C VAL A 25 -4.57 6.35 -3.28
N PRO A 26 -3.65 6.08 -2.33
CA PRO A 26 -2.63 5.03 -2.47
C PRO A 26 -3.21 3.63 -2.26
N ASP A 27 -2.48 2.62 -2.73
CA ASP A 27 -2.92 1.23 -2.60
C ASP A 27 -3.03 0.84 -1.13
N TYR A 28 -1.90 0.62 -0.47
CA TYR A 28 -1.91 0.25 0.94
C TYR A 28 -0.89 1.04 1.74
N ARG A 29 -1.08 1.07 3.06
CA ARG A 29 -0.18 1.81 3.93
C ARG A 29 0.19 0.97 5.17
N LEU A 30 1.49 0.75 5.34
CA LEU A 30 1.99 0.01 6.50
C LEU A 30 2.69 0.96 7.47
N ASP A 31 1.91 1.71 8.23
CA ASP A 31 2.44 2.70 9.17
C ASP A 31 2.39 2.19 10.60
N MET A 32 3.14 1.13 10.88
CA MET A 32 3.21 0.56 12.22
C MET A 32 4.65 0.21 12.60
N VAL A 33 4.95 -1.09 12.58
CA VAL A 33 6.29 -1.56 12.91
C VAL A 33 6.76 -2.60 11.90
N GLY A 34 8.03 -2.48 11.49
CA GLY A 34 8.59 -3.41 10.54
C GLY A 34 8.84 -4.78 11.13
N GLU A 35 7.78 -5.56 11.29
CA GLU A 35 7.88 -6.88 11.86
C GLU A 35 8.51 -7.86 10.87
N PRO A 36 9.46 -8.70 11.32
CA PRO A 36 10.14 -9.67 10.46
C PRO A 36 9.18 -10.59 9.74
N CYS A 37 7.93 -10.61 10.19
CA CYS A 37 6.90 -11.46 9.59
C CYS A 37 6.32 -10.82 8.33
N PRO A 38 5.79 -11.63 7.40
CA PRO A 38 5.21 -11.13 6.15
C PRO A 38 4.15 -10.07 6.36
N TYR A 39 3.40 -10.20 7.46
CA TYR A 39 2.33 -9.24 7.76
C TYR A 39 2.88 -8.02 8.51
N PRO A 40 2.18 -6.87 8.45
CA PRO A 40 0.91 -6.73 7.73
C PRO A 40 1.10 -6.48 6.23
N ALA A 41 2.36 -6.56 5.78
CA ALA A 41 2.70 -6.37 4.37
C ALA A 41 2.00 -7.40 3.49
N VAL A 42 1.18 -8.25 4.09
CA VAL A 42 0.44 -9.26 3.34
C VAL A 42 -0.31 -8.60 2.18
N ALA A 43 -0.65 -7.32 2.35
CA ALA A 43 -1.34 -6.57 1.31
C ALA A 43 -0.39 -6.24 0.17
N THR A 44 0.86 -5.95 0.52
CA THR A 44 1.88 -5.62 -0.47
C THR A 44 2.05 -6.75 -1.48
N LEU A 45 2.26 -7.96 -0.99
CA LEU A 45 2.45 -9.12 -1.83
C LEU A 45 1.23 -9.37 -2.72
N GLU A 46 0.09 -9.66 -2.09
CA GLU A 46 -1.15 -9.92 -2.82
C GLU A 46 -1.37 -8.84 -3.88
N ALA A 47 -1.04 -7.59 -3.52
CA ALA A 47 -1.17 -6.49 -4.44
C ALA A 47 -0.66 -6.91 -5.81
N MET A 48 0.61 -7.26 -5.88
CA MET A 48 1.17 -7.81 -7.11
C MET A 48 0.74 -9.27 -7.28
N PRO A 49 0.38 -9.71 -8.50
CA PRO A 49 0.13 -8.84 -9.65
C PRO A 49 -1.28 -8.25 -9.67
N GLN A 50 -2.01 -8.34 -8.56
CA GLN A 50 -3.39 -7.85 -8.52
C GLN A 50 -3.45 -6.32 -8.58
N LEU A 51 -2.31 -5.69 -8.86
CA LEU A 51 -2.24 -4.24 -8.94
C LEU A 51 -2.95 -3.71 -10.18
N LYS A 52 -2.90 -2.40 -10.38
CA LYS A 52 -3.54 -1.77 -11.52
C LYS A 52 -2.53 -1.00 -12.36
N LYS A 53 -3.02 -0.08 -13.18
CA LYS A 53 -2.15 0.73 -14.04
C LYS A 53 -1.65 1.97 -13.29
N GLY A 54 -1.52 1.85 -11.98
CA GLY A 54 -1.07 2.97 -11.17
C GLY A 54 -1.38 2.79 -9.70
N GLU A 55 -0.44 2.21 -8.96
CA GLU A 55 -0.61 1.99 -7.53
C GLU A 55 0.43 2.78 -6.74
N ILE A 56 0.29 2.76 -5.41
CA ILE A 56 1.19 3.49 -4.52
C ILE A 56 1.14 2.90 -3.10
N LEU A 57 2.18 3.12 -2.32
CA LEU A 57 2.22 2.60 -0.95
C LEU A 57 2.91 3.57 -0.03
N GLU A 58 2.67 3.39 1.26
CA GLU A 58 3.34 4.18 2.26
C GLU A 58 3.58 3.35 3.52
N VAL A 59 4.83 3.18 3.88
CA VAL A 59 5.20 2.39 5.04
C VAL A 59 5.89 3.23 6.10
N VAL A 60 5.23 3.42 7.23
CA VAL A 60 5.80 4.17 8.32
C VAL A 60 5.94 3.28 9.55
N SER A 61 7.07 2.61 9.66
CA SER A 61 7.30 1.68 10.75
C SER A 61 8.62 1.95 11.45
N ASP A 62 8.83 1.24 12.56
CA ASP A 62 10.06 1.39 13.33
C ASP A 62 10.83 0.08 13.35
N CYS A 63 12.09 0.13 12.94
CA CYS A 63 12.93 -1.08 12.90
C CYS A 63 14.41 -0.70 12.90
N PRO A 64 15.27 -1.54 13.52
CA PRO A 64 16.71 -1.30 13.58
C PRO A 64 17.39 -1.50 12.22
N GLN A 65 16.75 -2.28 11.35
CA GLN A 65 17.28 -2.56 10.04
C GLN A 65 17.12 -1.36 9.11
N SER A 66 17.49 -1.54 7.85
CA SER A 66 17.38 -0.47 6.85
C SER A 66 16.14 -0.65 6.00
N ILE A 67 15.76 -1.90 5.76
CA ILE A 67 14.58 -2.21 4.96
C ILE A 67 13.55 -2.98 5.78
N ASN A 68 12.28 -2.79 5.46
CA ASN A 68 11.19 -3.47 6.16
C ASN A 68 10.70 -4.68 5.39
N ASN A 69 9.81 -5.44 6.00
CA ASN A 69 9.24 -6.63 5.37
C ASN A 69 8.27 -6.25 4.26
N ILE A 70 7.73 -5.03 4.33
CA ILE A 70 6.78 -4.56 3.33
C ILE A 70 7.46 -4.38 1.97
N PRO A 71 8.56 -3.60 1.90
CA PRO A 71 9.29 -3.39 0.65
C PRO A 71 9.95 -4.68 0.16
N LEU A 72 10.41 -5.49 1.11
CA LEU A 72 11.04 -6.76 0.78
C LEU A 72 10.04 -7.72 0.14
N ASP A 73 8.76 -7.47 0.37
CA ASP A 73 7.70 -8.29 -0.19
C ASP A 73 7.58 -8.07 -1.69
N ALA A 74 7.24 -6.85 -2.09
CA ALA A 74 7.10 -6.52 -3.50
C ALA A 74 8.41 -6.75 -4.25
N ARG A 75 9.52 -6.41 -3.62
CA ARG A 75 10.83 -6.60 -4.22
C ARG A 75 11.03 -8.06 -4.60
N ASN A 76 10.59 -8.96 -3.73
CA ASN A 76 10.72 -10.39 -3.98
C ASN A 76 9.75 -10.86 -5.06
N HIS A 77 8.47 -10.51 -4.89
CA HIS A 77 7.45 -10.90 -5.86
C HIS A 77 7.62 -10.16 -7.18
N GLY A 78 7.16 -8.91 -7.22
CA GLY A 78 7.27 -8.13 -8.44
C GLY A 78 6.58 -6.79 -8.34
N TYR A 79 7.35 -5.75 -8.06
CA TYR A 79 6.81 -4.40 -7.94
C TYR A 79 7.03 -3.60 -9.22
N THR A 80 6.85 -2.29 -9.12
CA THR A 80 7.09 -1.38 -10.22
C THR A 80 8.05 -0.28 -9.79
N VAL A 81 7.85 0.20 -8.56
CA VAL A 81 8.71 1.22 -7.98
C VAL A 81 8.87 0.99 -6.48
N LEU A 82 10.09 0.68 -6.06
CA LEU A 82 10.38 0.41 -4.66
C LEU A 82 11.47 1.33 -4.12
N ASP A 83 11.04 2.42 -3.48
CA ASP A 83 11.98 3.39 -2.91
C ASP A 83 11.71 3.58 -1.42
N ILE A 84 12.68 4.15 -0.71
CA ILE A 84 12.53 4.38 0.73
C ILE A 84 13.15 5.69 1.17
N GLN A 85 13.02 5.97 2.47
CA GLN A 85 13.57 7.19 3.06
C GLN A 85 13.85 6.97 4.54
N GLN A 86 14.20 8.05 5.24
CA GLN A 86 14.49 7.96 6.67
C GLN A 86 14.02 9.22 7.40
N ASP A 87 13.50 9.02 8.61
CA ASP A 87 13.03 10.13 9.43
C ASP A 87 13.84 10.22 10.72
N GLY A 88 13.24 10.78 11.76
CA GLY A 88 13.92 10.89 13.03
C GLY A 88 14.21 9.53 13.65
N PRO A 89 13.37 9.08 14.61
CA PRO A 89 13.55 7.79 15.27
C PRO A 89 12.81 6.67 14.56
N THR A 90 12.41 6.91 13.31
CA THR A 90 11.67 5.91 12.54
C THR A 90 12.18 5.85 11.11
N ILE A 91 11.46 5.12 10.26
CA ILE A 91 11.83 4.98 8.85
C ILE A 91 10.57 4.93 7.98
N ARG A 92 10.69 5.45 6.76
CA ARG A 92 9.55 5.49 5.85
C ARG A 92 9.90 4.79 4.53
N TYR A 93 8.91 4.10 3.97
CA TYR A 93 9.07 3.40 2.70
C TYR A 93 7.90 3.73 1.78
N LEU A 94 8.09 3.62 0.47
CA LEU A 94 7.03 3.92 -0.48
C LEU A 94 7.23 3.18 -1.78
N ILE A 95 6.12 2.76 -2.39
CA ILE A 95 6.16 2.08 -3.68
C ILE A 95 5.08 2.64 -4.60
N GLN A 96 5.26 2.46 -5.90
CA GLN A 96 4.28 2.95 -6.87
C GLN A 96 4.32 2.13 -8.16
N LYS A 97 3.27 2.26 -8.97
CA LYS A 97 3.19 1.54 -10.24
C LYS A 97 2.98 2.53 -11.39
N MET A 1 4.88 -39.52 8.60
CA MET A 1 5.46 -38.47 7.74
C MET A 1 4.50 -37.30 7.56
N GLY A 2 5.00 -36.08 7.72
CA GLY A 2 4.17 -34.90 7.58
C GLY A 2 4.24 -34.32 6.18
N SER A 3 3.65 -35.03 5.22
CA SER A 3 3.65 -34.57 3.83
C SER A 3 2.60 -33.48 3.62
N SER A 4 1.85 -33.17 4.67
CA SER A 4 0.82 -32.14 4.61
C SER A 4 1.42 -30.75 4.69
N HIS A 5 0.62 -29.74 4.35
CA HIS A 5 1.08 -28.36 4.39
C HIS A 5 0.15 -27.51 5.26
N HIS A 6 -1.02 -27.19 4.73
CA HIS A 6 -1.99 -26.38 5.45
C HIS A 6 -3.39 -26.99 5.35
N HIS A 7 -4.31 -26.50 6.18
CA HIS A 7 -5.68 -27.00 6.17
C HIS A 7 -6.61 -26.02 5.46
N HIS A 8 -7.38 -26.54 4.52
CA HIS A 8 -8.33 -25.72 3.77
C HIS A 8 -9.60 -25.48 4.58
N HIS A 9 -9.70 -24.29 5.17
CA HIS A 9 -10.86 -23.94 5.97
C HIS A 9 -11.63 -22.77 5.34
N HIS A 10 -11.64 -22.73 4.01
CA HIS A 10 -12.34 -21.67 3.29
C HIS A 10 -13.59 -22.21 2.63
N SER A 11 -14.73 -22.07 3.30
CA SER A 11 -16.01 -22.53 2.77
C SER A 11 -16.92 -21.36 2.45
N SER A 12 -16.55 -20.18 2.93
CA SER A 12 -17.35 -18.98 2.69
C SER A 12 -17.28 -18.57 1.22
N GLY A 13 -18.39 -18.74 0.52
CA GLY A 13 -18.44 -18.38 -0.89
C GLY A 13 -19.45 -17.29 -1.18
N LEU A 14 -19.37 -16.20 -0.42
CA LEU A 14 -20.29 -15.08 -0.61
C LEU A 14 -19.55 -13.86 -1.15
N VAL A 15 -19.51 -13.73 -2.47
CA VAL A 15 -18.84 -12.60 -3.11
C VAL A 15 -19.42 -11.27 -2.64
N PRO A 16 -18.54 -10.33 -2.25
CA PRO A 16 -18.98 -9.00 -1.78
C PRO A 16 -19.71 -8.22 -2.86
N ARG A 17 -20.83 -7.60 -2.49
CA ARG A 17 -21.62 -6.82 -3.43
C ARG A 17 -21.24 -5.33 -3.35
N GLY A 18 -20.22 -4.95 -4.10
CA GLY A 18 -19.78 -3.57 -4.10
C GLY A 18 -20.65 -2.68 -4.97
N SER A 19 -20.92 -1.47 -4.49
CA SER A 19 -21.74 -0.52 -5.24
C SER A 19 -20.93 0.70 -5.65
N HIS A 20 -19.62 0.61 -5.48
CA HIS A 20 -18.73 1.72 -5.83
C HIS A 20 -17.51 1.22 -6.59
N MET A 21 -16.74 2.15 -7.16
CA MET A 21 -15.55 1.80 -7.92
C MET A 21 -14.40 2.76 -7.59
N LYS A 22 -14.13 2.92 -6.30
CA LYS A 22 -13.05 3.80 -5.85
C LYS A 22 -11.73 3.05 -5.75
N ASN A 23 -11.70 1.84 -6.29
CA ASN A 23 -10.51 1.01 -6.26
C ASN A 23 -9.64 1.24 -7.50
N ILE A 24 -9.25 2.50 -7.71
CA ILE A 24 -8.43 2.86 -8.86
C ILE A 24 -6.94 2.65 -8.56
N VAL A 25 -6.44 3.39 -7.57
CA VAL A 25 -5.04 3.29 -7.19
C VAL A 25 -4.89 2.68 -5.79
N PRO A 26 -4.14 1.56 -5.68
CA PRO A 26 -3.93 0.88 -4.39
C PRO A 26 -3.55 1.84 -3.27
N ASP A 27 -2.26 2.16 -3.16
CA ASP A 27 -1.79 3.04 -2.11
C ASP A 27 -2.15 2.47 -0.76
N TYR A 28 -1.39 1.49 -0.30
CA TYR A 28 -1.68 0.83 0.97
C TYR A 28 -0.73 1.32 2.06
N ARG A 29 -1.27 1.60 3.23
CA ARG A 29 -0.46 2.13 4.32
C ARG A 29 -0.13 1.08 5.37
N LEU A 30 1.13 1.07 5.80
CA LEU A 30 1.60 0.16 6.83
C LEU A 30 2.37 0.96 7.88
N ASP A 31 1.64 1.59 8.80
CA ASP A 31 2.26 2.45 9.81
C ASP A 31 2.34 1.74 11.17
N MET A 32 3.22 0.75 11.26
CA MET A 32 3.42 0.03 12.51
C MET A 32 4.90 -0.19 12.79
N VAL A 33 5.33 -1.45 12.72
CA VAL A 33 6.72 -1.81 12.97
C VAL A 33 7.22 -2.79 11.91
N GLY A 34 8.40 -2.51 11.37
CA GLY A 34 8.97 -3.38 10.35
C GLY A 34 9.14 -4.81 10.83
N GLU A 35 8.24 -5.69 10.38
CA GLU A 35 8.28 -7.09 10.77
C GLU A 35 8.35 -8.00 9.54
N PRO A 36 9.26 -9.00 9.56
CA PRO A 36 9.43 -9.94 8.45
C PRO A 36 8.24 -10.88 8.28
N CYS A 37 7.57 -11.18 9.39
CA CYS A 37 6.43 -12.08 9.37
C CYS A 37 5.37 -11.61 8.37
N PRO A 38 4.68 -12.56 7.69
CA PRO A 38 3.65 -12.23 6.71
C PRO A 38 2.36 -11.73 7.35
N TYR A 39 2.35 -10.45 7.71
CA TYR A 39 1.17 -9.84 8.34
C TYR A 39 0.93 -8.43 7.80
N PRO A 40 1.95 -7.53 7.86
CA PRO A 40 1.80 -6.15 7.39
C PRO A 40 1.80 -6.06 5.85
N ALA A 41 2.95 -6.26 5.24
CA ALA A 41 3.11 -6.20 3.79
C ALA A 41 2.21 -7.18 3.04
N VAL A 42 1.34 -7.89 3.76
CA VAL A 42 0.41 -8.81 3.12
C VAL A 42 -0.36 -8.11 2.01
N ALA A 43 -0.56 -6.80 2.19
CA ALA A 43 -1.25 -6.00 1.19
C ALA A 43 -0.37 -5.79 -0.03
N THR A 44 0.94 -5.68 0.21
CA THR A 44 1.90 -5.47 -0.86
C THR A 44 1.94 -6.67 -1.80
N LEU A 45 2.11 -7.85 -1.23
CA LEU A 45 2.18 -9.09 -2.01
C LEU A 45 0.89 -9.32 -2.78
N GLU A 46 -0.23 -9.39 -2.07
CA GLU A 46 -1.53 -9.61 -2.70
C GLU A 46 -1.73 -8.64 -3.86
N ALA A 47 -1.31 -7.38 -3.64
CA ALA A 47 -1.38 -6.37 -4.67
C ALA A 47 -0.94 -6.99 -5.99
N MET A 48 0.24 -7.59 -5.99
CA MET A 48 0.70 -8.33 -7.15
C MET A 48 0.00 -9.70 -7.22
N PRO A 49 -0.44 -10.15 -8.40
CA PRO A 49 -0.54 -9.33 -9.61
C PRO A 49 -1.82 -8.50 -9.68
N GLN A 50 -2.56 -8.43 -8.57
CA GLN A 50 -3.85 -7.71 -8.57
C GLN A 50 -3.67 -6.19 -8.61
N LEU A 51 -2.55 -5.71 -9.17
CA LEU A 51 -2.30 -4.27 -9.26
C LEU A 51 -3.20 -3.62 -10.30
N LYS A 52 -2.79 -2.44 -10.77
CA LYS A 52 -3.54 -1.71 -11.77
C LYS A 52 -2.60 -1.03 -12.76
N LYS A 53 -3.07 0.04 -13.40
CA LYS A 53 -2.25 0.77 -14.36
C LYS A 53 -1.51 1.92 -13.68
N GLY A 54 -1.18 1.71 -12.40
CA GLY A 54 -0.47 2.73 -11.65
C GLY A 54 -0.72 2.62 -10.16
N GLU A 55 -0.14 1.61 -9.53
CA GLU A 55 -0.31 1.38 -8.10
C GLU A 55 0.55 2.31 -7.27
N ILE A 56 0.32 2.29 -5.98
CA ILE A 56 1.05 3.13 -5.03
C ILE A 56 1.02 2.47 -3.66
N LEU A 57 1.92 2.88 -2.77
CA LEU A 57 1.94 2.32 -1.44
C LEU A 57 2.67 3.23 -0.47
N GLU A 58 2.45 3.01 0.81
CA GLU A 58 3.00 3.86 1.85
C GLU A 58 3.26 3.05 3.12
N VAL A 59 4.44 3.21 3.70
CA VAL A 59 4.80 2.47 4.91
C VAL A 59 5.53 3.35 5.92
N VAL A 60 5.11 3.29 7.17
CA VAL A 60 5.75 4.05 8.25
C VAL A 60 5.92 3.17 9.48
N SER A 61 7.12 2.61 9.63
CA SER A 61 7.39 1.73 10.76
C SER A 61 8.73 2.03 11.39
N ASP A 62 8.99 1.41 12.53
CA ASP A 62 10.25 1.60 13.25
C ASP A 62 11.02 0.29 13.35
N CYS A 63 12.33 0.36 13.14
CA CYS A 63 13.17 -0.83 13.21
C CYS A 63 14.64 -0.45 13.46
N PRO A 64 15.31 -1.13 14.40
CA PRO A 64 16.72 -0.86 14.72
C PRO A 64 17.63 -1.10 13.53
N GLN A 65 17.24 -2.06 12.68
CA GLN A 65 18.04 -2.40 11.51
C GLN A 65 17.77 -1.41 10.37
N SER A 66 18.29 -1.72 9.19
CA SER A 66 18.09 -0.88 8.01
C SER A 66 17.23 -1.57 6.98
N ILE A 67 17.07 -2.88 7.11
CA ILE A 67 16.26 -3.66 6.19
C ILE A 67 14.79 -3.29 6.30
N ASN A 68 14.13 -3.17 5.16
CA ASN A 68 12.71 -2.82 5.12
C ASN A 68 11.86 -4.07 4.90
N ASN A 69 10.88 -4.27 5.79
CA ASN A 69 10.03 -5.46 5.72
C ASN A 69 9.04 -5.42 4.55
N ILE A 70 8.19 -4.38 4.51
CA ILE A 70 7.19 -4.27 3.46
C ILE A 70 7.83 -4.28 2.06
N PRO A 71 8.80 -3.38 1.80
CA PRO A 71 9.47 -3.31 0.49
C PRO A 71 10.13 -4.62 0.09
N LEU A 72 10.62 -5.35 1.08
CA LEU A 72 11.29 -6.63 0.83
C LEU A 72 10.33 -7.63 0.18
N ASP A 73 9.05 -7.50 0.51
CA ASP A 73 8.03 -8.39 -0.03
C ASP A 73 7.81 -8.13 -1.52
N ALA A 74 7.46 -6.89 -1.86
CA ALA A 74 7.23 -6.52 -3.25
C ALA A 74 8.50 -6.66 -4.07
N ARG A 75 9.65 -6.42 -3.43
CA ARG A 75 10.93 -6.53 -4.11
C ARG A 75 11.25 -7.99 -4.43
N ASN A 76 10.76 -8.89 -3.59
CA ASN A 76 10.98 -10.31 -3.79
C ASN A 76 10.40 -10.77 -5.13
N HIS A 77 9.09 -10.61 -5.28
CA HIS A 77 8.41 -10.97 -6.51
C HIS A 77 8.76 -9.99 -7.62
N GLY A 78 9.15 -8.77 -7.21
CA GLY A 78 9.53 -7.76 -8.17
C GLY A 78 8.36 -6.90 -8.63
N TYR A 79 8.27 -5.70 -8.09
CA TYR A 79 7.21 -4.77 -8.46
C TYR A 79 7.74 -3.67 -9.39
N THR A 80 6.96 -2.61 -9.56
CA THR A 80 7.35 -1.51 -10.42
C THR A 80 8.47 -0.69 -9.79
N VAL A 81 8.11 0.23 -8.90
CA VAL A 81 9.08 1.07 -8.23
C VAL A 81 9.08 0.82 -6.71
N LEU A 82 10.26 0.48 -6.18
CA LEU A 82 10.40 0.20 -4.76
C LEU A 82 11.48 1.09 -4.14
N ASP A 83 11.05 2.12 -3.43
CA ASP A 83 11.98 3.06 -2.80
C ASP A 83 11.67 3.24 -1.31
N ILE A 84 12.62 3.81 -0.59
CA ILE A 84 12.45 4.05 0.85
C ILE A 84 12.97 5.42 1.24
N GLN A 85 12.84 5.76 2.52
CA GLN A 85 13.31 7.04 3.05
C GLN A 85 13.63 6.92 4.53
N GLN A 86 14.00 8.05 5.14
CA GLN A 86 14.34 8.07 6.56
C GLN A 86 14.03 9.42 7.18
N ASP A 87 13.48 9.40 8.39
CA ASP A 87 13.15 10.64 9.10
C ASP A 87 13.85 10.68 10.45
N GLY A 88 13.11 10.99 11.51
CA GLY A 88 13.70 11.04 12.83
C GLY A 88 14.04 9.66 13.37
N PRO A 89 13.51 9.28 14.55
CA PRO A 89 13.77 7.97 15.15
C PRO A 89 12.93 6.87 14.51
N THR A 90 12.61 7.02 13.23
CA THR A 90 11.81 6.03 12.51
C THR A 90 12.21 5.97 11.05
N ILE A 91 11.51 5.13 10.29
CA ILE A 91 11.79 4.95 8.86
C ILE A 91 10.51 4.76 8.08
N ARG A 92 10.49 5.21 6.83
CA ARG A 92 9.31 5.10 5.99
C ARG A 92 9.67 4.72 4.56
N TYR A 93 8.93 3.77 3.99
CA TYR A 93 9.15 3.32 2.63
C TYR A 93 7.89 3.47 1.79
N LEU A 94 8.04 3.50 0.47
CA LEU A 94 6.90 3.66 -0.42
C LEU A 94 7.19 3.06 -1.81
N ILE A 95 6.12 2.66 -2.49
CA ILE A 95 6.24 2.09 -3.84
C ILE A 95 5.20 2.71 -4.77
N GLN A 96 5.48 2.70 -6.06
CA GLN A 96 4.57 3.29 -7.05
C GLN A 96 4.75 2.65 -8.42
N LYS A 97 3.71 2.74 -9.24
CA LYS A 97 3.76 2.18 -10.59
C LYS A 97 3.45 3.25 -11.63
N MET A 1 -28.65 -28.08 -17.54
CA MET A 1 -28.95 -29.54 -17.48
C MET A 1 -29.98 -29.84 -16.39
N GLY A 2 -29.71 -29.39 -15.18
CA GLY A 2 -30.63 -29.63 -14.07
C GLY A 2 -31.32 -28.36 -13.62
N SER A 3 -30.78 -27.21 -14.01
CA SER A 3 -31.35 -25.93 -13.64
C SER A 3 -32.60 -25.63 -14.46
N SER A 4 -33.72 -26.19 -14.03
CA SER A 4 -35.00 -25.99 -14.71
C SER A 4 -35.62 -24.66 -14.33
N HIS A 5 -36.90 -24.48 -14.66
CA HIS A 5 -37.61 -23.25 -14.33
C HIS A 5 -38.64 -23.49 -13.23
N HIS A 6 -38.16 -23.61 -12.01
CA HIS A 6 -39.04 -23.85 -10.86
C HIS A 6 -39.47 -22.52 -10.24
N HIS A 7 -40.77 -22.26 -10.27
CA HIS A 7 -41.33 -21.03 -9.71
C HIS A 7 -41.73 -21.22 -8.26
N HIS A 8 -41.16 -22.24 -7.62
CA HIS A 8 -41.46 -22.53 -6.22
C HIS A 8 -40.89 -21.46 -5.31
N HIS A 9 -39.56 -21.34 -5.29
CA HIS A 9 -38.89 -20.34 -4.46
C HIS A 9 -38.74 -19.03 -5.21
N HIS A 10 -37.99 -18.10 -4.62
CA HIS A 10 -37.77 -16.79 -5.23
C HIS A 10 -36.54 -16.81 -6.12
N SER A 11 -36.43 -15.82 -7.00
CA SER A 11 -35.30 -15.71 -7.91
C SER A 11 -34.22 -14.81 -7.34
N SER A 12 -33.02 -14.91 -7.88
CA SER A 12 -31.89 -14.10 -7.44
C SER A 12 -31.53 -13.03 -8.47
N GLY A 13 -32.38 -12.02 -8.58
CA GLY A 13 -32.14 -10.95 -9.55
C GLY A 13 -31.99 -9.60 -8.87
N LEU A 14 -31.60 -9.61 -7.60
CA LEU A 14 -31.41 -8.37 -6.86
C LEU A 14 -30.02 -8.31 -6.23
N VAL A 15 -29.34 -7.18 -6.44
CA VAL A 15 -28.00 -6.99 -5.90
C VAL A 15 -27.87 -5.60 -5.25
N PRO A 16 -27.24 -5.52 -4.06
CA PRO A 16 -27.05 -4.25 -3.36
C PRO A 16 -26.09 -3.32 -4.09
N ARG A 17 -25.01 -3.89 -4.60
CA ARG A 17 -24.00 -3.10 -5.32
C ARG A 17 -23.54 -3.84 -6.57
N GLY A 18 -23.10 -3.08 -7.57
CA GLY A 18 -22.63 -3.67 -8.81
C GLY A 18 -21.35 -4.46 -8.63
N SER A 19 -21.24 -5.58 -9.34
CA SER A 19 -20.06 -6.43 -9.25
C SER A 19 -19.17 -6.26 -10.47
N HIS A 20 -18.91 -5.00 -10.83
CA HIS A 20 -18.07 -4.70 -11.99
C HIS A 20 -16.60 -4.65 -11.59
N MET A 21 -16.22 -3.59 -10.88
CA MET A 21 -14.84 -3.42 -10.43
C MET A 21 -14.70 -3.82 -8.96
N LYS A 22 -13.51 -4.28 -8.59
CA LYS A 22 -13.25 -4.69 -7.22
C LYS A 22 -12.13 -3.85 -6.60
N ASN A 23 -10.89 -4.17 -6.95
CA ASN A 23 -9.73 -3.44 -6.43
C ASN A 23 -8.69 -3.23 -7.51
N ILE A 24 -8.43 -1.97 -7.83
CA ILE A 24 -7.44 -1.62 -8.85
C ILE A 24 -6.19 -1.02 -8.19
N VAL A 25 -6.29 0.23 -7.77
CA VAL A 25 -5.18 0.91 -7.11
C VAL A 25 -5.19 0.60 -5.60
N PRO A 26 -4.02 0.31 -5.03
CA PRO A 26 -3.91 -0.01 -3.61
C PRO A 26 -3.74 1.22 -2.73
N ASP A 27 -2.58 1.88 -2.84
CA ASP A 27 -2.30 3.05 -2.01
C ASP A 27 -2.57 2.70 -0.56
N TYR A 28 -1.79 1.76 -0.03
CA TYR A 28 -2.02 1.28 1.33
C TYR A 28 -0.99 1.84 2.30
N ARG A 29 -1.47 2.25 3.48
CA ARG A 29 -0.60 2.82 4.49
C ARG A 29 -0.32 1.83 5.62
N LEU A 30 0.96 1.70 5.96
CA LEU A 30 1.38 0.81 7.04
C LEU A 30 2.17 1.59 8.08
N ASP A 31 1.46 2.17 9.04
CA ASP A 31 2.09 2.99 10.08
C ASP A 31 2.21 2.23 11.39
N MET A 32 3.01 1.16 11.37
CA MET A 32 3.22 0.36 12.57
C MET A 32 4.70 -0.01 12.73
N VAL A 33 5.00 -1.29 12.53
CA VAL A 33 6.36 -1.79 12.68
C VAL A 33 6.75 -2.69 11.50
N GLY A 34 8.01 -2.60 11.08
CA GLY A 34 8.48 -3.40 9.98
C GLY A 34 8.65 -4.87 10.36
N GLU A 35 7.63 -5.67 10.11
CA GLU A 35 7.67 -7.08 10.42
C GLU A 35 7.46 -7.91 9.15
N PRO A 36 8.13 -9.08 9.04
CA PRO A 36 8.07 -9.97 7.88
C PRO A 36 6.76 -9.87 7.06
N CYS A 37 5.92 -10.90 7.12
CA CYS A 37 4.69 -10.90 6.34
C CYS A 37 3.51 -11.51 7.13
N PRO A 38 3.18 -10.94 8.30
CA PRO A 38 2.06 -11.43 9.11
C PRO A 38 0.74 -10.75 8.75
N TYR A 39 0.74 -9.42 8.74
CA TYR A 39 -0.44 -8.65 8.41
C TYR A 39 -0.11 -7.41 7.56
N PRO A 40 0.88 -6.59 7.98
CA PRO A 40 1.26 -5.36 7.25
C PRO A 40 1.49 -5.60 5.76
N ALA A 41 2.75 -5.82 5.37
CA ALA A 41 3.10 -6.01 3.97
C ALA A 41 2.36 -7.18 3.32
N VAL A 42 1.51 -7.86 4.08
CA VAL A 42 0.74 -8.99 3.55
C VAL A 42 -0.01 -8.57 2.28
N ALA A 43 -0.48 -7.33 2.25
CA ALA A 43 -1.19 -6.81 1.10
C ALA A 43 -0.23 -6.59 -0.07
N THR A 44 0.98 -6.16 0.26
CA THR A 44 2.01 -5.91 -0.75
C THR A 44 2.27 -7.16 -1.59
N LEU A 45 2.33 -8.31 -0.93
CA LEU A 45 2.59 -9.58 -1.60
C LEU A 45 1.43 -9.97 -2.51
N GLU A 46 0.24 -10.06 -1.93
CA GLU A 46 -0.96 -10.42 -2.70
C GLU A 46 -1.25 -9.38 -3.77
N ALA A 47 -0.62 -8.22 -3.64
CA ALA A 47 -0.79 -7.15 -4.61
C ALA A 47 -0.02 -7.46 -5.89
N MET A 48 1.13 -8.12 -5.74
CA MET A 48 1.98 -8.46 -6.87
C MET A 48 1.19 -9.17 -7.97
N PRO A 49 0.37 -10.20 -7.64
CA PRO A 49 -0.45 -10.90 -8.63
C PRO A 49 -1.55 -10.00 -9.18
N GLN A 50 -2.31 -9.39 -8.28
CA GLN A 50 -3.40 -8.50 -8.66
C GLN A 50 -2.87 -7.16 -9.19
N LEU A 51 -1.58 -7.11 -9.51
CA LEU A 51 -0.95 -5.88 -9.99
C LEU A 51 -1.71 -5.29 -11.18
N LYS A 52 -1.46 -4.01 -11.44
CA LYS A 52 -2.11 -3.31 -12.55
C LYS A 52 -1.23 -2.17 -13.03
N LYS A 53 -1.83 -1.24 -13.79
CA LYS A 53 -1.10 -0.09 -14.30
C LYS A 53 -1.39 1.15 -13.47
N GLY A 54 -1.47 0.97 -12.16
CA GLY A 54 -1.75 2.08 -11.27
C GLY A 54 -1.69 1.69 -9.81
N GLU A 55 -0.49 1.36 -9.34
CA GLU A 55 -0.31 0.95 -7.95
C GLU A 55 0.45 2.00 -7.15
N ILE A 56 0.20 2.03 -5.84
CA ILE A 56 0.86 2.97 -4.94
C ILE A 56 0.78 2.43 -3.51
N LEU A 57 1.73 2.79 -2.67
CA LEU A 57 1.69 2.34 -1.30
C LEU A 57 2.56 3.21 -0.41
N GLU A 58 2.04 3.51 0.76
CA GLU A 58 2.73 4.37 1.71
C GLU A 58 3.00 3.60 3.00
N VAL A 59 4.19 3.77 3.57
CA VAL A 59 4.54 3.04 4.78
C VAL A 59 5.32 3.92 5.77
N VAL A 60 5.15 3.60 7.04
CA VAL A 60 5.84 4.29 8.13
C VAL A 60 5.94 3.37 9.34
N SER A 61 7.11 2.75 9.52
CA SER A 61 7.31 1.82 10.62
C SER A 61 8.72 1.92 11.19
N ASP A 62 8.93 1.30 12.34
CA ASP A 62 10.23 1.30 12.99
C ASP A 62 10.73 -0.12 13.18
N CYS A 63 12.01 -0.34 12.91
CA CYS A 63 12.62 -1.65 13.07
C CYS A 63 14.15 -1.54 13.19
N PRO A 64 14.73 -2.13 14.26
CA PRO A 64 16.18 -2.09 14.46
C PRO A 64 16.93 -2.92 13.43
N GLN A 65 16.19 -3.74 12.69
CA GLN A 65 16.77 -4.59 11.66
C GLN A 65 16.89 -3.83 10.34
N SER A 66 16.92 -4.57 9.23
CA SER A 66 17.04 -3.96 7.92
C SER A 66 15.93 -4.43 6.99
N ILE A 67 15.83 -5.75 6.81
CA ILE A 67 14.80 -6.32 5.93
C ILE A 67 13.44 -6.33 6.63
N ASN A 68 12.83 -5.16 6.72
CA ASN A 68 11.53 -5.00 7.35
C ASN A 68 10.65 -4.09 6.51
N ASN A 69 11.16 -3.70 5.35
CA ASN A 69 10.46 -2.80 4.46
C ASN A 69 9.29 -3.48 3.76
N ILE A 70 8.11 -2.86 3.88
CA ILE A 70 6.93 -3.35 3.19
C ILE A 70 7.21 -3.51 1.69
N PRO A 71 7.85 -2.49 1.06
CA PRO A 71 8.20 -2.55 -0.36
C PRO A 71 9.20 -3.67 -0.64
N LEU A 72 9.96 -4.08 0.38
CA LEU A 72 10.92 -5.16 0.21
C LEU A 72 10.18 -6.45 -0.10
N ASP A 73 8.97 -6.57 0.43
CA ASP A 73 8.15 -7.74 0.17
C ASP A 73 7.77 -7.78 -1.30
N ALA A 74 7.35 -6.63 -1.83
CA ALA A 74 6.98 -6.50 -3.23
C ALA A 74 8.21 -6.52 -4.12
N ARG A 75 9.33 -6.04 -3.61
CA ARG A 75 10.59 -6.00 -4.35
C ARG A 75 11.17 -7.39 -4.49
N ASN A 76 11.31 -8.07 -3.36
CA ASN A 76 11.86 -9.43 -3.33
C ASN A 76 11.15 -10.32 -4.34
N HIS A 77 9.81 -10.33 -4.27
CA HIS A 77 9.02 -11.12 -5.21
C HIS A 77 9.05 -10.50 -6.60
N GLY A 78 8.64 -9.24 -6.68
CA GLY A 78 8.65 -8.53 -7.95
C GLY A 78 7.41 -7.67 -8.16
N TYR A 79 7.59 -6.36 -8.07
CA TYR A 79 6.50 -5.41 -8.27
C TYR A 79 6.87 -4.38 -9.34
N THR A 80 6.55 -3.11 -9.07
CA THR A 80 6.85 -2.04 -10.01
C THR A 80 7.95 -1.13 -9.49
N VAL A 81 7.59 -0.24 -8.57
CA VAL A 81 8.56 0.68 -7.99
C VAL A 81 8.64 0.52 -6.47
N LEU A 82 9.84 0.21 -5.98
CA LEU A 82 10.07 0.04 -4.55
C LEU A 82 11.18 0.97 -4.07
N ASP A 83 10.80 2.01 -3.35
CA ASP A 83 11.76 2.98 -2.83
C ASP A 83 11.53 3.23 -1.34
N ILE A 84 12.62 3.32 -0.58
CA ILE A 84 12.54 3.54 0.86
C ILE A 84 13.38 4.74 1.29
N GLN A 85 13.16 5.20 2.52
CA GLN A 85 13.90 6.33 3.07
C GLN A 85 13.94 6.26 4.59
N GLN A 86 15.06 6.66 5.18
CA GLN A 86 15.20 6.64 6.62
C GLN A 86 15.59 8.02 7.15
N ASP A 87 15.22 8.30 8.40
CA ASP A 87 15.52 9.59 9.01
C ASP A 87 16.36 9.40 10.28
N GLY A 88 15.69 9.04 11.37
CA GLY A 88 16.38 8.84 12.62
C GLY A 88 15.94 7.58 13.34
N PRO A 89 15.06 7.70 14.34
CA PRO A 89 14.57 6.55 15.11
C PRO A 89 13.46 5.80 14.38
N THR A 90 13.18 6.20 13.16
CA THR A 90 12.13 5.55 12.36
C THR A 90 12.54 5.43 10.90
N ILE A 91 11.70 4.76 10.12
CA ILE A 91 11.97 4.58 8.69
C ILE A 91 10.67 4.49 7.90
N ARG A 92 10.61 5.20 6.77
CA ARG A 92 9.40 5.22 5.94
C ARG A 92 9.71 4.78 4.53
N TYR A 93 8.90 3.86 4.01
CA TYR A 93 9.06 3.36 2.65
C TYR A 93 7.77 3.54 1.86
N LEU A 94 7.88 3.51 0.53
CA LEU A 94 6.72 3.67 -0.34
C LEU A 94 6.94 3.01 -1.71
N ILE A 95 5.86 2.48 -2.28
CA ILE A 95 5.93 1.86 -3.60
C ILE A 95 4.92 2.52 -4.54
N GLN A 96 5.18 2.45 -5.83
CA GLN A 96 4.29 3.07 -6.81
C GLN A 96 4.39 2.38 -8.17
N LYS A 97 3.76 2.99 -9.17
CA LYS A 97 3.78 2.45 -10.52
C LYS A 97 4.34 3.47 -11.51
#